data_2NXD
# 
_entry.id   2NXD 
# 
_audit_conform.dict_name       mmcif_pdbx.dic 
_audit_conform.dict_version    5.377 
_audit_conform.dict_location   http://mmcif.pdb.org/dictionaries/ascii/mmcif_pdbx.dic 
# 
loop_
_database_2.database_id 
_database_2.database_code 
_database_2.pdbx_database_accession 
_database_2.pdbx_DOI 
PDB   2NXD         pdb_00002nxd 10.2210/pdb2nxd/pdb 
RCSB  RCSB040419   ?            ?                   
WWPDB D_1000040419 ?            ?                   
# 
loop_
_pdbx_database_related.db_name 
_pdbx_database_related.db_id 
_pdbx_database_related.details 
_pdbx_database_related.content_type 
PDB 1KJG 'Structure of D25N protease bound to the RT-RH substrate peptide' unspecified 
PDB 2NXL .                                                                 unspecified 
PDB 2NXM .                                                                 unspecified 
# 
_pdbx_database_status.entry_id                        2NXD 
_pdbx_database_status.status_code                     REL 
_pdbx_database_status.status_code_sf                  ? 
_pdbx_database_status.recvd_initial_deposition_date   2006-11-17 
_pdbx_database_status.deposit_site                    RCSB 
_pdbx_database_status.process_site                    RCSB 
_pdbx_database_status.SG_entry                        N 
_pdbx_database_status.status_code_mr                  ? 
_pdbx_database_status.pdb_format_compatible           Y 
_pdbx_database_status.status_code_cs                  ? 
_pdbx_database_status.methods_development_category    ? 
_pdbx_database_status.status_code_nmr_data            ? 
# 
loop_
_audit_author.name 
_audit_author.pdbx_ordinal 
'Prabu-Jeyabalan, M.' 1 
'Nalivaika, E.'       2 
'Schiffer, C.A.'      3 
# 
_citation.id                        primary 
_citation.title                     
'Computational design and experimental study of tighter binding peptides to an inactivated mutant of HIV-1 protease' 
_citation.journal_abbrev            Proteins 
_citation.journal_volume            70 
_citation.page_first                678 
_citation.page_last                 694 
_citation.year                      2007 
_citation.journal_id_ASTM           PSFGEY 
_citation.country                   US 
_citation.journal_id_ISSN           0887-3585 
_citation.journal_id_CSD            0867 
_citation.book_publisher            ? 
_citation.pdbx_database_id_PubMed   17729291 
_citation.pdbx_database_id_DOI      10.1002/prot.21514 
# 
loop_
_citation_author.citation_id 
_citation_author.name 
_citation_author.ordinal 
_citation_author.identifier_ORCID 
primary 'Altman, M.D.'        1 ? 
primary 'Nalivaika, E.A.'     2 ? 
primary 'Prabu-Jeyabalan, M.' 3 ? 
primary 'Schiffer, C.A.'      4 ? 
primary 'Tidor, B.'           5 ? 
# 
_cell.entry_id           2NXD 
_cell.length_a           51.171 
_cell.length_b           57.692 
_cell.length_c           61.482 
_cell.angle_alpha        90.00 
_cell.angle_beta         90.00 
_cell.angle_gamma        90.00 
_cell.Z_PDB              8 
_cell.pdbx_unique_axis   ? 
_cell.length_a_esd       ? 
_cell.length_b_esd       ? 
_cell.length_c_esd       ? 
_cell.angle_alpha_esd    ? 
_cell.angle_beta_esd     ? 
_cell.angle_gamma_esd    ? 
# 
_symmetry.entry_id                         2NXD 
_symmetry.space_group_name_H-M             'P 21 21 21' 
_symmetry.pdbx_full_space_group_name_H-M   ? 
_symmetry.Int_Tables_number                19 
_symmetry.cell_setting                     ? 
_symmetry.space_group_name_Hall            ? 
# 
loop_
_entity.id 
_entity.type 
_entity.src_method 
_entity.pdbx_description 
_entity.formula_weight 
_entity.pdbx_number_of_molecules 
_entity.pdbx_ec 
_entity.pdbx_mutation 
_entity.pdbx_fragment 
_entity.details 
1 polymer man 'PROTEASE RETROPEPSIN'                             10814.805 2  3.4.23.16 'Q7K, D25N, L63P'  ?                      
? 
2 polymer syn 'Analogue of RT-RH pol protease substrate peptide' 1041.113  1  ?         "EP3D/TP2I//VP2'L" 'decapeptide fragment' 
? 
3 water   nat water                                              18.015    74 ?         ?                  ?                      
? 
# 
_entity_name_com.entity_id   1 
_entity_name_com.name        'HIV-1 PROTEASE' 
# 
_entity_name_sys.entity_id   1 
_entity_name_sys.name        E.C.3.4.23.16 
# 
loop_
_entity_poly.entity_id 
_entity_poly.type 
_entity_poly.nstd_linkage 
_entity_poly.nstd_monomer 
_entity_poly.pdbx_seq_one_letter_code 
_entity_poly.pdbx_seq_one_letter_code_can 
_entity_poly.pdbx_strand_id 
_entity_poly.pdbx_target_identifier 
1 'polypeptide(L)' no no 
;PQITLWKRPLVTIRIGGQLKEALLNTGADDTVLEEMNLPGKWKPKMIGGIGGFIKVRQYDQIPIEICGHKAIGTVLVGPT
PVNIIGRNLLTQIGCTLNF
;
;PQITLWKRPLVTIRIGGQLKEALLNTGADDTVLEEMNLPGKWKPKMIGGIGGFIKVRQYDQIPIEICGHKAIGTVLVGPT
PVNIIGRNLLTQIGCTLNF
;
A,B ? 
2 'polypeptide(L)' no no GADIFYLDGA                                                                                             
GADIFYLDGA                                                                                             P   ? 
# 
loop_
_entity_poly_seq.entity_id 
_entity_poly_seq.num 
_entity_poly_seq.mon_id 
_entity_poly_seq.hetero 
1 1  PRO n 
1 2  GLN n 
1 3  ILE n 
1 4  THR n 
1 5  LEU n 
1 6  TRP n 
1 7  LYS n 
1 8  ARG n 
1 9  PRO n 
1 10 LEU n 
1 11 VAL n 
1 12 THR n 
1 13 ILE n 
1 14 ARG n 
1 15 ILE n 
1 16 GLY n 
1 17 GLY n 
1 18 GLN n 
1 19 LEU n 
1 20 LYS n 
1 21 GLU n 
1 22 ALA n 
1 23 LEU n 
1 24 LEU n 
1 25 ASN n 
1 26 THR n 
1 27 GLY n 
1 28 ALA n 
1 29 ASP n 
1 30 ASP n 
1 31 THR n 
1 32 VAL n 
1 33 LEU n 
1 34 GLU n 
1 35 GLU n 
1 36 MET n 
1 37 ASN n 
1 38 LEU n 
1 39 PRO n 
1 40 GLY n 
1 41 LYS n 
1 42 TRP n 
1 43 LYS n 
1 44 PRO n 
1 45 LYS n 
1 46 MET n 
1 47 ILE n 
1 48 GLY n 
1 49 GLY n 
1 50 ILE n 
1 51 GLY n 
1 52 GLY n 
1 53 PHE n 
1 54 ILE n 
1 55 LYS n 
1 56 VAL n 
1 57 ARG n 
1 58 GLN n 
1 59 TYR n 
1 60 ASP n 
1 61 GLN n 
1 62 ILE n 
1 63 PRO n 
1 64 ILE n 
1 65 GLU n 
1 66 ILE n 
1 67 CYS n 
1 68 GLY n 
1 69 HIS n 
1 70 LYS n 
1 71 ALA n 
1 72 ILE n 
1 73 GLY n 
1 74 THR n 
1 75 VAL n 
1 76 LEU n 
1 77 VAL n 
1 78 GLY n 
1 79 PRO n 
1 80 THR n 
1 81 PRO n 
1 82 VAL n 
1 83 ASN n 
1 84 ILE n 
1 85 ILE n 
1 86 GLY n 
1 87 ARG n 
1 88 ASN n 
1 89 LEU n 
1 90 LEU n 
1 91 THR n 
1 92 GLN n 
1 93 ILE n 
1 94 GLY n 
1 95 CYS n 
1 96 THR n 
1 97 LEU n 
1 98 ASN n 
1 99 PHE n 
2 1  GLY n 
2 2  ALA n 
2 3  ASP n 
2 4  ILE n 
2 5  PHE n 
2 6  TYR n 
2 7  LEU n 
2 8  ASP n 
2 9  GLY n 
2 10 ALA n 
# 
_entity_src_gen.entity_id                          1 
_entity_src_gen.pdbx_src_id                        1 
_entity_src_gen.pdbx_alt_source_flag               sample 
_entity_src_gen.pdbx_seq_type                      ? 
_entity_src_gen.pdbx_beg_seq_num                   ? 
_entity_src_gen.pdbx_end_seq_num                   ? 
_entity_src_gen.gene_src_common_name               ? 
_entity_src_gen.gene_src_genus                     Lentivirus 
_entity_src_gen.pdbx_gene_src_gene                 pol 
_entity_src_gen.gene_src_species                   'Human immunodeficiency virus 1' 
_entity_src_gen.gene_src_strain                    SF2 
_entity_src_gen.gene_src_tissue                    ? 
_entity_src_gen.gene_src_tissue_fraction           ? 
_entity_src_gen.gene_src_details                   ? 
_entity_src_gen.pdbx_gene_src_fragment             ? 
_entity_src_gen.pdbx_gene_src_scientific_name      'HIV-1 M:B_ARV2/SF2' 
_entity_src_gen.pdbx_gene_src_ncbi_taxonomy_id     11685 
_entity_src_gen.pdbx_gene_src_variant              ? 
_entity_src_gen.pdbx_gene_src_cell_line            ? 
_entity_src_gen.pdbx_gene_src_atcc                 ? 
_entity_src_gen.pdbx_gene_src_organ                ? 
_entity_src_gen.pdbx_gene_src_organelle            ? 
_entity_src_gen.pdbx_gene_src_cell                 ? 
_entity_src_gen.pdbx_gene_src_cellular_location    ? 
_entity_src_gen.host_org_common_name               ? 
_entity_src_gen.pdbx_host_org_scientific_name      'Escherichia coli' 
_entity_src_gen.pdbx_host_org_ncbi_taxonomy_id     562 
_entity_src_gen.host_org_genus                     Escherichia 
_entity_src_gen.pdbx_host_org_gene                 ? 
_entity_src_gen.pdbx_host_org_organ                ? 
_entity_src_gen.host_org_species                   ? 
_entity_src_gen.pdbx_host_org_tissue               ? 
_entity_src_gen.pdbx_host_org_tissue_fraction      ? 
_entity_src_gen.pdbx_host_org_strain               Tap106 
_entity_src_gen.pdbx_host_org_variant              ? 
_entity_src_gen.pdbx_host_org_cell_line            ? 
_entity_src_gen.pdbx_host_org_atcc                 ? 
_entity_src_gen.pdbx_host_org_culture_collection   ? 
_entity_src_gen.pdbx_host_org_cell                 ? 
_entity_src_gen.pdbx_host_org_organelle            ? 
_entity_src_gen.pdbx_host_org_cellular_location    ? 
_entity_src_gen.pdbx_host_org_vector_type          ? 
_entity_src_gen.pdbx_host_org_vector               plasmid 
_entity_src_gen.host_org_details                   ? 
_entity_src_gen.expression_system_id               ? 
_entity_src_gen.plasmid_name                       pXC35 
_entity_src_gen.plasmid_details                    ? 
_entity_src_gen.pdbx_description                   ? 
# 
_pdbx_entity_src_syn.entity_id              2 
_pdbx_entity_src_syn.pdbx_src_id            1 
_pdbx_entity_src_syn.pdbx_alt_source_flag   sample 
_pdbx_entity_src_syn.pdbx_beg_seq_num       ? 
_pdbx_entity_src_syn.pdbx_end_seq_num       ? 
_pdbx_entity_src_syn.organism_scientific    ? 
_pdbx_entity_src_syn.organism_common_name   ? 
_pdbx_entity_src_syn.ncbi_taxonomy_id       ? 
_pdbx_entity_src_syn.details                'This sequence was custom-designed and then purchased commercially' 
# 
loop_
_struct_ref.id 
_struct_ref.entity_id 
_struct_ref.db_name 
_struct_ref.db_code 
_struct_ref.pdbx_db_accession 
_struct_ref.pdbx_align_begin 
_struct_ref.pdbx_seq_one_letter_code 
_struct_ref.pdbx_db_isoform 
1 1 UNP O38732_9HIV1 O38732 1 
;PQITLWQRPLVTIRIGGQLKEALLDTGADDTVLEEMNLPGKWKPKMIGGIGGFIKVRQYDQIPIEICGHKAIGTVLVGPT
PVNIIGRNLLTQIGCTLNF
;
? 
2 2 PDB 2NXD         2NXD   ? ? ? 
# 
loop_
_struct_ref_seq.align_id 
_struct_ref_seq.ref_id 
_struct_ref_seq.pdbx_PDB_id_code 
_struct_ref_seq.pdbx_strand_id 
_struct_ref_seq.seq_align_beg 
_struct_ref_seq.pdbx_seq_align_beg_ins_code 
_struct_ref_seq.seq_align_end 
_struct_ref_seq.pdbx_seq_align_end_ins_code 
_struct_ref_seq.pdbx_db_accession 
_struct_ref_seq.db_align_beg 
_struct_ref_seq.pdbx_db_align_beg_ins_code 
_struct_ref_seq.db_align_end 
_struct_ref_seq.pdbx_db_align_end_ins_code 
_struct_ref_seq.pdbx_auth_seq_align_beg 
_struct_ref_seq.pdbx_auth_seq_align_end 
1 1 2NXD A 1 ? 99 ? O38732 1 ? 99 ? 1 99 
2 1 2NXD B 1 ? 99 ? O38732 1 ? 99 ? 1 99 
3 2 2NXD P 1 ? 10 ? 2NXD   1 ? 10 ? 1 10 
# 
loop_
_struct_ref_seq_dif.align_id 
_struct_ref_seq_dif.pdbx_pdb_id_code 
_struct_ref_seq_dif.mon_id 
_struct_ref_seq_dif.pdbx_pdb_strand_id 
_struct_ref_seq_dif.seq_num 
_struct_ref_seq_dif.pdbx_pdb_ins_code 
_struct_ref_seq_dif.pdbx_seq_db_name 
_struct_ref_seq_dif.pdbx_seq_db_accession_code 
_struct_ref_seq_dif.db_mon_id 
_struct_ref_seq_dif.pdbx_seq_db_seq_num 
_struct_ref_seq_dif.details 
_struct_ref_seq_dif.pdbx_auth_seq_num 
_struct_ref_seq_dif.pdbx_ordinal 
1 2NXD LYS A 7  ? UNP O38732 GLN 7  'engineered mutation' 7  1 
1 2NXD ASN A 25 ? UNP O38732 ASP 25 'engineered mutation' 25 2 
2 2NXD LYS B 7  ? UNP O38732 GLN 7  'engineered mutation' 7  3 
2 2NXD ASN B 25 ? UNP O38732 ASP 25 'engineered mutation' 25 4 
# 
loop_
_chem_comp.id 
_chem_comp.type 
_chem_comp.mon_nstd_flag 
_chem_comp.name 
_chem_comp.pdbx_synonyms 
_chem_comp.formula 
_chem_comp.formula_weight 
ALA 'L-peptide linking' y ALANINE         ? 'C3 H7 N O2'     89.093  
ARG 'L-peptide linking' y ARGININE        ? 'C6 H15 N4 O2 1' 175.209 
ASN 'L-peptide linking' y ASPARAGINE      ? 'C4 H8 N2 O3'    132.118 
ASP 'L-peptide linking' y 'ASPARTIC ACID' ? 'C4 H7 N O4'     133.103 
CYS 'L-peptide linking' y CYSTEINE        ? 'C3 H7 N O2 S'   121.158 
GLN 'L-peptide linking' y GLUTAMINE       ? 'C5 H10 N2 O3'   146.144 
GLU 'L-peptide linking' y 'GLUTAMIC ACID' ? 'C5 H9 N O4'     147.129 
GLY 'peptide linking'   y GLYCINE         ? 'C2 H5 N O2'     75.067  
HIS 'L-peptide linking' y HISTIDINE       ? 'C6 H10 N3 O2 1' 156.162 
HOH non-polymer         . WATER           ? 'H2 O'           18.015  
ILE 'L-peptide linking' y ISOLEUCINE      ? 'C6 H13 N O2'    131.173 
LEU 'L-peptide linking' y LEUCINE         ? 'C6 H13 N O2'    131.173 
LYS 'L-peptide linking' y LYSINE          ? 'C6 H15 N2 O2 1' 147.195 
MET 'L-peptide linking' y METHIONINE      ? 'C5 H11 N O2 S'  149.211 
PHE 'L-peptide linking' y PHENYLALANINE   ? 'C9 H11 N O2'    165.189 
PRO 'L-peptide linking' y PROLINE         ? 'C5 H9 N O2'     115.130 
THR 'L-peptide linking' y THREONINE       ? 'C4 H9 N O3'     119.119 
TRP 'L-peptide linking' y TRYPTOPHAN      ? 'C11 H12 N2 O2'  204.225 
TYR 'L-peptide linking' y TYROSINE        ? 'C9 H11 N O3'    181.189 
VAL 'L-peptide linking' y VALINE          ? 'C5 H11 N O2'    117.146 
# 
_exptl.entry_id          2NXD 
_exptl.method            'X-RAY DIFFRACTION' 
_exptl.crystals_number   1 
# 
_exptl_crystal.id                    1 
_exptl_crystal.density_meas          ? 
_exptl_crystal.density_Matthews      2.00 
_exptl_crystal.density_percent_sol   38.51 
_exptl_crystal.description           ? 
_exptl_crystal.F_000                 ? 
_exptl_crystal.preparation           ? 
# 
_exptl_crystal_grow.crystal_id      1 
_exptl_crystal_grow.method          'VAPOR DIFFUSION, HANGING DROP' 
_exptl_crystal_grow.temp            298 
_exptl_crystal_grow.pH              6.2 
_exptl_crystal_grow.pdbx_details    
'126 mM sodium phosphate pH 6.2; 63mM sodium citrate; 25-35%Ammonium sulfate, VAPOR DIFFUSION, HANGING DROP, temperature 298K' 
_exptl_crystal_grow.temp_details    ? 
_exptl_crystal_grow.pdbx_pH_range   . 
# 
_diffrn.id                     1 
_diffrn.ambient_temp           200 
_diffrn.ambient_temp_details   ? 
_diffrn.crystal_id             1 
# 
_diffrn_detector.diffrn_id              1 
_diffrn_detector.detector               'IMAGE PLATE' 
_diffrn_detector.type                   'RIGAKU RAXIS IV' 
_diffrn_detector.pdbx_collection_date   2005-03-29 
_diffrn_detector.details                'Yale Mirrors' 
# 
_diffrn_radiation.diffrn_id                        1 
_diffrn_radiation.wavelength_id                    1 
_diffrn_radiation.pdbx_monochromatic_or_laue_m_l   M 
_diffrn_radiation.monochromator                    ? 
_diffrn_radiation.pdbx_diffrn_protocol             'SINGLE WAVELENGTH' 
_diffrn_radiation.pdbx_scattering_type             x-ray 
# 
_diffrn_radiation_wavelength.id           1 
_diffrn_radiation_wavelength.wavelength   1.5418 
_diffrn_radiation_wavelength.wt           1.0 
# 
_diffrn_source.diffrn_id                   1 
_diffrn_source.source                      'ROTATING ANODE' 
_diffrn_source.type                        RIGAKU 
_diffrn_source.pdbx_synchrotron_site       ? 
_diffrn_source.pdbx_synchrotron_beamline   ? 
_diffrn_source.pdbx_wavelength             ? 
_diffrn_source.pdbx_wavelength_list        1.5418 
# 
_reflns.entry_id                     2NXD 
_reflns.observed_criterion_sigma_F   0 
_reflns.observed_criterion_sigma_I   0 
_reflns.d_resolution_high            2.0 
_reflns.d_resolution_low             42.07 
_reflns.number_all                   11909 
_reflns.number_obs                   11909 
_reflns.percent_possible_obs         92.7 
_reflns.pdbx_Rmerge_I_obs            0.034 
_reflns.pdbx_Rsym_value              0.034 
_reflns.pdbx_netI_over_sigmaI        21.2 
_reflns.B_iso_Wilson_estimate        ? 
_reflns.pdbx_redundancy              5 
_reflns.R_free_details               ? 
_reflns.limit_h_max                  ? 
_reflns.limit_h_min                  ? 
_reflns.limit_k_max                  ? 
_reflns.limit_k_min                  ? 
_reflns.limit_l_max                  ? 
_reflns.limit_l_min                  ? 
_reflns.observed_criterion_F_max     ? 
_reflns.observed_criterion_F_min     ? 
_reflns.pdbx_chi_squared             ? 
_reflns.pdbx_scaling_rejects         ? 
_reflns.pdbx_diffrn_id               1 
_reflns.pdbx_ordinal                 1 
# 
_refine.entry_id                                 2NXD 
_refine.ls_number_reflns_obs                     11295 
_refine.ls_number_reflns_all                     11295 
_refine.pdbx_ls_sigma_I                          ? 
_refine.pdbx_ls_sigma_F                          0 
_refine.pdbx_data_cutoff_high_absF               ? 
_refine.pdbx_data_cutoff_low_absF                ? 
_refine.pdbx_data_cutoff_high_rms_absF           ? 
_refine.ls_d_res_low                             42.07 
_refine.ls_d_res_high                            2.00 
_refine.ls_percent_reflns_obs                    92.82 
_refine.ls_R_factor_obs                          0.1979 
_refine.ls_R_factor_all                          0.1979 
_refine.ls_R_factor_R_work                       0.19505 
_refine.ls_R_factor_R_free                       0.25737 
_refine.ls_R_factor_R_free_error                 ? 
_refine.ls_R_factor_R_free_error_details         ? 
_refine.ls_percent_reflns_R_free                 4.9 
_refine.ls_number_reflns_R_free                  586 
_refine.ls_number_parameters                     ? 
_refine.ls_number_restraints                     ? 
_refine.occupancy_min                            ? 
_refine.occupancy_max                            ? 
_refine.correlation_coeff_Fo_to_Fc               0.956 
_refine.correlation_coeff_Fo_to_Fc_free          0.914 
_refine.B_iso_mean                               46.962 
_refine.aniso_B[1][1]                            -0.82 
_refine.aniso_B[2][2]                            -0.80 
_refine.aniso_B[3][3]                            1.62 
_refine.aniso_B[1][2]                            0.00 
_refine.aniso_B[1][3]                            0.00 
_refine.aniso_B[2][3]                            0.00 
_refine.solvent_model_details                    'BABINET MODEL WITH MASK' 
_refine.solvent_model_param_ksol                 ? 
_refine.solvent_model_param_bsol                 ? 
_refine.pdbx_solvent_vdw_probe_radii             1.20 
_refine.pdbx_solvent_ion_probe_radii             0.80 
_refine.pdbx_solvent_shrinkage_radii             0.80 
_refine.pdbx_ls_cross_valid_method               THROUGHOUT 
_refine.details                                  'HYDROGENS HAVE BEEN ADDED IN THE RIDING POSITIONS' 
_refine.pdbx_starting_model                      '1T3R - Crystal structure of HIV-1 protease complexed with the inhibitor TMC114' 
_refine.pdbx_method_to_determine_struct          'MOLECULAR REPLACEMENT' 
_refine.pdbx_isotropic_thermal_model             ? 
_refine.pdbx_stereochemistry_target_values       'MAXIMUM LIKELIHOOD' 
_refine.pdbx_stereochem_target_val_spec_case     ? 
_refine.pdbx_R_Free_selection_details            RANDOM 
_refine.pdbx_overall_ESU_R                       0.235 
_refine.pdbx_overall_ESU_R_Free                  0.203 
_refine.overall_SU_ML                            0.142 
_refine.overall_SU_B                             9.509 
_refine.ls_redundancy_reflns_obs                 ? 
_refine.B_iso_min                                ? 
_refine.B_iso_max                                ? 
_refine.overall_SU_R_Cruickshank_DPI             ? 
_refine.overall_SU_R_free                        ? 
_refine.ls_wR_factor_R_free                      ? 
_refine.ls_wR_factor_R_work                      ? 
_refine.overall_FOM_free_R_set                   ? 
_refine.overall_FOM_work_R_set                   ? 
_refine.pdbx_refine_id                           'X-RAY DIFFRACTION' 
_refine.pdbx_diffrn_id                           1 
_refine.pdbx_TLS_residual_ADP_flag               ? 
_refine.pdbx_overall_phase_error                 ? 
_refine.pdbx_overall_SU_R_free_Cruickshank_DPI   ? 
_refine.pdbx_overall_SU_R_Blow_DPI               ? 
_refine.pdbx_overall_SU_R_free_Blow_DPI          ? 
# 
_refine_hist.pdbx_refine_id                   'X-RAY DIFFRACTION' 
_refine_hist.cycle_id                         LAST 
_refine_hist.pdbx_number_atoms_protein        1540 
_refine_hist.pdbx_number_atoms_nucleic_acid   0 
_refine_hist.pdbx_number_atoms_ligand         0 
_refine_hist.number_atoms_solvent             74 
_refine_hist.number_atoms_total               1614 
_refine_hist.d_res_high                       2.00 
_refine_hist.d_res_low                        42.07 
# 
loop_
_refine_ls_restr.type 
_refine_ls_restr.dev_ideal 
_refine_ls_restr.dev_ideal_target 
_refine_ls_restr.weight 
_refine_ls_restr.number 
_refine_ls_restr.pdbx_refine_id 
_refine_ls_restr.pdbx_restraint_function 
r_bond_refined_d             0.007  0.022  ? 1570 'X-RAY DIFFRACTION' ? 
r_bond_other_d               0.004  0.020  ? 1541 'X-RAY DIFFRACTION' ? 
r_angle_refined_deg          1.218  1.980  ? 2144 'X-RAY DIFFRACTION' ? 
r_angle_other_deg            0.678  3.000  ? 3566 'X-RAY DIFFRACTION' ? 
r_dihedral_angle_1_deg       7.125  5.000  ? 209  'X-RAY DIFFRACTION' ? 
r_dihedral_angle_2_deg       38.513 24.706 ? 51   'X-RAY DIFFRACTION' ? 
r_dihedral_angle_3_deg       14.756 15.000 ? 250  'X-RAY DIFFRACTION' ? 
r_dihedral_angle_4_deg       16.620 15.000 ? 7    'X-RAY DIFFRACTION' ? 
r_chiral_restr               0.072  0.200  ? 259  'X-RAY DIFFRACTION' ? 
r_gen_planes_refined         0.005  0.020  ? 1746 'X-RAY DIFFRACTION' ? 
r_gen_planes_other           0.001  0.020  ? 281  'X-RAY DIFFRACTION' ? 
r_nbd_refined                0.188  0.200  ? 245  'X-RAY DIFFRACTION' ? 
r_nbd_other                  0.190  0.200  ? 1499 'X-RAY DIFFRACTION' ? 
r_nbtor_refined              0.171  0.200  ? 736  'X-RAY DIFFRACTION' ? 
r_nbtor_other                0.081  0.200  ? 1025 'X-RAY DIFFRACTION' ? 
r_xyhbond_nbd_refined        0.167  0.200  ? 70   'X-RAY DIFFRACTION' ? 
r_xyhbond_nbd_other          ?      ?      ? ?    'X-RAY DIFFRACTION' ? 
r_metal_ion_refined          ?      ?      ? ?    'X-RAY DIFFRACTION' ? 
r_metal_ion_other            ?      ?      ? ?    'X-RAY DIFFRACTION' ? 
r_symmetry_vdw_refined       0.150  0.200  ? 8    'X-RAY DIFFRACTION' ? 
r_symmetry_vdw_other         0.198  0.200  ? 43   'X-RAY DIFFRACTION' ? 
r_symmetry_hbond_refined     0.144  0.200  ? 7    'X-RAY DIFFRACTION' ? 
r_symmetry_hbond_other       ?      ?      ? ?    'X-RAY DIFFRACTION' ? 
r_symmetry_metal_ion_refined ?      ?      ? ?    'X-RAY DIFFRACTION' ? 
r_symmetry_metal_ion_other   ?      ?      ? ?    'X-RAY DIFFRACTION' ? 
r_mcbond_it                  0.786  1.500  ? 1331 'X-RAY DIFFRACTION' ? 
r_mcbond_other               0.163  1.500  ? 441  'X-RAY DIFFRACTION' ? 
r_mcangle_it                 0.986  2.000  ? 1665 'X-RAY DIFFRACTION' ? 
r_scbond_it                  1.514  3.000  ? 604  'X-RAY DIFFRACTION' ? 
r_scangle_it                 2.177  4.500  ? 479  'X-RAY DIFFRACTION' ? 
r_rigid_bond_restr           ?      ?      ? ?    'X-RAY DIFFRACTION' ? 
r_sphericity_free            ?      ?      ? ?    'X-RAY DIFFRACTION' ? 
r_sphericity_bonded          ?      ?      ? ?    'X-RAY DIFFRACTION' ? 
# 
_refine_ls_shell.pdbx_total_number_of_bins_used   20 
_refine_ls_shell.d_res_high                       2.000 
_refine_ls_shell.d_res_low                        2.052 
_refine_ls_shell.number_reflns_R_work             885 
_refine_ls_shell.R_factor_R_work                  0.218 
_refine_ls_shell.percent_reflns_obs               99.15 
_refine_ls_shell.R_factor_R_free                  0.271 
_refine_ls_shell.R_factor_R_free_error            ? 
_refine_ls_shell.percent_reflns_R_free            ? 
_refine_ls_shell.number_reflns_R_free             45 
_refine_ls_shell.number_reflns_all                ? 
_refine_ls_shell.R_factor_all                     ? 
_refine_ls_shell.number_reflns_obs                ? 
_refine_ls_shell.redundancy_reflns_obs            ? 
_refine_ls_shell.pdbx_refine_id                   'X-RAY DIFFRACTION' 
# 
_struct.entry_id                  2NXD 
_struct.title                     
'Structure of HIV-1 protease D25N complexed with rt-rh analogue peptide GLY-ALA-ASP-ILE-PHE*TYR-LEU-ASP-GLY-ALA' 
_struct.pdbx_model_details        ? 
_struct.pdbx_CASP_flag            N 
_struct.pdbx_model_type_details   ? 
# 
_struct_keywords.entry_id        2NXD 
_struct_keywords.pdbx_keywords   'HYDROLASE/HYDROLASE SUBSTRATE' 
_struct_keywords.text            
'peptide design; molecular dynamics; hiv protease; substrate recognition; calorimetry, HYDROLASE-HYDROLASE SUBSTRATE COMPLEX' 
# 
loop_
_struct_asym.id 
_struct_asym.pdbx_blank_PDB_chainid_flag 
_struct_asym.pdbx_modified 
_struct_asym.entity_id 
_struct_asym.details 
A N N 1 ? 
B N N 1 ? 
C N N 2 ? 
D N N 3 ? 
E N N 3 ? 
F N N 3 ? 
# 
loop_
_struct_conf.conf_type_id 
_struct_conf.id 
_struct_conf.pdbx_PDB_helix_id 
_struct_conf.beg_label_comp_id 
_struct_conf.beg_label_asym_id 
_struct_conf.beg_label_seq_id 
_struct_conf.pdbx_beg_PDB_ins_code 
_struct_conf.end_label_comp_id 
_struct_conf.end_label_asym_id 
_struct_conf.end_label_seq_id 
_struct_conf.pdbx_end_PDB_ins_code 
_struct_conf.beg_auth_comp_id 
_struct_conf.beg_auth_asym_id 
_struct_conf.beg_auth_seq_id 
_struct_conf.end_auth_comp_id 
_struct_conf.end_auth_asym_id 
_struct_conf.end_auth_seq_id 
_struct_conf.pdbx_PDB_helix_class 
_struct_conf.details 
_struct_conf.pdbx_PDB_helix_length 
HELX_P HELX_P1 1 GLY A 86 ? THR A 91 ? GLY A 86 THR A 91 1 ? 6 
HELX_P HELX_P2 2 GLY B 86 ? ILE B 93 ? GLY B 86 ILE B 93 1 ? 8 
# 
_struct_conf_type.id          HELX_P 
_struct_conf_type.criteria    ? 
_struct_conf_type.reference   ? 
# 
loop_
_struct_sheet.id 
_struct_sheet.type 
_struct_sheet.number_strands 
_struct_sheet.details 
A ? 4 ? 
B ? 8 ? 
C ? 8 ? 
# 
loop_
_struct_sheet_order.sheet_id 
_struct_sheet_order.range_id_1 
_struct_sheet_order.range_id_2 
_struct_sheet_order.offset 
_struct_sheet_order.sense 
A 1 2 ? anti-parallel 
A 2 3 ? anti-parallel 
A 3 4 ? anti-parallel 
B 1 2 ? anti-parallel 
B 2 3 ? anti-parallel 
B 3 4 ? parallel      
B 4 5 ? anti-parallel 
B 5 6 ? parallel      
B 6 7 ? anti-parallel 
B 7 8 ? anti-parallel 
C 1 2 ? anti-parallel 
C 2 3 ? anti-parallel 
C 3 4 ? parallel      
C 4 5 ? anti-parallel 
C 5 6 ? parallel      
C 6 7 ? anti-parallel 
C 7 8 ? anti-parallel 
# 
loop_
_struct_sheet_range.sheet_id 
_struct_sheet_range.id 
_struct_sheet_range.beg_label_comp_id 
_struct_sheet_range.beg_label_asym_id 
_struct_sheet_range.beg_label_seq_id 
_struct_sheet_range.pdbx_beg_PDB_ins_code 
_struct_sheet_range.end_label_comp_id 
_struct_sheet_range.end_label_asym_id 
_struct_sheet_range.end_label_seq_id 
_struct_sheet_range.pdbx_end_PDB_ins_code 
_struct_sheet_range.beg_auth_comp_id 
_struct_sheet_range.beg_auth_asym_id 
_struct_sheet_range.beg_auth_seq_id 
_struct_sheet_range.end_auth_comp_id 
_struct_sheet_range.end_auth_asym_id 
_struct_sheet_range.end_auth_seq_id 
A 1 GLN A 2  ? ILE A 3  ? GLN A 2  ILE A 3  
A 2 THR B 96 ? ASN B 98 ? THR B 96 ASN B 98 
A 3 THR A 96 ? ASN A 98 ? THR A 96 ASN A 98 
A 4 GLN B 2  ? ILE B 3  ? GLN B 2  ILE B 3  
B 1 LYS A 43 ? GLY A 49 ? LYS A 43 GLY A 49 
B 2 GLY A 52 ? ILE A 66 ? GLY A 52 ILE A 66 
B 3 HIS A 69 ? VAL A 77 ? HIS A 69 VAL A 77 
B 4 VAL A 32 ? LEU A 33 ? VAL A 32 LEU A 33 
B 5 ILE A 84 ? ILE A 85 ? ILE A 84 ILE A 85 
B 6 GLN A 18 ? LEU A 24 ? GLN A 18 LEU A 24 
B 7 LEU A 10 ? ILE A 15 ? LEU A 10 ILE A 15 
B 8 GLY A 52 ? ILE A 66 ? GLY A 52 ILE A 66 
C 1 LYS B 43 ? GLY B 49 ? LYS B 43 GLY B 49 
C 2 GLY B 52 ? ILE B 66 ? GLY B 52 ILE B 66 
C 3 HIS B 69 ? VAL B 77 ? HIS B 69 VAL B 77 
C 4 VAL B 32 ? LEU B 33 ? VAL B 32 LEU B 33 
C 5 ILE B 84 ? ILE B 85 ? ILE B 84 ILE B 85 
C 6 GLN B 18 ? LEU B 24 ? GLN B 18 LEU B 24 
C 7 LEU B 10 ? ILE B 15 ? LEU B 10 ILE B 15 
C 8 GLY B 52 ? ILE B 66 ? GLY B 52 ILE B 66 
# 
loop_
_pdbx_struct_sheet_hbond.sheet_id 
_pdbx_struct_sheet_hbond.range_id_1 
_pdbx_struct_sheet_hbond.range_id_2 
_pdbx_struct_sheet_hbond.range_1_label_atom_id 
_pdbx_struct_sheet_hbond.range_1_label_comp_id 
_pdbx_struct_sheet_hbond.range_1_label_asym_id 
_pdbx_struct_sheet_hbond.range_1_label_seq_id 
_pdbx_struct_sheet_hbond.range_1_PDB_ins_code 
_pdbx_struct_sheet_hbond.range_1_auth_atom_id 
_pdbx_struct_sheet_hbond.range_1_auth_comp_id 
_pdbx_struct_sheet_hbond.range_1_auth_asym_id 
_pdbx_struct_sheet_hbond.range_1_auth_seq_id 
_pdbx_struct_sheet_hbond.range_2_label_atom_id 
_pdbx_struct_sheet_hbond.range_2_label_comp_id 
_pdbx_struct_sheet_hbond.range_2_label_asym_id 
_pdbx_struct_sheet_hbond.range_2_label_seq_id 
_pdbx_struct_sheet_hbond.range_2_PDB_ins_code 
_pdbx_struct_sheet_hbond.range_2_auth_atom_id 
_pdbx_struct_sheet_hbond.range_2_auth_comp_id 
_pdbx_struct_sheet_hbond.range_2_auth_asym_id 
_pdbx_struct_sheet_hbond.range_2_auth_seq_id 
A 1 2 N ILE A 3  ? N ILE A 3  O LEU B 97 ? O LEU B 97 
A 2 3 O THR B 96 ? O THR B 96 N ASN A 98 ? N ASN A 98 
A 3 4 N LEU A 97 ? N LEU A 97 O ILE B 3  ? O ILE B 3  
B 1 2 N ILE A 47 ? N ILE A 47 O ILE A 54 ? O ILE A 54 
B 2 3 N ILE A 66 ? N ILE A 66 O HIS A 69 ? O HIS A 69 
B 3 4 O LEU A 76 ? O LEU A 76 N LEU A 33 ? N LEU A 33 
B 4 5 N VAL A 32 ? N VAL A 32 O ILE A 84 ? O ILE A 84 
B 5 6 O ILE A 85 ? O ILE A 85 N LEU A 23 ? N LEU A 23 
B 6 7 O LYS A 20 ? O LYS A 20 N ILE A 13 ? N ILE A 13 
B 7 8 N ARG A 14 ? N ARG A 14 O GLU A 65 ? O GLU A 65 
C 1 2 N LYS B 45 ? N LYS B 45 O VAL B 56 ? O VAL B 56 
C 2 3 N ILE B 64 ? N ILE B 64 O ALA B 71 ? O ALA B 71 
C 3 4 O LEU B 76 ? O LEU B 76 N LEU B 33 ? N LEU B 33 
C 4 5 N VAL B 32 ? N VAL B 32 O ILE B 84 ? O ILE B 84 
C 5 6 O ILE B 85 ? O ILE B 85 N LEU B 23 ? N LEU B 23 
C 6 7 O LYS B 20 ? O LYS B 20 N ILE B 13 ? N ILE B 13 
C 7 8 N ARG B 14 ? N ARG B 14 O GLU B 65 ? O GLU B 65 
# 
_atom_sites.entry_id                    2NXD 
_atom_sites.fract_transf_matrix[1][1]   -0.01938135 
_atom_sites.fract_transf_matrix[1][2]   -0.00075827 
_atom_sites.fract_transf_matrix[1][3]   -0.00238284 
_atom_sites.fract_transf_matrix[2][1]   0.00027846 
_atom_sites.fract_transf_matrix[2][2]   0.01573171 
_atom_sites.fract_transf_matrix[2][3]   -0.00727108 
_atom_sites.fract_transf_matrix[3][1]   0.00206479 
_atom_sites.fract_transf_matrix[3][2]   -0.00679883 
_atom_sites.fract_transf_matrix[3][3]   -0.01463088 
_atom_sites.fract_transf_vector[1]      0.397874 
_atom_sites.fract_transf_vector[2]      0.015946 
_atom_sites.fract_transf_vector[3]      0.214322 
# 
loop_
_atom_type.symbol 
C 
N 
O 
S 
# 
loop_
_atom_site.group_PDB 
_atom_site.id 
_atom_site.type_symbol 
_atom_site.label_atom_id 
_atom_site.label_alt_id 
_atom_site.label_comp_id 
_atom_site.label_asym_id 
_atom_site.label_entity_id 
_atom_site.label_seq_id 
_atom_site.pdbx_PDB_ins_code 
_atom_site.Cartn_x 
_atom_site.Cartn_y 
_atom_site.Cartn_z 
_atom_site.occupancy 
_atom_site.B_iso_or_equiv 
_atom_site.pdbx_formal_charge 
_atom_site.auth_seq_id 
_atom_site.auth_comp_id 
_atom_site.auth_asym_id 
_atom_site.auth_atom_id 
_atom_site.pdbx_PDB_model_num 
ATOM   1    N N   . PRO A 1 1  ? -10.082 12.023  11.027  1.00 56.16 ? 1   PRO A N   1 
ATOM   2    C CA  . PRO A 1 1  ? -9.170  11.682  12.110  1.00 55.80 ? 1   PRO A CA  1 
ATOM   3    C C   . PRO A 1 1  ? -7.715  11.665  11.674  1.00 55.34 ? 1   PRO A C   1 
ATOM   4    O O   . PRO A 1 1  ? -7.401  11.910  10.511  1.00 55.43 ? 1   PRO A O   1 
ATOM   5    C CB  . PRO A 1 1  ? -9.595  10.256  12.471  1.00 56.07 ? 1   PRO A CB  1 
ATOM   6    C CG  . PRO A 1 1  ? -10.049 9.668   11.162  1.00 56.37 ? 1   PRO A CG  1 
ATOM   7    C CD  . PRO A 1 1  ? -10.492 10.823  10.274  1.00 56.57 ? 1   PRO A CD  1 
ATOM   8    N N   . GLN A 1 2  ? -6.840  11.359  12.625  1.00 55.07 ? 2   GLN A N   1 
ATOM   9    C CA  . GLN A 1 2  ? -5.445  11.053  12.337  1.00 54.66 ? 2   GLN A CA  1 
ATOM   10   C C   . GLN A 1 2  ? -5.200  9.604   12.740  1.00 54.03 ? 2   GLN A C   1 
ATOM   11   O O   . GLN A 1 2  ? -5.519  9.182   13.866  1.00 53.34 ? 2   GLN A O   1 
ATOM   12   C CB  . GLN A 1 2  ? -4.514  11.981  13.123  1.00 55.29 ? 2   GLN A CB  1 
ATOM   13   C CG  . GLN A 1 2  ? -3.044  11.560  13.104  1.00 55.36 ? 2   GLN A CG  1 
ATOM   14   C CD  . GLN A 1 2  ? -2.154  12.605  13.741  1.00 55.82 ? 2   GLN A CD  1 
ATOM   15   O OE1 . GLN A 1 2  ? -1.783  13.590  13.094  1.00 53.91 ? 2   GLN A OE1 1 
ATOM   16   N NE2 . GLN A 1 2  ? -1.838  12.420  15.026  1.00 54.22 ? 2   GLN A NE2 1 
ATOM   17   N N   . ILE A 1 3  ? -4.608  8.867   11.811  1.00 53.05 ? 3   ILE A N   1 
ATOM   18   C CA  . ILE A 1 3  ? -4.373  7.450   11.975  1.00 52.67 ? 3   ILE A CA  1 
ATOM   19   C C   . ILE A 1 3  ? -2.866  7.246   11.931  1.00 52.15 ? 3   ILE A C   1 
ATOM   20   O O   . ILE A 1 3  ? -2.203  7.659   10.980  1.00 51.45 ? 3   ILE A O   1 
ATOM   21   C CB  . ILE A 1 3  ? -5.097  6.666   10.865  1.00 52.83 ? 3   ILE A CB  1 
ATOM   22   C CG1 . ILE A 1 3  ? -6.609  6.761   11.082  1.00 54.28 ? 3   ILE A CG1 1 
ATOM   23   C CG2 . ILE A 1 3  ? -4.659  5.201   10.832  1.00 52.81 ? 3   ILE A CG2 1 
ATOM   24   C CD1 . ILE A 1 3  ? -7.384  6.895   9.809   1.00 55.75 ? 3   ILE A CD1 1 
ATOM   25   N N   . THR A 1 4  ? -2.332  6.651   12.994  1.00 51.19 ? 4   THR A N   1 
ATOM   26   C CA  . THR A 1 4  ? -0.912  6.345   13.089  1.00 50.89 ? 4   THR A CA  1 
ATOM   27   C C   . THR A 1 4  ? -0.701  4.966   12.510  1.00 50.74 ? 4   THR A C   1 
ATOM   28   O O   . THR A 1 4  ? -1.659  4.237   12.249  1.00 51.10 ? 4   THR A O   1 
ATOM   29   C CB  . THR A 1 4  ? -0.420  6.328   14.560  1.00 51.38 ? 4   THR A CB  1 
ATOM   30   O OG1 . THR A 1 4  ? -1.219  5.416   15.318  1.00 50.12 ? 4   THR A OG1 1 
ATOM   31   C CG2 . THR A 1 4  ? -0.504  7.716   15.168  1.00 50.54 ? 4   THR A CG2 1 
ATOM   32   N N   . LEU A 1 5  ? 0.554   4.570   12.366  1.00 50.41 ? 5   LEU A N   1 
ATOM   33   C CA  . LEU A 1 5  ? 0.850   3.373   11.592  1.00 49.82 ? 5   LEU A CA  1 
ATOM   34   C C   . LEU A 1 5  ? 1.573   2.247   12.336  1.00 49.39 ? 5   LEU A C   1 
ATOM   35   O O   . LEU A 1 5  ? 2.067   1.313   11.704  1.00 48.50 ? 5   LEU A O   1 
ATOM   36   C CB  . LEU A 1 5  ? 1.604   3.798   10.334  1.00 50.71 ? 5   LEU A CB  1 
ATOM   37   C CG  . LEU A 1 5  ? 0.780   4.718   9.434   1.00 48.56 ? 5   LEU A CG  1 
ATOM   38   C CD1 . LEU A 1 5  ? 1.674   5.403   8.409   1.00 48.81 ? 5   LEU A CD1 1 
ATOM   39   C CD2 . LEU A 1 5  ? -0.329  3.901   8.746   1.00 50.00 ? 5   LEU A CD2 1 
ATOM   40   N N   . TRP A 1 6  ? 1.563   2.305   13.668  1.00 49.16 ? 6   TRP A N   1 
ATOM   41   C CA  . TRP A 1 6  ? 2.019   1.204   14.512  1.00 49.19 ? 6   TRP A CA  1 
ATOM   42   C C   . TRP A 1 6  ? 1.220   -0.067  14.250  1.00 49.07 ? 6   TRP A C   1 
ATOM   43   O O   . TRP A 1 6  ? 1.752   -1.168  14.344  1.00 48.76 ? 6   TRP A O   1 
ATOM   44   C CB  . TRP A 1 6  ? 1.946   1.590   15.995  1.00 49.40 ? 6   TRP A CB  1 
ATOM   45   C CG  . TRP A 1 6  ? 2.791   2.785   16.275  1.00 49.28 ? 6   TRP A CG  1 
ATOM   46   C CD1 . TRP A 1 6  ? 2.372   4.073   16.402  1.00 49.49 ? 6   TRP A CD1 1 
ATOM   47   C CD2 . TRP A 1 6  ? 4.213   2.817   16.335  1.00 50.21 ? 6   TRP A CD2 1 
ATOM   48   N NE1 . TRP A 1 6  ? 3.443   4.905   16.583  1.00 50.90 ? 6   TRP A NE1 1 
ATOM   49   C CE2 . TRP A 1 6  ? 4.591   4.158   16.548  1.00 49.99 ? 6   TRP A CE2 1 
ATOM   50   C CE3 . TRP A 1 6  ? 5.209   1.836   16.264  1.00 50.85 ? 6   TRP A CE3 1 
ATOM   51   C CZ2 . TRP A 1 6  ? 5.918   4.545   16.681  1.00 50.77 ? 6   TRP A CZ2 1 
ATOM   52   C CZ3 . TRP A 1 6  ? 6.532   2.221   16.408  1.00 50.25 ? 6   TRP A CZ3 1 
ATOM   53   C CH2 . TRP A 1 6  ? 6.875   3.565   16.619  1.00 50.50 ? 6   TRP A CH2 1 
ATOM   54   N N   . LYS A 1 7  ? -0.050  0.096   13.901  1.00 49.07 ? 7   LYS A N   1 
ATOM   55   C CA  . LYS A 1 7  ? -0.878  -1.009  13.447  1.00 49.12 ? 7   LYS A CA  1 
ATOM   56   C C   . LYS A 1 7  ? -1.383  -0.749  12.029  1.00 49.48 ? 7   LYS A C   1 
ATOM   57   O O   . LYS A 1 7  ? -1.300  0.374   11.527  1.00 50.13 ? 7   LYS A O   1 
ATOM   58   C CB  . LYS A 1 7  ? -2.054  -1.196  14.403  1.00 50.51 ? 7   LYS A CB  1 
ATOM   59   N N   . ARG A 1 8  ? -1.904  -1.792  11.378  1.00 48.11 ? 8   ARG A N   1 
ATOM   60   C CA  . ARG A 1 8  ? -2.514  -1.626  10.068  1.00 46.97 ? 8   ARG A CA  1 
ATOM   61   C C   . ARG A 1 8  ? -3.645  -0.591  10.151  1.00 46.39 ? 8   ARG A C   1 
ATOM   62   O O   . ARG A 1 8  ? -4.479  -0.656  11.063  1.00 45.20 ? 8   ARG A O   1 
ATOM   63   C CB  . ARG A 1 8  ? -3.081  -2.952  9.548   1.00 46.12 ? 8   ARG A CB  1 
ATOM   64   C CG  . ARG A 1 8  ? -2.054  -3.999  9.168   1.00 46.82 ? 8   ARG A CG  1 
ATOM   65   C CD  . ARG A 1 8  ? -2.640  -5.049  8.220   1.00 47.03 ? 8   ARG A CD  1 
ATOM   66   N NE  . ARG A 1 8  ? -1.700  -6.130  7.929   1.00 47.09 ? 8   ARG A NE  1 
ATOM   67   C CZ  . ARG A 1 8  ? -1.869  -7.051  6.981   1.00 48.44 ? 8   ARG A CZ  1 
ATOM   68   N NH1 . ARG A 1 8  ? -2.947  -7.033  6.199   1.00 48.84 ? 8   ARG A NH1 1 
ATOM   69   N NH2 . ARG A 1 8  ? -0.952  -7.998  6.806   1.00 47.56 ? 8   ARG A NH2 1 
ATOM   70   N N   . PRO A 1 9  ? -3.704  0.345   9.183   1.00 45.83 ? 9   PRO A N   1 
ATOM   71   C CA  . PRO A 1 9  ? -4.785  1.322   9.080   1.00 45.86 ? 9   PRO A CA  1 
ATOM   72   C C   . PRO A 1 9  ? -6.084  0.743   8.504   1.00 45.51 ? 9   PRO A C   1 
ATOM   73   O O   . PRO A 1 9  ? -6.520  1.069   7.384   1.00 46.27 ? 9   PRO A O   1 
ATOM   74   C CB  . PRO A 1 9  ? -4.176  2.402   8.191   1.00 45.13 ? 9   PRO A CB  1 
ATOM   75   C CG  . PRO A 1 9  ? -3.292  1.643   7.286   1.00 46.31 ? 9   PRO A CG  1 
ATOM   76   C CD  . PRO A 1 9  ? -2.697  0.560   8.130   1.00 45.57 ? 9   PRO A CD  1 
ATOM   77   N N   . LEU A 1 10 ? -6.688  -0.128  9.302   1.00 45.26 ? 10  LEU A N   1 
ATOM   78   C CA  . LEU A 1 10 ? -7.929  -0.785  8.953   1.00 44.21 ? 10  LEU A CA  1 
ATOM   79   C C   . LEU A 1 10 ? -9.049  0.079   9.493   1.00 43.24 ? 10  LEU A C   1 
ATOM   80   O O   . LEU A 1 10 ? -9.006  0.493   10.648  1.00 44.32 ? 10  LEU A O   1 
ATOM   81   C CB  . LEU A 1 10 ? -7.993  -2.185  9.567   1.00 45.27 ? 10  LEU A CB  1 
ATOM   82   C CG  . LEU A 1 10 ? -7.081  -3.242  8.927   1.00 46.70 ? 10  LEU A CG  1 
ATOM   83   C CD1 . LEU A 1 10 ? -6.877  -4.405  9.884   1.00 47.87 ? 10  LEU A CD1 1 
ATOM   84   C CD2 . LEU A 1 10 ? -7.678  -3.731  7.618   1.00 46.59 ? 10  LEU A CD2 1 
ATOM   85   N N   . VAL A 1 11 ? -10.024 0.370   8.641   1.00 41.59 ? 11  VAL A N   1 
ATOM   86   C CA  . VAL A 1 11 ? -11.179 1.181   9.008   1.00 40.45 ? 11  VAL A CA  1 
ATOM   87   C C   . VAL A 1 11 ? -12.449 0.503   8.527   1.00 39.18 ? 11  VAL A C   1 
ATOM   88   O O   . VAL A 1 11 ? -12.423 -0.345  7.643   1.00 37.73 ? 11  VAL A O   1 
ATOM   89   C CB  . VAL A 1 11 ? -11.148 2.572   8.355   1.00 40.26 ? 11  VAL A CB  1 
ATOM   90   C CG1 . VAL A 1 11 ? -9.978  3.396   8.879   1.00 40.19 ? 11  VAL A CG1 1 
ATOM   91   C CG2 . VAL A 1 11 ? -11.131 2.445   6.841   1.00 40.65 ? 11  VAL A CG2 1 
ATOM   92   N N   . THR A 1 12 ? -13.573 0.915   9.091   1.00 38.60 ? 12  THR A N   1 
ATOM   93   C CA  . THR A 1 12 ? -14.850 0.388   8.667   1.00 38.22 ? 12  THR A CA  1 
ATOM   94   C C   . THR A 1 12 ? -15.381 1.220   7.502   1.00 37.97 ? 12  THR A C   1 
ATOM   95   O O   . THR A 1 12 ? -15.369 2.447   7.542   1.00 36.15 ? 12  THR A O   1 
ATOM   96   C CB  . THR A 1 12 ? -15.830 0.387   9.854   1.00 38.89 ? 12  THR A CB  1 
ATOM   97   O OG1 . THR A 1 12 ? -15.219 -0.344  10.922  1.00 38.55 ? 12  THR A OG1 1 
ATOM   98   C CG2 . THR A 1 12 ? -17.175 -0.246  9.476   1.00 38.98 ? 12  THR A CG2 1 
ATOM   99   N N   . ILE A 1 13 ? -15.795 0.529   6.442   1.00 37.39 ? 13  ILE A N   1 
ATOM   100  C CA  . ILE A 1 13 ? -16.436 1.177   5.320   1.00 37.59 ? 13  ILE A CA  1 
ATOM   101  C C   . ILE A 1 13 ? -17.855 0.656   5.189   1.00 37.38 ? 13  ILE A C   1 
ATOM   102  O O   . ILE A 1 13 ? -18.180 -0.449  5.663   1.00 36.19 ? 13  ILE A O   1 
ATOM   103  C CB  . ILE A 1 13 ? -15.670 0.950   4.020   1.00 37.67 ? 13  ILE A CB  1 
ATOM   104  C CG1 . ILE A 1 13 ? -15.741 -0.519  3.611   1.00 37.65 ? 13  ILE A CG1 1 
ATOM   105  C CG2 . ILE A 1 13 ? -14.226 1.437   4.192   1.00 36.91 ? 13  ILE A CG2 1 
ATOM   106  C CD1 . ILE A 1 13 ? -15.533 -0.758  2.127   1.00 39.22 ? 13  ILE A CD1 1 
ATOM   107  N N   . ARG A 1 14 ? -18.693 1.474   4.560   1.00 37.88 ? 14  ARG A N   1 
ATOM   108  C CA  . ARG A 1 14 ? -20.055 1.069   4.256   1.00 38.51 ? 14  ARG A CA  1 
ATOM   109  C C   . ARG A 1 14 ? -20.257 1.114   2.759   1.00 38.42 ? 14  ARG A C   1 
ATOM   110  O O   . ARG A 1 14 ? -20.047 2.147   2.126   1.00 38.78 ? 14  ARG A O   1 
ATOM   111  C CB  . ARG A 1 14 ? -21.071 1.966   4.962   1.00 37.79 ? 14  ARG A CB  1 
ATOM   112  C CG  . ARG A 1 14 ? -22.490 1.432   4.890   1.00 38.63 ? 14  ARG A CG  1 
ATOM   113  C CD  . ARG A 1 14 ? -23.378 2.072   5.955   1.00 38.85 ? 14  ARG A CD  1 
ATOM   114  N NE  . ARG A 1 14 ? -24.579 1.278   6.212   1.00 39.06 ? 14  ARG A NE  1 
ATOM   115  C CZ  . ARG A 1 14 ? -25.172 1.146   7.398   1.00 40.73 ? 14  ARG A CZ  1 
ATOM   116  N NH1 . ARG A 1 14 ? -24.679 1.738   8.480   1.00 41.44 ? 14  ARG A NH1 1 
ATOM   117  N NH2 . ARG A 1 14 ? -26.273 0.408   7.506   1.00 42.06 ? 14  ARG A NH2 1 
ATOM   118  N N   . ILE A 1 15 ? -20.665 -0.017  2.202   1.00 39.57 ? 15  ILE A N   1 
ATOM   119  C CA  . ILE A 1 15 ? -20.948 -0.103  0.779   1.00 40.23 ? 15  ILE A CA  1 
ATOM   120  C C   . ILE A 1 15 ? -22.154 -1.011  0.573   1.00 40.52 ? 15  ILE A C   1 
ATOM   121  O O   . ILE A 1 15 ? -22.202 -2.111  1.131   1.00 42.00 ? 15  ILE A O   1 
ATOM   122  C CB  . ILE A 1 15 ? -19.702 -0.606  0.000   1.00 40.66 ? 15  ILE A CB  1 
ATOM   123  C CG1 . ILE A 1 15 ? -19.964 -0.655  -1.499  1.00 40.79 ? 15  ILE A CG1 1 
ATOM   124  C CG2 . ILE A 1 15 ? -19.242 -1.967  0.493   1.00 42.44 ? 15  ILE A CG2 1 
ATOM   125  C CD1 . ILE A 1 15 ? -18.708 -0.840  -2.345  1.00 40.17 ? 15  ILE A CD1 1 
ATOM   126  N N   . GLY A 1 16 ? -23.126 -0.550  -0.213  1.00 40.87 ? 16  GLY A N   1 
ATOM   127  C CA  . GLY A 1 16 ? -24.365 -1.295  -0.431  1.00 40.82 ? 16  GLY A CA  1 
ATOM   128  C C   . GLY A 1 16 ? -25.057 -1.703  0.860   1.00 41.24 ? 16  GLY A C   1 
ATOM   129  O O   . GLY A 1 16 ? -25.662 -2.784  0.948   1.00 41.16 ? 16  GLY A O   1 
ATOM   130  N N   . GLY A 1 17 ? -24.969 -0.838  1.869   1.00 40.70 ? 17  GLY A N   1 
ATOM   131  C CA  . GLY A 1 17 ? -25.549 -1.128  3.173   1.00 41.19 ? 17  GLY A CA  1 
ATOM   132  C C   . GLY A 1 17 ? -24.797 -2.194  3.948   1.00 41.09 ? 17  GLY A C   1 
ATOM   133  O O   . GLY A 1 17 ? -25.222 -2.572  5.035   1.00 40.33 ? 17  GLY A O   1 
ATOM   134  N N   . GLN A 1 18 ? -23.677 -2.666  3.397   1.00 41.76 ? 18  GLN A N   1 
ATOM   135  C CA  . GLN A 1 18 ? -22.838 -3.664  4.063   1.00 42.27 ? 18  GLN A CA  1 
ATOM   136  C C   . GLN A 1 18 ? -21.654 -2.986  4.737   1.00 41.48 ? 18  GLN A C   1 
ATOM   137  O O   . GLN A 1 18 ? -21.022 -2.125  4.140   1.00 40.35 ? 18  GLN A O   1 
ATOM   138  C CB  . GLN A 1 18 ? -22.291 -4.677  3.051   1.00 43.62 ? 18  GLN A CB  1 
ATOM   139  C CG  . GLN A 1 18 ? -23.311 -5.242  2.076   1.00 46.50 ? 18  GLN A CG  1 
ATOM   140  C CD  . GLN A 1 18 ? -24.502 -5.856  2.782   1.00 50.13 ? 18  GLN A CD  1 
ATOM   141  O OE1 . GLN A 1 18 ? -24.342 -6.730  3.634   1.00 52.73 ? 18  GLN A OE1 1 
ATOM   142  N NE2 . GLN A 1 18 ? -25.708 -5.416  2.416   1.00 52.48 ? 18  GLN A NE2 1 
ATOM   143  N N   . LEU A 1 19 ? -21.340 -3.405  5.958   1.00 41.55 ? 19  LEU A N   1 
ATOM   144  C CA  . LEU A 1 19 ? -20.156 -2.936  6.658   1.00 41.79 ? 19  LEU A CA  1 
ATOM   145  C C   . LEU A 1 19 ? -19.004 -3.894  6.425   1.00 41.97 ? 19  LEU A C   1 
ATOM   146  O O   . LEU A 1 19 ? -19.181 -5.120  6.486   1.00 41.53 ? 19  LEU A O   1 
ATOM   147  C CB  . LEU A 1 19 ? -20.419 -2.820  8.152   1.00 42.18 ? 19  LEU A CB  1 
ATOM   148  C CG  . LEU A 1 19 ? -21.450 -1.785  8.600   1.00 42.47 ? 19  LEU A CG  1 
ATOM   149  C CD1 . LEU A 1 19 ? -21.597 -1.856  10.114  1.00 42.29 ? 19  LEU A CD1 1 
ATOM   150  C CD2 . LEU A 1 19 ? -21.033 -0.392  8.151   1.00 41.23 ? 19  LEU A CD2 1 
ATOM   151  N N   . LYS A 1 20 ? -17.828 -3.331  6.153   1.00 41.61 ? 20  LYS A N   1 
ATOM   152  C CA  . LYS A 1 20 ? -16.620 -4.118  5.910   1.00 41.88 ? 20  LYS A CA  1 
ATOM   153  C C   . LYS A 1 20 ? -15.427 -3.407  6.521   1.00 41.44 ? 20  LYS A C   1 
ATOM   154  O O   . LYS A 1 20 ? -15.479 -2.207  6.753   1.00 39.79 ? 20  LYS A O   1 
ATOM   155  C CB  . LYS A 1 20 ? -16.386 -4.300  4.407   1.00 41.88 ? 20  LYS A CB  1 
ATOM   156  C CG  . LYS A 1 20 ? -17.481 -5.067  3.691   1.00 43.58 ? 20  LYS A CG  1 
ATOM   157  C CD  . LYS A 1 20 ? -17.286 -5.049  2.182   1.00 43.49 ? 20  LYS A CD  1 
ATOM   158  C CE  . LYS A 1 20 ? -18.431 -5.715  1.440   1.00 45.28 ? 20  LYS A CE  1 
ATOM   159  N NZ  . LYS A 1 20 ? -18.191 -7.166  1.245   1.00 46.66 ? 20  LYS A NZ  1 
ATOM   160  N N   . GLU A 1 21 ? -14.365 -4.156  6.803   1.00 42.37 ? 21  GLU A N   1 
ATOM   161  C CA  . GLU A 1 21 ? -13.102 -3.569  7.217   1.00 43.28 ? 21  GLU A CA  1 
ATOM   162  C C   . GLU A 1 21 ? -12.194 -3.466  5.997   1.00 43.28 ? 21  GLU A C   1 
ATOM   163  O O   . GLU A 1 21 ? -12.069 -4.426  5.234   1.00 42.69 ? 21  GLU A O   1 
ATOM   164  C CB  . GLU A 1 21 ? -12.433 -4.421  8.309   1.00 44.31 ? 21  GLU A CB  1 
ATOM   165  C CG  . GLU A 1 21 ? -13.278 -4.581  9.551   1.00 47.17 ? 21  GLU A CG  1 
ATOM   166  C CD  . GLU A 1 21 ? -13.527 -3.273  10.293  1.00 49.01 ? 21  GLU A CD  1 
ATOM   167  O OE1 . GLU A 1 21 ? -14.694 -2.847  10.334  1.00 50.16 ? 21  GLU A OE1 1 
ATOM   168  O OE2 . GLU A 1 21 ? -12.576 -2.702  10.877  1.00 50.71 ? 21  GLU A OE2 1 
ATOM   169  N N   . ALA A 1 22 ? -11.582 -2.303  5.812   1.00 42.61 ? 22  ALA A N   1 
ATOM   170  C CA  . ALA A 1 22 ? -10.674 -2.099  4.690   1.00 43.76 ? 22  ALA A CA  1 
ATOM   171  C C   . ALA A 1 22 ? -9.421  -1.364  5.119   1.00 43.29 ? 22  ALA A C   1 
ATOM   172  O O   . ALA A 1 22 ? -9.419  -0.583  6.081   1.00 43.29 ? 22  ALA A O   1 
ATOM   173  C CB  . ALA A 1 22 ? -11.370 -1.338  3.548   1.00 44.18 ? 22  ALA A CB  1 
ATOM   174  N N   . LEU A 1 23 ? -8.362  -1.621  4.368   1.00 43.54 ? 23  LEU A N   1 
ATOM   175  C CA  . LEU A 1 23 ? -7.048  -1.044  4.622   1.00 44.05 ? 23  LEU A CA  1 
ATOM   176  C C   . LEU A 1 23 ? -6.853  0.241   3.827   1.00 44.08 ? 23  LEU A C   1 
ATOM   177  O O   . LEU A 1 23 ? -6.924  0.240   2.588   1.00 45.59 ? 23  LEU A O   1 
ATOM   178  C CB  . LEU A 1 23 ? -5.980  -2.045  4.211   1.00 43.97 ? 23  LEU A CB  1 
ATOM   179  C CG  . LEU A 1 23 ? -4.521  -1.771  4.559   1.00 43.60 ? 23  LEU A CG  1 
ATOM   180  C CD1 . LEU A 1 23 ? -4.284  -1.986  6.051   1.00 42.39 ? 23  LEU A CD1 1 
ATOM   181  C CD2 . LEU A 1 23 ? -3.667  -2.730  3.703   1.00 45.26 ? 23  LEU A CD2 1 
ATOM   182  N N   . LEU A 1 24 ? -6.580  1.329   4.535   1.00 43.81 ? 24  LEU A N   1 
ATOM   183  C CA  . LEU A 1 24 ? -6.173  2.579   3.878   1.00 44.10 ? 24  LEU A CA  1 
ATOM   184  C C   . LEU A 1 24 ? -4.746  2.459   3.332   1.00 44.50 ? 24  LEU A C   1 
ATOM   185  O O   . LEU A 1 24 ? -3.779  2.385   4.088   1.00 45.15 ? 24  LEU A O   1 
ATOM   186  C CB  . LEU A 1 24 ? -6.299  3.758   4.829   1.00 43.22 ? 24  LEU A CB  1 
ATOM   187  C CG  . LEU A 1 24 ? -7.666  3.973   5.476   1.00 43.73 ? 24  LEU A CG  1 
ATOM   188  C CD1 . LEU A 1 24 ? -7.588  5.152   6.401   1.00 45.68 ? 24  LEU A CD1 1 
ATOM   189  C CD2 . LEU A 1 24 ? -8.779  4.155   4.446   1.00 47.97 ? 24  LEU A CD2 1 
ATOM   190  N N   . ASN A 1 25 ? -4.634  2.414   2.007   1.00 44.00 ? 25  ASN A N   1 
ATOM   191  C CA  . ASN A 1 25 ? -3.422  1.963   1.334   1.00 44.34 ? 25  ASN A CA  1 
ATOM   192  C C   . ASN A 1 25 ? -2.901  2.987   0.320   1.00 43.82 ? 25  ASN A C   1 
ATOM   193  O O   . ASN A 1 25 ? -3.304  3.006   -0.849  1.00 43.10 ? 25  ASN A O   1 
ATOM   194  C CB  . ASN A 1 25 ? -3.722  0.628   0.636   1.00 44.99 ? 25  ASN A CB  1 
ATOM   195  C CG  . ASN A 1 25 ? -2.508  0.018   -0.024  1.00 45.29 ? 25  ASN A CG  1 
ATOM   196  O OD1 . ASN A 1 25 ? -2.586  -1.070  -0.595  1.00 52.87 ? 25  ASN A OD1 1 
ATOM   197  N ND2 . ASN A 1 25 ? -1.386  0.672   0.085   1.00 42.94 ? 25  ASN A ND2 1 
ATOM   198  N N   . THR A 1 26 ? -1.927  3.779   0.758   1.00 43.21 ? 26  THR A N   1 
ATOM   199  C CA  . THR A 1 26 ? -1.287  4.771   -0.110  1.00 42.53 ? 26  THR A CA  1 
ATOM   200  C C   . THR A 1 26 ? -0.430  4.158   -1.233  1.00 42.83 ? 26  THR A C   1 
ATOM   201  O O   . THR A 1 26 ? -0.054  4.847   -2.192  1.00 40.78 ? 26  THR A O   1 
ATOM   202  C CB  . THR A 1 26 ? -0.438  5.731   0.707   1.00 42.35 ? 26  THR A CB  1 
ATOM   203  O OG1 . THR A 1 26 ? 0.620   5.022   1.370   1.00 38.93 ? 26  THR A OG1 1 
ATOM   204  C CG2 . THR A 1 26 ? -1.325  6.449   1.730   1.00 43.32 ? 26  THR A CG2 1 
ATOM   205  N N   . GLY A 1 27 ? -0.185  2.853   -1.142  1.00 42.29 ? 27  GLY A N   1 
ATOM   206  C CA  . GLY A 1 27 ? 0.560   2.128   -2.162  1.00 42.89 ? 27  GLY A CA  1 
ATOM   207  C C   . GLY A 1 27 ? -0.292  1.560   -3.281  1.00 43.10 ? 27  GLY A C   1 
ATOM   208  O O   . GLY A 1 27 ? 0.222   0.892   -4.162  1.00 43.57 ? 27  GLY A O   1 
ATOM   209  N N   . ALA A 1 28 ? -1.587  1.838   -3.255  1.00 43.06 ? 28  ALA A N   1 
ATOM   210  C CA  . ALA A 1 28 ? -2.516  1.313   -4.231  1.00 43.69 ? 28  ALA A CA  1 
ATOM   211  C C   . ALA A 1 28 ? -3.101  2.488   -5.019  1.00 42.99 ? 28  ALA A C   1 
ATOM   212  O O   . ALA A 1 28 ? -3.512  3.480   -4.438  1.00 43.28 ? 28  ALA A O   1 
ATOM   213  C CB  . ALA A 1 28 ? -3.631  0.530   -3.518  1.00 43.53 ? 28  ALA A CB  1 
ATOM   214  N N   . ASP A 1 29 ? -3.124  2.374   -6.338  1.00 43.14 ? 29  ASP A N   1 
ATOM   215  C CA  . ASP A 1 29 ? -3.648  3.440   -7.177  1.00 43.70 ? 29  ASP A CA  1 
ATOM   216  C C   . ASP A 1 29 ? -5.169  3.342   -7.102  1.00 43.80 ? 29  ASP A C   1 
ATOM   217  O O   . ASP A 1 29 ? -5.871  4.357   -7.125  1.00 44.04 ? 29  ASP A O   1 
ATOM   218  C CB  . ASP A 1 29 ? -3.221  3.281   -8.642  1.00 43.88 ? 29  ASP A CB  1 
ATOM   219  C CG  . ASP A 1 29 ? -1.698  3.239   -8.861  1.00 44.98 ? 29  ASP A CG  1 
ATOM   220  O OD1 . ASP A 1 29 ? -0.887  3.817   -8.105  1.00 46.66 ? 29  ASP A OD1 1 
ATOM   221  O OD2 . ASP A 1 29 ? -1.312  2.644   -9.886  1.00 42.95 ? 29  ASP A OD2 1 
ATOM   222  N N   . ASP A 1 30 ? -5.659  2.105   -7.017  1.00 43.98 ? 30  ASP A N   1 
ATOM   223  C CA  . ASP A 1 30 ? -7.081  1.794   -7.118  1.00 44.31 ? 30  ASP A CA  1 
ATOM   224  C C   . ASP A 1 30 ? -7.558  1.107   -5.866  1.00 44.61 ? 30  ASP A C   1 
ATOM   225  O O   . ASP A 1 30 ? -6.754  0.680   -5.033  1.00 45.07 ? 30  ASP A O   1 
ATOM   226  C CB  . ASP A 1 30 ? -7.328  0.870   -8.304  1.00 45.26 ? 30  ASP A CB  1 
ATOM   227  C CG  . ASP A 1 30 ? -6.782  1.435   -9.584  1.00 45.67 ? 30  ASP A CG  1 
ATOM   228  O OD1 . ASP A 1 30 ? -6.964  2.645   -9.796  1.00 46.80 ? 30  ASP A OD1 1 
ATOM   229  O OD2 . ASP A 1 30 ? -6.153  0.685   -10.351 1.00 49.12 ? 30  ASP A OD2 1 
ATOM   230  N N   . THR A 1 31 ? -8.878  1.023   -5.753  1.00 44.64 ? 31  THR A N   1 
ATOM   231  C CA  . THR A 1 31 ? -9.573  0.439   -4.609  1.00 44.13 ? 31  THR A CA  1 
ATOM   232  C C   . THR A 1 31 ? -10.038 -0.959  -5.011  1.00 44.67 ? 31  THR A C   1 
ATOM   233  O O   . THR A 1 31 ? -10.659 -1.119  -6.067  1.00 43.77 ? 31  THR A O   1 
ATOM   234  C CB  . THR A 1 31 ? -10.752 1.354   -4.223  1.00 44.52 ? 31  THR A CB  1 
ATOM   235  O OG1 . THR A 1 31 ? -10.225 2.560   -3.646  1.00 43.71 ? 31  THR A OG1 1 
ATOM   236  C CG2 . THR A 1 31 ? -11.730 0.684   -3.268  1.00 45.18 ? 31  THR A CG2 1 
ATOM   237  N N   . VAL A 1 32 ? -9.659  -1.958  -4.211  1.00 44.44 ? 32  VAL A N   1 
ATOM   238  C CA  . VAL A 1 32 ? -9.940  -3.368  -4.493  1.00 45.97 ? 32  VAL A CA  1 
ATOM   239  C C   . VAL A 1 32 ? -10.577 -4.053  -3.278  1.00 46.01 ? 32  VAL A C   1 
ATOM   240  O O   . VAL A 1 32 ? -9.976  -4.110  -2.193  1.00 46.10 ? 32  VAL A O   1 
ATOM   241  C CB  . VAL A 1 32 ? -8.663  -4.153  -4.880  1.00 45.87 ? 32  VAL A CB  1 
ATOM   242  C CG1 . VAL A 1 32 ? -9.029  -5.458  -5.536  1.00 48.39 ? 32  VAL A CG1 1 
ATOM   243  C CG2 . VAL A 1 32 ? -7.812  -3.337  -5.834  1.00 48.53 ? 32  VAL A CG2 1 
ATOM   244  N N   . LEU A 1 33 ? -11.791 -4.565  -3.474  1.00 45.77 ? 33  LEU A N   1 
ATOM   245  C CA  . LEU A 1 33 ? -12.504 -5.303  -2.434  1.00 45.51 ? 33  LEU A CA  1 
ATOM   246  C C   . LEU A 1 33 ? -12.562 -6.786  -2.739  1.00 44.98 ? 33  LEU A C   1 
ATOM   247  O O   . LEU A 1 33 ? -12.605 -7.196  -3.906  1.00 45.29 ? 33  LEU A O   1 
ATOM   248  C CB  . LEU A 1 33 ? -13.934 -4.779  -2.305  1.00 45.77 ? 33  LEU A CB  1 
ATOM   249  C CG  . LEU A 1 33 ? -14.051 -3.268  -2.102  1.00 46.97 ? 33  LEU A CG  1 
ATOM   250  C CD1 . LEU A 1 33 ? -15.503 -2.878  -1.987  1.00 48.96 ? 33  LEU A CD1 1 
ATOM   251  C CD2 . LEU A 1 33 ? -13.317 -2.843  -0.868  1.00 47.37 ? 33  LEU A CD2 1 
ATOM   252  N N   . GLU A 1 34 ? -12.617 -7.585  -1.681  1.00 43.97 ? 34  GLU A N   1 
ATOM   253  C CA  . GLU A 1 34 ? -12.842 -9.010  -1.820  1.00 44.70 ? 34  GLU A CA  1 
ATOM   254  C C   . GLU A 1 34 ? -14.177 -9.286  -2.505  1.00 44.43 ? 34  GLU A C   1 
ATOM   255  O O   . GLU A 1 34 ? -15.099 -8.455  -2.499  1.00 42.18 ? 34  GLU A O   1 
ATOM   256  C CB  . GLU A 1 34 ? -12.848 -9.710  -0.466  1.00 44.02 ? 34  GLU A CB  1 
ATOM   257  C CG  . GLU A 1 34 ? -11.615 -9.491  0.401   1.00 45.44 ? 34  GLU A CG  1 
ATOM   258  C CD  . GLU A 1 34 ? -11.959 -9.500  1.879   1.00 47.27 ? 34  GLU A CD  1 
ATOM   259  O OE1 . GLU A 1 34 ? -11.079 -9.147  2.697   1.00 52.60 ? 34  GLU A OE1 1 
ATOM   260  O OE2 . GLU A 1 34 ? -13.122 -9.831  2.216   1.00 49.86 ? 34  GLU A OE2 1 
ATOM   261  N N   . GLU A 1 35 ? -14.265 -10.499 -3.047  1.00 45.15 ? 35  GLU A N   1 
ATOM   262  C CA  . GLU A 1 35 ? -15.385 -10.932 -3.865  1.00 46.89 ? 35  GLU A CA  1 
ATOM   263  C C   . GLU A 1 35 ? -16.679 -10.553 -3.174  1.00 47.58 ? 35  GLU A C   1 
ATOM   264  O O   . GLU A 1 35 ? -16.892 -10.904 -2.023  1.00 46.12 ? 35  GLU A O   1 
ATOM   265  C CB  . GLU A 1 35 ? -15.356 -12.456 -4.069  1.00 47.90 ? 35  GLU A CB  1 
ATOM   266  C CG  . GLU A 1 35 ? -15.672 -12.873 -5.486  1.00 50.96 ? 35  GLU A CG  1 
ATOM   267  C CD  . GLU A 1 35 ? -14.677 -12.288 -6.470  1.00 54.18 ? 35  GLU A CD  1 
ATOM   268  O OE1 . GLU A 1 35 ? -13.458 -12.528 -6.312  1.00 57.79 ? 35  GLU A OE1 1 
ATOM   269  O OE2 . GLU A 1 35 ? -15.121 -11.576 -7.391  1.00 57.66 ? 35  GLU A OE2 1 
ATOM   270  N N   . MET A 1 36 ? -17.531 -9.840  -3.894  1.00 48.95 ? 36  MET A N   1 
ATOM   271  C CA  . MET A 1 36 ? -18.848 -9.469  -3.402  1.00 49.96 ? 36  MET A CA  1 
ATOM   272  C C   . MET A 1 36 ? -19.717 -9.129  -4.600  1.00 50.17 ? 36  MET A C   1 
ATOM   273  O O   . MET A 1 36 ? -19.207 -8.907  -5.695  1.00 49.78 ? 36  MET A O   1 
ATOM   274  C CB  . MET A 1 36 ? -18.726 -8.238  -2.514  1.00 49.77 ? 36  MET A CB  1 
ATOM   275  C CG  . MET A 1 36 ? -18.211 -7.037  -3.286  1.00 50.61 ? 36  MET A CG  1 
ATOM   276  S SD  . MET A 1 36 ? -18.245 -5.542  -2.322  1.00 51.64 ? 36  MET A SD  1 
ATOM   277  C CE  . MET A 1 36 ? -20.017 -5.330  -2.080  1.00 53.43 ? 36  MET A CE  1 
ATOM   278  N N   . ASN A 1 37 ? -21.022 -9.042  -4.378  1.00 50.83 ? 37  ASN A N   1 
ATOM   279  C CA  . ASN A 1 37 ? -21.949 -8.609  -5.417  1.00 51.57 ? 37  ASN A CA  1 
ATOM   280  C C   . ASN A 1 37 ? -22.249 -7.121  -5.357  1.00 51.92 ? 37  ASN A C   1 
ATOM   281  O O   . ASN A 1 37 ? -22.656 -6.603  -4.315  1.00 52.48 ? 37  ASN A O   1 
ATOM   282  C CB  . ASN A 1 37 ? -23.253 -9.393  -5.301  1.00 51.51 ? 37  ASN A CB  1 
ATOM   283  C CG  . ASN A 1 37 ? -23.059 -10.847 -5.605  1.00 52.39 ? 37  ASN A CG  1 
ATOM   284  O OD1 . ASN A 1 37 ? -23.300 -11.711 -4.762  1.00 54.75 ? 37  ASN A OD1 1 
ATOM   285  N ND2 . ASN A 1 37 ? -22.563 -11.128 -6.801  1.00 53.22 ? 37  ASN A ND2 1 
ATOM   286  N N   . LEU A 1 38 ? -22.048 -6.444  -6.484  1.00 52.45 ? 38  LEU A N   1 
ATOM   287  C CA  . LEU A 1 38 ? -22.370 -5.034  -6.606  1.00 52.76 ? 38  LEU A CA  1 
ATOM   288  C C   . LEU A 1 38 ? -23.241 -4.886  -7.839  1.00 53.31 ? 38  LEU A C   1 
ATOM   289  O O   . LEU A 1 38 ? -23.076 -5.643  -8.793  1.00 53.21 ? 38  LEU A O   1 
ATOM   290  C CB  . LEU A 1 38 ? -21.098 -4.193  -6.752  1.00 53.11 ? 38  LEU A CB  1 
ATOM   291  C CG  . LEU A 1 38 ? -20.245 -3.973  -5.501  1.00 53.02 ? 38  LEU A CG  1 
ATOM   292  C CD1 . LEU A 1 38 ? -18.943 -3.250  -5.872  1.00 54.50 ? 38  LEU A CD1 1 
ATOM   293  C CD2 . LEU A 1 38 ? -21.002 -3.197  -4.442  1.00 52.92 ? 38  LEU A CD2 1 
ATOM   294  N N   . PRO A 1 39 ? -24.189 -3.931  -7.817  1.00 53.98 ? 39  PRO A N   1 
ATOM   295  C CA  . PRO A 1 39 ? -25.078 -3.804  -8.960  1.00 54.04 ? 39  PRO A CA  1 
ATOM   296  C C   . PRO A 1 39 ? -24.461 -2.998  -10.102 1.00 54.22 ? 39  PRO A C   1 
ATOM   297  O O   . PRO A 1 39 ? -23.308 -2.573  -10.029 1.00 53.75 ? 39  PRO A O   1 
ATOM   298  C CB  . PRO A 1 39 ? -26.309 -3.085  -8.377  1.00 54.34 ? 39  PRO A CB  1 
ATOM   299  C CG  . PRO A 1 39 ? -25.985 -2.798  -6.922  1.00 54.46 ? 39  PRO A CG  1 
ATOM   300  C CD  . PRO A 1 39 ? -24.511 -2.933  -6.784  1.00 53.85 ? 39  PRO A CD  1 
ATOM   301  N N   . GLY A 1 40 ? -25.241 -2.807  -11.158 1.00 54.84 ? 40  GLY A N   1 
ATOM   302  C CA  . GLY A 1 40 ? -24.771 -2.114  -12.348 1.00 54.95 ? 40  GLY A CA  1 
ATOM   303  C C   . GLY A 1 40 ? -23.882 -3.007  -13.187 1.00 55.20 ? 40  GLY A C   1 
ATOM   304  O O   . GLY A 1 40 ? -23.571 -4.143  -12.812 1.00 54.88 ? 40  GLY A O   1 
ATOM   305  N N   . LYS A 1 41 ? -23.482 -2.487  -14.342 1.00 55.61 ? 41  LYS A N   1 
ATOM   306  C CA  . LYS A 1 41 ? -22.564 -3.196  -15.219 1.00 55.35 ? 41  LYS A CA  1 
ATOM   307  C C   . LYS A 1 41 ? -21.170 -3.187  -14.596 1.00 55.79 ? 41  LYS A C   1 
ATOM   308  O O   . LYS A 1 41 ? -20.895 -2.443  -13.642 1.00 56.38 ? 41  LYS A O   1 
ATOM   309  C CB  . LYS A 1 41 ? -22.544 -2.538  -16.593 1.00 55.83 ? 41  LYS A CB  1 
ATOM   310  N N   . TRP A 1 42 ? -20.297 -4.036  -15.120 1.00 54.79 ? 42  TRP A N   1 
ATOM   311  C CA  . TRP A 1 42 ? -18.899 -3.971  -14.754 1.00 54.40 ? 42  TRP A CA  1 
ATOM   312  C C   . TRP A 1 42 ? -18.072 -4.343  -15.978 1.00 54.12 ? 42  TRP A C   1 
ATOM   313  O O   . TRP A 1 42 ? -18.592 -4.917  -16.940 1.00 53.66 ? 42  TRP A O   1 
ATOM   314  C CB  . TRP A 1 42 ? -18.619 -4.872  -13.546 1.00 54.42 ? 42  TRP A CB  1 
ATOM   315  C CG  . TRP A 1 42 ? -19.164 -6.259  -13.682 1.00 54.27 ? 42  TRP A CG  1 
ATOM   316  C CD1 . TRP A 1 42 ? -20.390 -6.714  -13.279 1.00 53.86 ? 42  TRP A CD1 1 
ATOM   317  C CD2 . TRP A 1 42 ? -18.511 -7.365  -14.306 1.00 54.30 ? 42  TRP A CD2 1 
ATOM   318  N NE1 . TRP A 1 42 ? -20.529 -8.043  -13.599 1.00 53.51 ? 42  TRP A NE1 1 
ATOM   319  C CE2 . TRP A 1 42 ? -19.390 -8.466  -14.233 1.00 52.96 ? 42  TRP A CE2 1 
ATOM   320  C CE3 . TRP A 1 42 ? -17.265 -7.532  -14.922 1.00 53.89 ? 42  TRP A CE3 1 
ATOM   321  C CZ2 . TRP A 1 42 ? -19.059 -9.718  -14.742 1.00 53.53 ? 42  TRP A CZ2 1 
ATOM   322  C CZ3 . TRP A 1 42 ? -16.941 -8.771  -15.430 1.00 53.65 ? 42  TRP A CZ3 1 
ATOM   323  C CH2 . TRP A 1 42 ? -17.835 -9.850  -15.338 1.00 53.95 ? 42  TRP A CH2 1 
ATOM   324  N N   . LYS A 1 43 ? -16.810 -3.934  -15.973 1.00 53.92 ? 43  LYS A N   1 
ATOM   325  C CA  . LYS A 1 43 ? -15.901 -4.244  -17.064 1.00 53.61 ? 43  LYS A CA  1 
ATOM   326  C C   . LYS A 1 43 ? -14.783 -5.132  -16.529 1.00 53.68 ? 43  LYS A C   1 
ATOM   327  O O   . LYS A 1 43 ? -14.151 -4.792  -15.527 1.00 53.56 ? 43  LYS A O   1 
ATOM   328  C CB  . LYS A 1 43 ? -15.321 -2.970  -17.635 1.00 53.73 ? 43  LYS A CB  1 
ATOM   329  N N   . PRO A 1 44 ? -14.510 -6.251  -17.213 1.00 53.17 ? 44  PRO A N   1 
ATOM   330  C CA  . PRO A 1 44 ? -13.376 -7.065  -16.804 1.00 53.22 ? 44  PRO A CA  1 
ATOM   331  C C   . PRO A 1 44 ? -12.107 -6.226  -16.860 1.00 53.23 ? 44  PRO A C   1 
ATOM   332  O O   . PRO A 1 44 ? -11.968 -5.388  -17.757 1.00 53.48 ? 44  PRO A O   1 
ATOM   333  C CB  . PRO A 1 44 ? -13.328 -8.164  -17.865 1.00 52.99 ? 44  PRO A CB  1 
ATOM   334  C CG  . PRO A 1 44 ? -14.665 -8.184  -18.476 1.00 53.43 ? 44  PRO A CG  1 
ATOM   335  C CD  . PRO A 1 44 ? -15.183 -6.792  -18.406 1.00 53.40 ? 44  PRO A CD  1 
ATOM   336  N N   . LYS A 1 45 ? -11.204 -6.454  -15.912 1.00 53.01 ? 45  LYS A N   1 
ATOM   337  C CA  . LYS A 1 45 ? -9.984  -5.665  -15.784 1.00 52.72 ? 45  LYS A CA  1 
ATOM   338  C C   . LYS A 1 45 ? -8.876  -6.541  -15.224 1.00 52.51 ? 45  LYS A C   1 
ATOM   339  O O   . LYS A 1 45 ? -9.154  -7.513  -14.523 1.00 52.64 ? 45  LYS A O   1 
ATOM   340  C CB  . LYS A 1 45 ? -10.224 -4.487  -14.842 1.00 53.10 ? 45  LYS A CB  1 
ATOM   341  N N   . MET A 1 46 ? -7.632  -6.176  -15.524 1.00 52.14 ? 46  MET A N   1 
ATOM   342  C CA  . MET A 1 46 ? -6.462  -6.814  -14.933 1.00 51.71 ? 46  MET A CA  1 
ATOM   343  C C   . MET A 1 46 ? -5.671  -5.787  -14.151 1.00 51.10 ? 46  MET A C   1 
ATOM   344  O O   . MET A 1 46 ? -5.459  -4.675  -14.627 1.00 49.53 ? 46  MET A O   1 
ATOM   345  C CB  . MET A 1 46 ? -5.556  -7.415  -16.010 1.00 52.45 ? 46  MET A CB  1 
ATOM   346  C CG  . MET A 1 46 ? -6.222  -8.458  -16.888 1.00 54.51 ? 46  MET A CG  1 
ATOM   347  S SD  . MET A 1 46 ? -7.053  -9.727  -15.919 1.00 60.30 ? 46  MET A SD  1 
ATOM   348  C CE  . MET A 1 46 ? -6.642  -11.218 -16.818 1.00 57.68 ? 46  MET A CE  1 
ATOM   349  N N   . ILE A 1 47 ? -5.247  -6.155  -12.944 1.00 50.57 ? 47  ILE A N   1 
ATOM   350  C CA  . ILE A 1 47 ? -4.336  -5.319  -12.165 1.00 50.51 ? 47  ILE A CA  1 
ATOM   351  C C   . ILE A 1 47 ? -3.147  -6.124  -11.652 1.00 50.48 ? 47  ILE A C   1 
ATOM   352  O O   . ILE A 1 47 ? -3.183  -7.358  -11.631 1.00 49.73 ? 47  ILE A O   1 
ATOM   353  C CB  . ILE A 1 47 ? -5.045  -4.662  -10.967 1.00 50.63 ? 47  ILE A CB  1 
ATOM   354  C CG1 . ILE A 1 47 ? -5.640  -5.732  -10.038 1.00 50.38 ? 47  ILE A CG1 1 
ATOM   355  C CG2 . ILE A 1 47 ? -6.104  -3.697  -11.465 1.00 50.28 ? 47  ILE A CG2 1 
ATOM   356  C CD1 . ILE A 1 47 ? -6.416  -5.173  -8.873  1.00 50.72 ? 47  ILE A CD1 1 
ATOM   357  N N   . GLY A 1 48 ? -2.107  -5.413  -11.228 1.00 50.14 ? 48  GLY A N   1 
ATOM   358  C CA  . GLY A 1 48 ? -0.913  -6.052  -10.685 1.00 50.39 ? 48  GLY A CA  1 
ATOM   359  C C   . GLY A 1 48 ? -0.459  -5.529  -9.332  1.00 50.37 ? 48  GLY A C   1 
ATOM   360  O O   . GLY A 1 48 ? -0.764  -4.398  -8.942  1.00 50.02 ? 48  GLY A O   1 
ATOM   361  N N   . GLY A 1 49 ? 0.293   -6.367  -8.622  1.00 50.25 ? 49  GLY A N   1 
ATOM   362  C CA  . GLY A 1 49 ? 0.933   -5.975  -7.366  1.00 50.19 ? 49  GLY A CA  1 
ATOM   363  C C   . GLY A 1 49 ? 2.248   -6.706  -7.168  1.00 50.06 ? 49  GLY A C   1 
ATOM   364  O O   . GLY A 1 49 ? 2.864   -7.154  -8.139  1.00 50.34 ? 49  GLY A O   1 
ATOM   365  N N   A ILE A 1 50 ? 2.673   -6.867  -5.919  0.50 50.01 ? 50  ILE A N   1 
ATOM   366  N N   B ILE A 1 50 ? 2.686   -6.788  -5.913  0.50 49.90 ? 50  ILE A N   1 
ATOM   367  C CA  A ILE A 1 50 ? 4.015   -7.379  -5.635  0.50 49.87 ? 50  ILE A CA  1 
ATOM   368  C CA  B ILE A 1 50 ? 3.695   -7.765  -5.521  0.50 49.70 ? 50  ILE A CA  1 
ATOM   369  C C   A ILE A 1 50 ? 4.260   -8.772  -6.224  0.50 49.72 ? 50  ILE A C   1 
ATOM   370  C C   B ILE A 1 50 ? 3.094   -9.148  -5.746  0.50 49.48 ? 50  ILE A C   1 
ATOM   371  O O   A ILE A 1 50 ? 5.387   -9.087  -6.611  0.50 49.29 ? 50  ILE A O   1 
ATOM   372  O O   B ILE A 1 50 ? 2.027   -9.476  -5.226  0.50 48.99 ? 50  ILE A O   1 
ATOM   373  C CB  A ILE A 1 50 ? 4.333   -7.360  -4.111  0.50 50.01 ? 50  ILE A CB  1 
ATOM   374  C CB  B ILE A 1 50 ? 4.164   -7.576  -4.052  0.50 49.81 ? 50  ILE A CB  1 
ATOM   375  C CG1 A ILE A 1 50 ? 5.749   -6.834  -3.864  0.50 49.74 ? 50  ILE A CG1 1 
ATOM   376  C CG1 B ILE A 1 50 ? 5.387   -6.644  -4.009  0.50 49.48 ? 50  ILE A CG1 1 
ATOM   377  C CG2 A ILE A 1 50 ? 4.158   -8.741  -3.477  0.50 49.70 ? 50  ILE A CG2 1 
ATOM   378  C CG2 B ILE A 1 50 ? 4.508   -8.921  -3.389  0.50 49.35 ? 50  ILE A CG2 1 
ATOM   379  C CD1 A ILE A 1 50 ? 6.027   -6.489  -2.416  0.50 49.86 ? 50  ILE A CD1 1 
ATOM   380  C CD1 B ILE A 1 50 ? 5.836   -6.259  -2.610  0.50 49.68 ? 50  ILE A CD1 1 
ATOM   381  N N   A GLY A 1 51 ? 3.212   -9.591  -6.302  0.50 49.55 ? 51  GLY A N   1 
ATOM   382  N N   B GLY A 1 51 ? 3.775   -9.943  -6.559  0.50 49.63 ? 51  GLY A N   1 
ATOM   383  C CA  A GLY A 1 51 ? 3.334   -10.967 -6.800  0.50 49.84 ? 51  GLY A CA  1 
ATOM   384  C CA  B GLY A 1 51 ? 3.300   -11.270 -6.896  0.50 49.79 ? 51  GLY A CA  1 
ATOM   385  C C   A GLY A 1 51 ? 2.645   -11.226 -8.133  0.50 50.01 ? 51  GLY A C   1 
ATOM   386  C C   B GLY A 1 51 ? 2.505   -11.284 -8.188  0.50 50.00 ? 51  GLY A C   1 
ATOM   387  O O   A GLY A 1 51 ? 2.294   -12.361 -8.453  0.50 50.08 ? 51  GLY A O   1 
ATOM   388  O O   B GLY A 1 51 ? 1.917   -12.311 -8.533  0.50 50.03 ? 51  GLY A O   1 
ATOM   389  N N   . GLY A 1 52 ? 2.446   -10.158 -8.897  1.00 50.13 ? 52  GLY A N   1 
ATOM   390  C CA  . GLY A 1 52 ? 1.936   -10.202 -10.270 1.00 50.32 ? 52  GLY A CA  1 
ATOM   391  C C   . GLY A 1 52 ? 0.548   -9.636  -10.513 1.00 50.57 ? 52  GLY A C   1 
ATOM   392  O O   . GLY A 1 52 ? 0.118   -8.720  -9.812  1.00 50.33 ? 52  GLY A O   1 
ATOM   393  N N   . PHE A 1 53 ? -0.143  -10.218 -11.500 1.00 50.51 ? 53  PHE A N   1 
ATOM   394  C CA  . PHE A 1 53 ? -1.397  -9.694  -12.042 1.00 50.49 ? 53  PHE A CA  1 
ATOM   395  C C   . PHE A 1 53 ? -2.600  -10.553 -11.655 1.00 50.72 ? 53  PHE A C   1 
ATOM   396  O O   . PHE A 1 53 ? -2.493  -11.780 -11.625 1.00 49.75 ? 53  PHE A O   1 
ATOM   397  C CB  . PHE A 1 53 ? -1.305  -9.609  -13.571 1.00 50.60 ? 53  PHE A CB  1 
ATOM   398  N N   . ILE A 1 54 ? -3.742  -9.913  -11.392 1.00 50.87 ? 54  ILE A N   1 
ATOM   399  C CA  . ILE A 1 54 ? -4.999  -10.626 -11.158 1.00 50.64 ? 54  ILE A CA  1 
ATOM   400  C C   . ILE A 1 54 ? -6.165  -10.102 -12.006 1.00 49.62 ? 54  ILE A C   1 
ATOM   401  O O   . ILE A 1 54 ? -6.155  -8.963  -12.461 1.00 49.81 ? 54  ILE A O   1 
ATOM   402  C CB  . ILE A 1 54 ? -5.405  -10.593 -9.664  1.00 50.71 ? 54  ILE A CB  1 
ATOM   403  C CG1 . ILE A 1 54 ? -5.596  -9.154  -9.194  1.00 51.77 ? 54  ILE A CG1 1 
ATOM   404  C CG2 . ILE A 1 54 ? -4.345  -11.308 -8.806  1.00 51.83 ? 54  ILE A CG2 1 
ATOM   405  C CD1 . ILE A 1 54 ? -6.376  -9.025  -7.891  1.00 52.53 ? 54  ILE A CD1 1 
ATOM   406  N N   . LYS A 1 55 ? -7.185  -10.934 -12.180 1.00 48.83 ? 55  LYS A N   1 
ATOM   407  C CA  . LYS A 1 55 ? -8.424  -10.518 -12.836 1.00 49.33 ? 55  LYS A CA  1 
ATOM   408  C C   . LYS A 1 55 ? -9.420  -9.936  -11.830 1.00 48.52 ? 55  LYS A C   1 
ATOM   409  O O   . LYS A 1 55 ? -9.634  -10.487 -10.764 1.00 49.12 ? 55  LYS A O   1 
ATOM   410  C CB  . LYS A 1 55 ? -9.046  -11.683 -13.573 1.00 49.25 ? 55  LYS A CB  1 
ATOM   411  N N   . VAL A 1 56 ? -10.043 -8.820  -12.176 1.00 49.06 ? 56  VAL A N   1 
ATOM   412  C CA  . VAL A 1 56 ? -11.002 -8.184  -11.288 1.00 48.84 ? 56  VAL A CA  1 
ATOM   413  C C   . VAL A 1 56 ? -12.194 -7.696  -12.103 1.00 48.76 ? 56  VAL A C   1 
ATOM   414  O O   . VAL A 1 56 ? -12.164 -7.745  -13.332 1.00 47.75 ? 56  VAL A O   1 
ATOM   415  C CB  . VAL A 1 56 ? -10.357 -7.022  -10.504 1.00 48.85 ? 56  VAL A CB  1 
ATOM   416  C CG1 . VAL A 1 56 ? -9.286  -7.542  -9.544  1.00 49.36 ? 56  VAL A CG1 1 
ATOM   417  C CG2 . VAL A 1 56 ? -9.785  -5.953  -11.449 1.00 51.22 ? 56  VAL A CG2 1 
ATOM   418  N N   . ARG A 1 57 ? -13.248 -7.267  -11.414 1.00 48.76 ? 57  ARG A N   1 
ATOM   419  C CA  . ARG A 1 57 ? -14.407 -6.666  -12.069 1.00 49.48 ? 57  ARG A CA  1 
ATOM   420  C C   . ARG A 1 57 ? -14.466 -5.210  -11.656 1.00 49.35 ? 57  ARG A C   1 
ATOM   421  O O   . ARG A 1 57 ? -14.380 -4.888  -10.467 1.00 50.14 ? 57  ARG A O   1 
ATOM   422  C CB  . ARG A 1 57 ? -15.710 -7.383  -11.703 1.00 49.42 ? 57  ARG A CB  1 
ATOM   423  C CG  . ARG A 1 57 ? -15.602 -8.888  -11.766 1.00 49.84 ? 57  ARG A CG  1 
ATOM   424  C CD  . ARG A 1 57 ? -16.955 -9.557  -11.717 1.00 49.77 ? 57  ARG A CD  1 
ATOM   425  N NE  . ARG A 1 57 ? -17.715 -9.143  -10.544 1.00 50.64 ? 57  ARG A NE  1 
ATOM   426  C CZ  . ARG A 1 57 ? -17.747 -9.792  -9.380  1.00 51.55 ? 57  ARG A CZ  1 
ATOM   427  N NH1 . ARG A 1 57 ? -17.036 -10.897 -9.185  1.00 51.24 ? 57  ARG A NH1 1 
ATOM   428  N NH2 . ARG A 1 57 ? -18.497 -9.329  -8.387  1.00 51.89 ? 57  ARG A NH2 1 
ATOM   429  N N   . GLN A 1 58 ? -14.533 -4.336  -12.649 1.00 48.82 ? 58  GLN A N   1 
ATOM   430  C CA  . GLN A 1 58 ? -14.509 -2.903  -12.418 1.00 49.71 ? 58  GLN A CA  1 
ATOM   431  C C   . GLN A 1 58 ? -15.916 -2.346  -12.414 1.00 49.65 ? 58  GLN A C   1 
ATOM   432  O O   . GLN A 1 58 ? -16.609 -2.421  -13.426 1.00 50.67 ? 58  GLN A O   1 
ATOM   433  C CB  . GLN A 1 58 ? -13.688 -2.196  -13.497 1.00 49.37 ? 58  GLN A CB  1 
ATOM   434  C CG  . GLN A 1 58 ? -13.655 -0.679  -13.331 1.00 49.20 ? 58  GLN A CG  1 
ATOM   435  C CD  . GLN A 1 58 ? -12.848 0.016   -14.406 1.00 49.39 ? 58  GLN A CD  1 
ATOM   436  O OE1 . GLN A 1 58 ? -11.965 -0.582  -15.021 1.00 49.72 ? 58  GLN A OE1 1 
ATOM   437  N NE2 . GLN A 1 58 ? -13.152 1.286   -14.642 1.00 47.98 ? 58  GLN A NE2 1 
ATOM   438  N N   . TYR A 1 59 ? -16.308 -1.773  -11.279 1.00 50.57 ? 59  TYR A N   1 
ATOM   439  C CA  . TYR A 1 59 ? -17.543 -1.002  -11.144 1.00 50.90 ? 59  TYR A CA  1 
ATOM   440  C C   . TYR A 1 59 ? -17.232 0.486   -11.005 1.00 51.12 ? 59  TYR A C   1 
ATOM   441  O O   . TYR A 1 59 ? -16.375 0.909   -10.218 1.00 52.52 ? 59  TYR A O   1 
ATOM   442  C CB  . TYR A 1 59 ? -18.345 -1.465  -9.922  1.00 51.37 ? 59  TYR A CB  1 
ATOM   443  C CG  . TYR A 1 59 ? -18.752 -2.912  -9.974  1.00 51.44 ? 59  TYR A CG  1 
ATOM   444  C CD1 . TYR A 1 59 ? -17.844 -3.924  -9.660  1.00 51.62 ? 59  TYR A CD1 1 
ATOM   445  C CD2 . TYR A 1 59 ? -20.046 -3.276  -10.335 1.00 51.72 ? 59  TYR A CD2 1 
ATOM   446  C CE1 . TYR A 1 59 ? -18.208 -5.266  -9.719  1.00 50.93 ? 59  TYR A CE1 1 
ATOM   447  C CE2 . TYR A 1 59 ? -20.419 -4.610  -10.391 1.00 51.90 ? 59  TYR A CE2 1 
ATOM   448  C CZ  . TYR A 1 59 ? -19.499 -5.601  -10.086 1.00 51.91 ? 59  TYR A CZ  1 
ATOM   449  O OH  . TYR A 1 59 ? -19.890 -6.925  -10.155 1.00 51.10 ? 59  TYR A OH  1 
ATOM   450  N N   . ASP A 1 60 ? -17.925 1.285   -11.800 1.00 51.39 ? 60  ASP A N   1 
ATOM   451  C CA  . ASP A 1 60 ? -17.725 2.727   -11.812 1.00 51.22 ? 60  ASP A CA  1 
ATOM   452  C C   . ASP A 1 60 ? -18.790 3.438   -10.986 1.00 50.75 ? 60  ASP A C   1 
ATOM   453  O O   . ASP A 1 60 ? -19.929 2.965   -10.906 1.00 50.03 ? 60  ASP A O   1 
ATOM   454  C CB  . ASP A 1 60 ? -17.766 3.237   -13.249 1.00 51.35 ? 60  ASP A CB  1 
ATOM   455  C CG  . ASP A 1 60 ? -16.567 2.777   -14.053 1.00 53.00 ? 60  ASP A CG  1 
ATOM   456  O OD1 . ASP A 1 60 ? -15.444 2.799   -13.498 1.00 53.82 ? 60  ASP A OD1 1 
ATOM   457  O OD2 . ASP A 1 60 ? -16.752 2.404   -15.233 1.00 54.35 ? 60  ASP A OD2 1 
ATOM   458  N N   . GLN A 1 61 ? -18.412 4.586   -10.425 1.00 50.04 ? 61  GLN A N   1 
ATOM   459  C CA  . GLN A 1 61 ? -19.345 5.515   -9.789  1.00 50.61 ? 61  GLN A CA  1 
ATOM   460  C C   . GLN A 1 61 ? -20.137 4.796   -8.693  1.00 50.31 ? 61  GLN A C   1 
ATOM   461  O O   . GLN A 1 61 ? -21.373 4.835   -8.661  1.00 49.98 ? 61  GLN A O   1 
ATOM   462  C CB  . GLN A 1 61 ? -20.262 6.201   -10.831 1.00 50.22 ? 61  GLN A CB  1 
ATOM   463  C CG  . GLN A 1 61 ? -19.934 7.685   -11.056 1.00 51.28 ? 61  GLN A CG  1 
ATOM   464  C CD  . GLN A 1 61 ? -20.912 8.417   -11.969 1.00 52.03 ? 61  GLN A CD  1 
ATOM   465  O OE1 . GLN A 1 61 ? -20.846 8.288   -13.191 1.00 54.03 ? 61  GLN A OE1 1 
ATOM   466  N NE2 . GLN A 1 61 ? -21.795 9.229   -11.378 1.00 51.85 ? 61  GLN A NE2 1 
ATOM   467  N N   . ILE A 1 62 ? -19.403 4.111   -7.817  1.00 49.88 ? 62  ILE A N   1 
ATOM   468  C CA  . ILE A 1 62 ? -20.005 3.407   -6.690  1.00 50.28 ? 62  ILE A CA  1 
ATOM   469  C C   . ILE A 1 62 ? -19.821 4.231   -5.412  1.00 50.34 ? 62  ILE A C   1 
ATOM   470  O O   . ILE A 1 62 ? -18.704 4.641   -5.070  1.00 49.07 ? 62  ILE A O   1 
ATOM   471  C CB  . ILE A 1 62 ? -19.387 2.003   -6.496  1.00 50.20 ? 62  ILE A CB  1 
ATOM   472  C CG1 . ILE A 1 62 ? -19.631 1.126   -7.735  1.00 50.83 ? 62  ILE A CG1 1 
ATOM   473  C CG2 . ILE A 1 62 ? -19.953 1.338   -5.244  1.00 50.85 ? 62  ILE A CG2 1 
ATOM   474  C CD1 . ILE A 1 62 ? -21.080 0.647   -7.939  1.00 51.94 ? 62  ILE A CD1 1 
ATOM   475  N N   . PRO A 1 63 ? -20.924 4.466   -4.685  1.00 51.03 ? 63  PRO A N   1 
ATOM   476  C CA  . PRO A 1 63 ? -20.828 5.182   -3.417  1.00 51.44 ? 63  PRO A CA  1 
ATOM   477  C C   . PRO A 1 63 ? -20.275 4.299   -2.298  1.00 52.02 ? 63  PRO A C   1 
ATOM   478  O O   . PRO A 1 63 ? -20.685 3.138   -2.149  1.00 51.53 ? 63  PRO A O   1 
ATOM   479  C CB  . PRO A 1 63 ? -22.280 5.609   -3.131  1.00 51.22 ? 63  PRO A CB  1 
ATOM   480  C CG  . PRO A 1 63 ? -23.067 5.244   -4.322  1.00 51.29 ? 63  PRO A CG  1 
ATOM   481  C CD  . PRO A 1 63 ? -22.325 4.139   -5.006  1.00 51.12 ? 63  PRO A CD  1 
ATOM   482  N N   . ILE A 1 64 ? -19.289 4.825   -1.574  1.00 53.11 ? 64  ILE A N   1 
ATOM   483  C CA  . ILE A 1 64 ? -18.714 4.159   -0.396  1.00 54.29 ? 64  ILE A CA  1 
ATOM   484  C C   . ILE A 1 64 ? -18.478 5.216   0.686   1.00 54.85 ? 64  ILE A C   1 
ATOM   485  O O   . ILE A 1 64 ? -17.996 6.323   0.390   1.00 55.09 ? 64  ILE A O   1 
ATOM   486  C CB  . ILE A 1 64 ? -17.330 3.532   -0.678  1.00 54.80 ? 64  ILE A CB  1 
ATOM   487  C CG1 . ILE A 1 64 ? -17.393 2.404   -1.701  1.00 56.07 ? 64  ILE A CG1 1 
ATOM   488  C CG2 . ILE A 1 64 ? -16.745 2.933   0.589   1.00 54.59 ? 64  ILE A CG2 1 
ATOM   489  C CD1 . ILE A 1 64 ? -16.063 1.646   -1.824  1.00 55.94 ? 64  ILE A CD1 1 
ATOM   490  N N   . GLU A 1 65 ? -18.829 4.882   1.924   1.00 54.96 ? 65  GLU A N   1 
ATOM   491  C CA  . GLU A 1 65 ? -18.517 5.717   3.079   1.00 55.51 ? 65  GLU A CA  1 
ATOM   492  C C   . GLU A 1 65 ? -17.342 5.122   3.834   1.00 54.94 ? 65  GLU A C   1 
ATOM   493  O O   . GLU A 1 65 ? -17.350 3.958   4.225   1.00 54.05 ? 65  GLU A O   1 
ATOM   494  C CB  . GLU A 1 65 ? -19.708 5.850   4.036   1.00 55.24 ? 65  GLU A CB  1 
ATOM   495  C CG  . GLU A 1 65 ? -20.945 6.366   3.360   1.00 57.59 ? 65  GLU A CG  1 
ATOM   496  C CD  . GLU A 1 65 ? -21.930 7.004   4.316   1.00 57.66 ? 65  GLU A CD  1 
ATOM   497  O OE1 . GLU A 1 65 ? -21.941 6.635   5.518   1.00 59.15 ? 65  GLU A OE1 1 
ATOM   498  O OE2 . GLU A 1 65 ? -22.691 7.882   3.837   1.00 59.00 ? 65  GLU A OE2 1 
ATOM   499  N N   . ILE A 1 66 ? -16.336 5.960   4.047   1.00 55.00 ? 66  ILE A N   1 
ATOM   500  C CA  . ILE A 1 66 ? -15.104 5.538   4.679   1.00 54.62 ? 66  ILE A CA  1 
ATOM   501  C C   . ILE A 1 66 ? -14.962 6.360   5.954   1.00 54.46 ? 66  ILE A C   1 
ATOM   502  O O   . ILE A 1 66 ? -14.822 7.579   5.889   1.00 53.53 ? 66  ILE A O   1 
ATOM   503  C CB  . ILE A 1 66 ? -13.919 5.815   3.742   1.00 54.02 ? 66  ILE A CB  1 
ATOM   504  C CG1 . ILE A 1 66 ? -14.126 5.093   2.403   1.00 54.99 ? 66  ILE A CG1 1 
ATOM   505  C CG2 . ILE A 1 66 ? -12.615 5.443   4.437   1.00 54.14 ? 66  ILE A CG2 1 
ATOM   506  C CD1 . ILE A 1 66 ? -13.342 5.659   1.239   1.00 54.61 ? 66  ILE A CD1 1 
ATOM   507  N N   . CYS A 1 67 ? -15.002 5.700   7.108   1.00 54.99 ? 67  CYS A N   1 
ATOM   508  C CA  . CYS A 1 67 ? -15.004 6.412   8.392   1.00 55.23 ? 67  CYS A CA  1 
ATOM   509  C C   . CYS A 1 67 ? -15.993 7.566   8.374   1.00 54.44 ? 67  CYS A C   1 
ATOM   510  O O   . CYS A 1 67 ? -15.704 8.634   8.903   1.00 54.74 ? 67  CYS A O   1 
ATOM   511  C CB  . CYS A 1 67 ? -13.623 6.990   8.719   1.00 55.33 ? 67  CYS A CB  1 
ATOM   512  S SG  . CYS A 1 67 ? -12.382 5.790   9.173   1.00 61.25 ? 67  CYS A SG  1 
ATOM   513  N N   . GLY A 1 68 ? -17.161 7.352   7.780   1.00 53.89 ? 68  GLY A N   1 
ATOM   514  C CA  . GLY A 1 68 ? -18.180 8.390   7.699   1.00 54.10 ? 68  GLY A CA  1 
ATOM   515  C C   . GLY A 1 68 ? -18.038 9.359   6.534   1.00 53.84 ? 68  GLY A C   1 
ATOM   516  O O   . GLY A 1 68 ? -18.964 10.116  6.258   1.00 54.52 ? 68  GLY A O   1 
ATOM   517  N N   . HIS A 1 69 ? -16.887 9.364   5.868   1.00 53.18 ? 69  HIS A N   1 
ATOM   518  C CA  . HIS A 1 69 ? -16.636 10.297  4.770   1.00 53.17 ? 69  HIS A CA  1 
ATOM   519  C C   . HIS A 1 69 ? -17.117 9.658   3.462   1.00 52.70 ? 69  HIS A C   1 
ATOM   520  O O   . HIS A 1 69 ? -16.836 8.490   3.190   1.00 51.27 ? 69  HIS A O   1 
ATOM   521  C CB  . HIS A 1 69 ? -15.149 10.665  4.676   1.00 52.83 ? 69  HIS A CB  1 
ATOM   522  C CG  . HIS A 1 69 ? -14.698 11.666  5.699   1.00 53.90 ? 69  HIS A CG  1 
ATOM   523  N ND1 . HIS A 1 69 ? -14.826 11.458  7.056   1.00 55.02 ? 69  HIS A ND1 1 
ATOM   524  C CD2 . HIS A 1 69 ? -14.104 12.875  5.558   1.00 53.40 ? 69  HIS A CD2 1 
ATOM   525  C CE1 . HIS A 1 69 ? -14.352 12.506  7.705   1.00 54.90 ? 69  HIS A CE1 1 
ATOM   526  N NE2 . HIS A 1 69 ? -13.898 13.376  6.821   1.00 55.07 ? 69  HIS A NE2 1 
ATOM   527  N N   . LYS A 1 70 ? -17.854 10.428  2.665   1.00 52.81 ? 70  LYS A N   1 
ATOM   528  C CA  . LYS A 1 70 ? -18.554 9.893   1.506   1.00 52.95 ? 70  LYS A CA  1 
ATOM   529  C C   . LYS A 1 70 ? -17.661 9.963   0.276   1.00 52.53 ? 70  LYS A C   1 
ATOM   530  O O   . LYS A 1 70 ? -17.069 10.997  -0.014  1.00 53.25 ? 70  LYS A O   1 
ATOM   531  C CB  . LYS A 1 70 ? -19.831 10.693  1.244   1.00 53.83 ? 70  LYS A CB  1 
ATOM   532  C CG  . LYS A 1 70 ? -20.940 10.545  2.285   1.00 54.79 ? 70  LYS A CG  1 
ATOM   533  C CD  . LYS A 1 70 ? -22.156 11.395  1.896   1.00 54.81 ? 70  LYS A CD  1 
ATOM   534  C CE  . LYS A 1 70 ? -23.488 10.720  2.223   1.00 57.60 ? 70  LYS A CE  1 
ATOM   535  N NZ  . LYS A 1 70 ? -24.484 10.835  1.106   1.00 59.31 ? 70  LYS A NZ  1 
ATOM   536  N N   . ALA A 1 71 ? -17.539 8.857   -0.445  1.00 51.64 ? 71  ALA A N   1 
ATOM   537  C CA  . ALA A 1 71 ? -16.914 8.890   -1.757  1.00 51.18 ? 71  ALA A CA  1 
ATOM   538  C C   . ALA A 1 71 ? -17.814 8.193   -2.765  1.00 50.78 ? 71  ALA A C   1 
ATOM   539  O O   . ALA A 1 71 ? -18.684 7.403   -2.404  1.00 50.55 ? 71  ALA A O   1 
ATOM   540  C CB  . ALA A 1 71 ? -15.535 8.243   -1.719  1.00 50.85 ? 71  ALA A CB  1 
ATOM   541  N N   . ILE A 1 72 ? -17.602 8.532   -4.030  1.00 50.65 ? 72  ILE A N   1 
ATOM   542  C CA  . ILE A 1 72 ? -18.263 7.896   -5.155  1.00 50.21 ? 72  ILE A CA  1 
ATOM   543  C C   . ILE A 1 72 ? -17.208 7.757   -6.243  1.00 50.24 ? 72  ILE A C   1 
ATOM   544  O O   . ILE A 1 72 ? -16.734 8.744   -6.820  1.00 50.35 ? 72  ILE A O   1 
ATOM   545  C CB  . ILE A 1 72 ? -19.468 8.691   -5.714  1.00 50.01 ? 72  ILE A CB  1 
ATOM   546  C CG1 . ILE A 1 72 ? -20.326 9.286   -4.596  1.00 48.91 ? 72  ILE A CG1 1 
ATOM   547  C CG2 . ILE A 1 72 ? -20.332 7.796   -6.607  1.00 49.27 ? 72  ILE A CG2 1 
ATOM   548  C CD1 . ILE A 1 72 ? -21.569 9.969   -5.107  1.00 50.78 ? 72  ILE A CD1 1 
ATOM   549  N N   . GLY A 1 73 ? -16.847 6.515   -6.536  1.00 50.73 ? 73  GLY A N   1 
ATOM   550  C CA  . GLY A 1 73 ? -15.856 6.282   -7.577  1.00 51.03 ? 73  GLY A CA  1 
ATOM   551  C C   . GLY A 1 73 ? -15.710 4.834   -7.963  1.00 50.70 ? 73  GLY A C   1 
ATOM   552  O O   . GLY A 1 73 ? -16.614 4.014   -7.784  1.00 50.60 ? 73  GLY A O   1 
ATOM   553  N N   . THR A 1 74 ? -14.545 4.521   -8.505  1.00 51.38 ? 74  THR A N   1 
ATOM   554  C CA  . THR A 1 74 ? -14.329 3.204   -9.084  1.00 51.74 ? 74  THR A CA  1 
ATOM   555  C C   . THR A 1 74 ? -13.902 2.219   -8.017  1.00 51.39 ? 74  THR A C   1 
ATOM   556  O O   . THR A 1 74 ? -13.007 2.483   -7.200  1.00 52.48 ? 74  THR A O   1 
ATOM   557  C CB  . THR A 1 74 ? -13.296 3.233   -10.220 1.00 51.39 ? 74  THR A CB  1 
ATOM   558  O OG1 . THR A 1 74 ? -13.795 4.069   -11.265 1.00 51.79 ? 74  THR A OG1 1 
ATOM   559  C CG2 . THR A 1 74 ? -13.046 1.842   -10.768 1.00 52.71 ? 74  THR A CG2 1 
ATOM   560  N N   . VAL A 1 75 ? -14.550 1.064   -8.057  1.00 51.44 ? 75  VAL A N   1 
ATOM   561  C CA  . VAL A 1 75 ? -14.287 -0.003  -7.116  1.00 50.75 ? 75  VAL A CA  1 
ATOM   562  C C   . VAL A 1 75 ? -14.059 -1.298  -7.898  1.00 49.90 ? 75  VAL A C   1 
ATOM   563  O O   . VAL A 1 75 ? -14.846 -1.663  -8.781  1.00 49.72 ? 75  VAL A O   1 
ATOM   564  C CB  . VAL A 1 75 ? -15.446 -0.123  -6.126  1.00 51.96 ? 75  VAL A CB  1 
ATOM   565  C CG1 . VAL A 1 75 ? -15.265 -1.312  -5.221  1.00 53.27 ? 75  VAL A CG1 1 
ATOM   566  C CG2 . VAL A 1 75 ? -15.592 1.164   -5.317  1.00 53.18 ? 75  VAL A CG2 1 
ATOM   567  N N   . LEU A 1 76 ? -12.939 -1.955  -7.620  1.00 47.89 ? 76  LEU A N   1 
ATOM   568  C CA  . LEU A 1 76 ? -12.601 -3.187  -8.314  1.00 47.92 ? 76  LEU A CA  1 
ATOM   569  C C   . LEU A 1 76 ? -12.896 -4.292  -7.324  1.00 47.06 ? 76  LEU A C   1 
ATOM   570  O O   . LEU A 1 76 ? -12.677 -4.117  -6.122  1.00 46.55 ? 76  LEU A O   1 
ATOM   571  C CB  . LEU A 1 76 ? -11.126 -3.236  -8.738  1.00 47.67 ? 76  LEU A CB  1 
ATOM   572  C CG  . LEU A 1 76 ? -10.577 -1.977  -9.402  1.00 47.94 ? 76  LEU A CG  1 
ATOM   573  C CD1 . LEU A 1 76 ? -9.064  -2.108  -9.604  1.00 47.72 ? 76  LEU A CD1 1 
ATOM   574  C CD2 . LEU A 1 76 ? -11.315 -1.740  -10.721 1.00 47.37 ? 76  LEU A CD2 1 
ATOM   575  N N   . VAL A 1 77 ? -13.405 -5.406  -7.834  1.00 45.51 ? 77  VAL A N   1 
ATOM   576  C CA  . VAL A 1 77 ? -13.733 -6.542  -6.992  1.00 45.80 ? 77  VAL A CA  1 
ATOM   577  C C   . VAL A 1 77 ? -13.038 -7.759  -7.572  1.00 45.77 ? 77  VAL A C   1 
ATOM   578  O O   . VAL A 1 77 ? -13.141 -8.033  -8.763  1.00 44.87 ? 77  VAL A O   1 
ATOM   579  C CB  . VAL A 1 77 ? -15.254 -6.789  -6.949  1.00 45.74 ? 77  VAL A CB  1 
ATOM   580  C CG1 . VAL A 1 77 ? -15.595 -8.155  -6.348  1.00 46.95 ? 77  VAL A CG1 1 
ATOM   581  C CG2 . VAL A 1 77 ? -15.963 -5.663  -6.211  1.00 44.70 ? 77  VAL A CG2 1 
ATOM   582  N N   . GLY A 1 78 ? -12.293 -8.448  -6.722  1.00 46.12 ? 78  GLY A N   1 
ATOM   583  C CA  . GLY A 1 78 ? -11.656 -9.702  -7.090  1.00 45.86 ? 78  GLY A CA  1 
ATOM   584  C C   . GLY A 1 78 ? -10.847 -10.237 -5.924  1.00 46.07 ? 78  GLY A C   1 
ATOM   585  O O   . GLY A 1 78 ? -11.039 -9.783  -4.781  1.00 46.08 ? 78  GLY A O   1 
ATOM   586  N N   . PRO A 1 79 ? -9.908  -11.158 -6.212  1.00 45.04 ? 79  PRO A N   1 
ATOM   587  C CA  . PRO A 1 79 ? -9.163  -11.921 -5.211  1.00 45.29 ? 79  PRO A CA  1 
ATOM   588  C C   . PRO A 1 79 ? -8.028  -11.156 -4.531  1.00 45.51 ? 79  PRO A C   1 
ATOM   589  O O   . PRO A 1 79 ? -6.885  -11.582 -4.542  1.00 45.22 ? 79  PRO A O   1 
ATOM   590  C CB  . PRO A 1 79 ? -8.624  -13.113 -6.008  1.00 45.28 ? 79  PRO A CB  1 
ATOM   591  C CG  . PRO A 1 79 ? -8.532  -12.654 -7.425  1.00 43.83 ? 79  PRO A CG  1 
ATOM   592  C CD  . PRO A 1 79 ? -9.496  -11.499 -7.586  1.00 46.23 ? 79  PRO A CD  1 
ATOM   593  N N   . THR A 1 80 ? -8.341  -9.998  -3.968  1.00 46.38 ? 80  THR A N   1 
ATOM   594  C CA  . THR A 1 80 ? -7.385  -9.278  -3.142  1.00 46.58 ? 80  THR A CA  1 
ATOM   595  C C   . THR A 1 80 ? -7.250  -9.961  -1.776  1.00 47.08 ? 80  THR A C   1 
ATOM   596  O O   . THR A 1 80 ? -8.232  -10.486 -1.250  1.00 48.21 ? 80  THR A O   1 
ATOM   597  C CB  . THR A 1 80 ? -7.817  -7.822  -2.982  1.00 46.47 ? 80  THR A CB  1 
ATOM   598  O OG1 . THR A 1 80 ? -6.888  -7.147  -2.131  1.00 46.87 ? 80  THR A OG1 1 
ATOM   599  C CG2 . THR A 1 80 ? -9.242  -7.731  -2.428  1.00 46.99 ? 80  THR A CG2 1 
ATOM   600  N N   . PRO A 1 81 ? -6.030  -9.995  -1.210  1.00 47.35 ? 81  PRO A N   1 
ATOM   601  C CA  . PRO A 1 81 ? -5.823  -10.575 0.111   1.00 47.06 ? 81  PRO A CA  1 
ATOM   602  C C   . PRO A 1 81 ? -6.606  -9.888  1.226   1.00 47.30 ? 81  PRO A C   1 
ATOM   603  O O   . PRO A 1 81 ? -6.927  -10.521 2.228   1.00 46.63 ? 81  PRO A O   1 
ATOM   604  C CB  . PRO A 1 81 ? -4.327  -10.358 0.355   1.00 47.32 ? 81  PRO A CB  1 
ATOM   605  C CG  . PRO A 1 81 ? -3.738  -10.236 -1.006  1.00 47.87 ? 81  PRO A CG  1 
ATOM   606  C CD  . PRO A 1 81 ? -4.766  -9.488  -1.770  1.00 47.30 ? 81  PRO A CD  1 
ATOM   607  N N   . VAL A 1 82 ? -6.865  -8.596  1.058   1.00 46.99 ? 82  VAL A N   1 
ATOM   608  C CA  . VAL A 1 82 ? -7.614  -7.827  2.039   1.00 47.27 ? 82  VAL A CA  1 
ATOM   609  C C   . VAL A 1 82 ? -8.358  -6.714  1.293   1.00 47.04 ? 82  VAL A C   1 
ATOM   610  O O   . VAL A 1 82 ? -7.977  -6.355  0.169   1.00 46.63 ? 82  VAL A O   1 
ATOM   611  C CB  . VAL A 1 82 ? -6.651  -7.319  3.152   1.00 47.73 ? 82  VAL A CB  1 
ATOM   612  C CG1 . VAL A 1 82 ? -5.791  -6.171  2.672   1.00 48.52 ? 82  VAL A CG1 1 
ATOM   613  C CG2 . VAL A 1 82 ? -7.413  -6.936  4.404   1.00 48.62 ? 82  VAL A CG2 1 
ATOM   614  N N   . ASN A 1 83 ? -9.452  -6.212  1.859   1.00 46.89 ? 83  ASN A N   1 
ATOM   615  C CA  . ASN A 1 83 ? -10.096 -5.045  1.271   1.00 47.39 ? 83  ASN A CA  1 
ATOM   616  C C   . ASN A 1 83 ? -9.138  -3.861  1.355   1.00 47.62 ? 83  ASN A C   1 
ATOM   617  O O   . ASN A 1 83 ? -8.577  -3.565  2.420   1.00 46.38 ? 83  ASN A O   1 
ATOM   618  C CB  . ASN A 1 83 ? -11.417 -4.671  1.958   1.00 47.58 ? 83  ASN A CB  1 
ATOM   619  C CG  . ASN A 1 83 ? -12.489 -5.719  1.793   1.00 48.08 ? 83  ASN A CG  1 
ATOM   620  O OD1 . ASN A 1 83 ? -12.691 -6.264  0.704   1.00 48.32 ? 83  ASN A OD1 1 
ATOM   621  N ND2 . ASN A 1 83 ? -13.206 -5.994  2.875   1.00 43.56 ? 83  ASN A ND2 1 
ATOM   622  N N   . ILE A 1 84 ? -8.992  -3.173  0.225   1.00 47.46 ? 84  ILE A N   1 
ATOM   623  C CA  . ILE A 1 84 ? -8.029  -2.100  0.072   1.00 47.72 ? 84  ILE A CA  1 
ATOM   624  C C   . ILE A 1 84 ? -8.698  -0.830  -0.438  1.00 46.87 ? 84  ILE A C   1 
ATOM   625  O O   . ILE A 1 84 ? -9.296  -0.829  -1.517  1.00 48.77 ? 84  ILE A O   1 
ATOM   626  C CB  . ILE A 1 84 ? -6.953  -2.534  -0.932  1.00 48.34 ? 84  ILE A CB  1 
ATOM   627  C CG1 . ILE A 1 84 ? -5.977  -3.503  -0.262  1.00 48.87 ? 84  ILE A CG1 1 
ATOM   628  C CG2 . ILE A 1 84 ? -6.206  -1.335  -1.470  1.00 50.33 ? 84  ILE A CG2 1 
ATOM   629  C CD1 . ILE A 1 84 ? -5.229  -4.397  -1.244  1.00 50.15 ? 84  ILE A CD1 1 
ATOM   630  N N   . ILE A 1 85 ? -8.581  0.247   0.329   1.00 45.62 ? 85  ILE A N   1 
ATOM   631  C CA  . ILE A 1 85 ? -8.939  1.567   -0.151  1.00 45.40 ? 85  ILE A CA  1 
ATOM   632  C C   . ILE A 1 85 ? -7.709  2.273   -0.732  1.00 44.87 ? 85  ILE A C   1 
ATOM   633  O O   . ILE A 1 85 ? -6.757  2.617   -0.014  1.00 43.53 ? 85  ILE A O   1 
ATOM   634  C CB  . ILE A 1 85 ? -9.539  2.455   0.946   1.00 44.88 ? 85  ILE A CB  1 
ATOM   635  C CG1 . ILE A 1 85 ? -10.727 1.769   1.624   1.00 45.76 ? 85  ILE A CG1 1 
ATOM   636  C CG2 . ILE A 1 85 ? -9.953  3.810   0.355   1.00 45.51 ? 85  ILE A CG2 1 
ATOM   637  C CD1 . ILE A 1 85 ? -11.869 1.396   0.682   1.00 45.43 ? 85  ILE A CD1 1 
ATOM   638  N N   . GLY A 1 86 ? -7.764  2.525   -2.035  1.00 44.85 ? 86  GLY A N   1 
ATOM   639  C CA  . GLY A 1 86 ? -6.665  3.157   -2.751  1.00 44.69 ? 86  GLY A CA  1 
ATOM   640  C C   . GLY A 1 86 ? -6.795  4.653   -2.994  1.00 45.16 ? 86  GLY A C   1 
ATOM   641  O O   . GLY A 1 86 ? -7.771  5.295   -2.598  1.00 46.10 ? 86  GLY A O   1 
ATOM   642  N N   . ARG A 1 87 ? -5.786  5.210   -3.662  1.00 45.28 ? 87  ARG A N   1 
ATOM   643  C CA  . ARG A 1 87 ? -5.638  6.651   -3.785  1.00 45.26 ? 87  ARG A CA  1 
ATOM   644  C C   . ARG A 1 87 ? -6.824  7.316   -4.492  1.00 46.11 ? 87  ARG A C   1 
ATOM   645  O O   . ARG A 1 87 ? -7.109  8.489   -4.247  1.00 46.06 ? 87  ARG A O   1 
ATOM   646  C CB  . ARG A 1 87 ? -4.329  7.007   -4.486  1.00 45.12 ? 87  ARG A CB  1 
ATOM   647  C CG  . ARG A 1 87 ? -3.059  6.694   -3.686  1.00 45.19 ? 87  ARG A CG  1 
ATOM   648  C CD  . ARG A 1 87 ? -1.800  7.210   -4.367  1.00 44.16 ? 87  ARG A CD  1 
ATOM   649  N NE  . ARG A 1 87 ? -1.628  6.636   -5.704  1.00 43.55 ? 87  ARG A NE  1 
ATOM   650  C CZ  . ARG A 1 87 ? -1.948  7.230   -6.855  1.00 43.66 ? 87  ARG A CZ  1 
ATOM   651  N NH1 . ARG A 1 87 ? -2.469  8.451   -6.902  1.00 42.41 ? 87  ARG A NH1 1 
ATOM   652  N NH2 . ARG A 1 87 ? -1.764  6.572   -7.987  1.00 42.93 ? 87  ARG A NH2 1 
ATOM   653  N N   . ASN A 1 88 ? -7.519  6.578   -5.355  1.00 47.02 ? 88  ASN A N   1 
ATOM   654  C CA  . ASN A 1 88 ? -8.644  7.143   -6.087  1.00 47.09 ? 88  ASN A CA  1 
ATOM   655  C C   . ASN A 1 88 ? -9.735  7.614   -5.122  1.00 47.70 ? 88  ASN A C   1 
ATOM   656  O O   . ASN A 1 88 ? -10.374 8.625   -5.383  1.00 49.16 ? 88  ASN A O   1 
ATOM   657  C CB  . ASN A 1 88 ? -9.206  6.153   -7.118  1.00 47.77 ? 88  ASN A CB  1 
ATOM   658  C CG  . ASN A 1 88 ? -9.931  4.946   -6.484  1.00 47.86 ? 88  ASN A CG  1 
ATOM   659  O OD1 . ASN A 1 88 ? -9.397  4.265   -5.605  1.00 47.31 ? 88  ASN A OD1 1 
ATOM   660  N ND2 . ASN A 1 88 ? -11.144 4.666   -6.970  1.00 48.07 ? 88  ASN A ND2 1 
ATOM   661  N N   . LEU A 1 89 ? -9.929  6.903   -4.013  1.00 46.73 ? 89  LEU A N   1 
ATOM   662  C CA  . LEU A 1 89 ? -10.930 7.278   -3.013  1.00 46.60 ? 89  LEU A CA  1 
ATOM   663  C C   . LEU A 1 89 ? -10.310 8.028   -1.831  1.00 46.68 ? 89  LEU A C   1 
ATOM   664  O O   . LEU A 1 89 ? -10.968 8.833   -1.180  1.00 47.16 ? 89  LEU A O   1 
ATOM   665  C CB  . LEU A 1 89 ? -11.679 6.036   -2.517  1.00 47.28 ? 89  LEU A CB  1 
ATOM   666  C CG  . LEU A 1 89 ? -12.386 5.219   -3.613  1.00 47.44 ? 89  LEU A CG  1 
ATOM   667  C CD1 . LEU A 1 89 ? -13.292 4.145   -3.032  1.00 49.10 ? 89  LEU A CD1 1 
ATOM   668  C CD2 . LEU A 1 89 ? -13.204 6.094   -4.567  1.00 47.47 ? 89  LEU A CD2 1 
ATOM   669  N N   . LEU A 1 90 ? -9.048  7.762   -1.526  1.00 46.28 ? 90  LEU A N   1 
ATOM   670  C CA  . LEU A 1 90 ? -8.384  8.504   -0.467  1.00 46.25 ? 90  LEU A CA  1 
ATOM   671  C C   . LEU A 1 90 ? -8.383  9.998   -0.759  1.00 46.54 ? 90  LEU A C   1 
ATOM   672  O O   . LEU A 1 90 ? -8.553  10.816  0.138   1.00 46.29 ? 90  LEU A O   1 
ATOM   673  C CB  . LEU A 1 90 ? -6.959  7.988   -0.262  1.00 45.66 ? 90  LEU A CB  1 
ATOM   674  C CG  . LEU A 1 90 ? -6.846  6.568   0.293   1.00 44.59 ? 90  LEU A CG  1 
ATOM   675  C CD1 . LEU A 1 90 ? -5.386  6.188   0.425   1.00 44.40 ? 90  LEU A CD1 1 
ATOM   676  C CD2 . LEU A 1 90 ? -7.575  6.477   1.613   1.00 43.60 ? 90  LEU A CD2 1 
ATOM   677  N N   . THR A 1 91 ? -8.165  10.347  -2.023  1.00 47.45 ? 91  THR A N   1 
ATOM   678  C CA  . THR A 1 91 ? -8.147  11.728  -2.429  1.00 47.29 ? 91  THR A CA  1 
ATOM   679  C C   . THR A 1 91 ? -9.548  12.308  -2.276  1.00 47.66 ? 91  THR A C   1 
ATOM   680  O O   . THR A 1 91 ? -9.706  13.449  -1.856  1.00 47.28 ? 91  THR A O   1 
ATOM   681  C CB  . THR A 1 91 ? -7.658  11.904  -3.883  1.00 48.52 ? 91  THR A CB  1 
ATOM   682  O OG1 . THR A 1 91 ? -8.496  11.157  -4.781  1.00 47.53 ? 91  THR A OG1 1 
ATOM   683  C CG2 . THR A 1 91 ? -6.191  11.448  -4.031  1.00 46.83 ? 91  THR A CG2 1 
ATOM   684  N N   . GLN A 1 92 ? -10.567 11.531  -2.612  1.00 46.97 ? 92  GLN A N   1 
ATOM   685  C CA  . GLN A 1 92 ? -11.920 12.042  -2.458  1.00 46.87 ? 92  GLN A CA  1 
ATOM   686  C C   . GLN A 1 92 ? -12.256 12.413  -1.012  1.00 47.16 ? 92  GLN A C   1 
ATOM   687  O O   . GLN A 1 92 ? -12.942 13.410  -0.812  1.00 46.25 ? 92  GLN A O   1 
ATOM   688  C CB  . GLN A 1 92 ? -12.973 11.082  -2.994  1.00 45.76 ? 92  GLN A CB  1 
ATOM   689  C CG  . GLN A 1 92 ? -12.957 10.933  -4.494  1.00 45.58 ? 92  GLN A CG  1 
ATOM   690  C CD  . GLN A 1 92 ? -14.201 10.232  -4.989  1.00 45.70 ? 92  GLN A CD  1 
ATOM   691  O OE1 . GLN A 1 92 ? -15.217 10.210  -4.294  1.00 44.36 ? 92  GLN A OE1 1 
ATOM   692  N NE2 . GLN A 1 92 ? -14.125 9.629   -6.173  1.00 40.93 ? 92  GLN A NE2 1 
ATOM   693  N N   . ILE A 1 93 ? -11.827 11.618  -0.028  1.00 47.53 ? 93  ILE A N   1 
ATOM   694  C CA  . ILE A 1 93 ? -12.126 11.952  1.379   1.00 47.71 ? 93  ILE A CA  1 
ATOM   695  C C   . ILE A 1 93 ? -11.120 12.917  2.026   1.00 48.24 ? 93  ILE A C   1 
ATOM   696  O O   . ILE A 1 93 ? -11.185 13.149  3.229   1.00 46.84 ? 93  ILE A O   1 
ATOM   697  C CB  . ILE A 1 93 ? -12.271 10.706  2.278   1.00 48.43 ? 93  ILE A CB  1 
ATOM   698  C CG1 . ILE A 1 93 ? -10.966 9.912   2.369   1.00 48.05 ? 93  ILE A CG1 1 
ATOM   699  C CG2 . ILE A 1 93 ? -13.405 9.805   1.775   1.00 47.99 ? 93  ILE A CG2 1 
ATOM   700  C CD1 . ILE A 1 93 ? -11.073 8.705   3.288   1.00 48.42 ? 93  ILE A CD1 1 
ATOM   701  N N   . GLY A 1 94 ? -10.158 13.405  1.244   1.00 48.34 ? 94  GLY A N   1 
ATOM   702  C CA  . GLY A 1 94 ? -9.238  14.436  1.696   1.00 49.32 ? 94  GLY A CA  1 
ATOM   703  C C   . GLY A 1 94 ? -8.061  13.898  2.481   1.00 49.25 ? 94  GLY A C   1 
ATOM   704  O O   . GLY A 1 94 ? -7.469  14.617  3.282   1.00 48.16 ? 94  GLY A O   1 
ATOM   705  N N   . CYS A 1 95 ? -7.712  12.642  2.232   1.00 50.41 ? 95  CYS A N   1 
ATOM   706  C CA  . CYS A 1 95 ? -6.687  11.969  3.010   1.00 50.92 ? 95  CYS A CA  1 
ATOM   707  C C   . CYS A 1 95 ? -5.298  12.336  2.488   1.00 51.68 ? 95  CYS A C   1 
ATOM   708  O O   . CYS A 1 95 ? -5.040  12.296  1.275   1.00 52.14 ? 95  CYS A O   1 
ATOM   709  C CB  . CYS A 1 95 ? -6.909  10.450  3.003   1.00 51.53 ? 95  CYS A CB  1 
ATOM   710  S SG  . CYS A 1 95 ? -5.735  9.546   4.043   1.00 53.87 ? 95  CYS A SG  1 
ATOM   711  N N   . THR A 1 96 ? -4.410  12.722  3.403   1.00 51.59 ? 96  THR A N   1 
ATOM   712  C CA  . THR A 1 96 ? -3.004  12.942  3.066   1.00 51.58 ? 96  THR A CA  1 
ATOM   713  C C   . THR A 1 96 ? -2.055  12.190  3.994   1.00 52.45 ? 96  THR A C   1 
ATOM   714  O O   . THR A 1 96 ? -2.443  11.724  5.074   1.00 52.79 ? 96  THR A O   1 
ATOM   715  C CB  . THR A 1 96 ? -2.644  14.426  3.151   1.00 52.54 ? 96  THR A CB  1 
ATOM   716  O OG1 . THR A 1 96 ? -2.906  14.902  4.476   1.00 50.00 ? 96  THR A OG1 1 
ATOM   717  C CG2 . THR A 1 96 ? -3.444  15.242  2.133   1.00 53.31 ? 96  THR A CG2 1 
ATOM   718  N N   . LEU A 1 97 ? -0.800  12.089  3.567   1.00 52.95 ? 97  LEU A N   1 
ATOM   719  C CA  . LEU A 1 97 ? 0.274   11.595  4.427   1.00 51.69 ? 97  LEU A CA  1 
ATOM   720  C C   . LEU A 1 97 ? 1.012   12.782  5.021   1.00 51.55 ? 97  LEU A C   1 
ATOM   721  O O   . LEU A 1 97 ? 1.312   13.744  4.318   1.00 50.34 ? 97  LEU A O   1 
ATOM   722  C CB  . LEU A 1 97 ? 1.283   10.760  3.640   1.00 52.28 ? 97  LEU A CB  1 
ATOM   723  C CG  . LEU A 1 97 ? 0.953   9.314   3.288   1.00 51.73 ? 97  LEU A CG  1 
ATOM   724  C CD1 . LEU A 1 97 ? 1.955   8.831   2.268   1.00 53.00 ? 97  LEU A CD1 1 
ATOM   725  C CD2 . LEU A 1 97 ? 0.998   8.438   4.518   1.00 52.87 ? 97  LEU A CD2 1 
ATOM   726  N N   . ASN A 1 98 ? 1.334   12.698  6.305   1.00 51.09 ? 98  ASN A N   1 
ATOM   727  C CA  . ASN A 1 98 ? 1.935   13.820  7.010   1.00 51.01 ? 98  ASN A CA  1 
ATOM   728  C C   . ASN A 1 98 ? 3.036   13.352  7.940   1.00 50.88 ? 98  ASN A C   1 
ATOM   729  O O   . ASN A 1 98 ? 2.871   12.380  8.681   1.00 50.66 ? 98  ASN A O   1 
ATOM   730  C CB  . ASN A 1 98 ? 0.889   14.591  7.824   1.00 51.03 ? 98  ASN A CB  1 
ATOM   731  C CG  . ASN A 1 98 ? -0.171  15.238  6.959   1.00 51.56 ? 98  ASN A CG  1 
ATOM   732  O OD1 . ASN A 1 98 ? -0.062  16.405  6.592   1.00 52.46 ? 98  ASN A OD1 1 
ATOM   733  N ND2 . ASN A 1 98 ? -1.203  14.487  6.636   1.00 51.43 ? 98  ASN A ND2 1 
ATOM   734  N N   . PHE A 1 99 ? 4.160   14.058  7.907   1.00 50.88 ? 99  PHE A N   1 
ATOM   735  C CA  . PHE A 1 99 ? 5.217   13.812  8.873   1.00 51.26 ? 99  PHE A CA  1 
ATOM   736  C C   . PHE A 1 99 ? 6.080   15.047  9.018   1.00 50.55 ? 99  PHE A C   1 
ATOM   737  O O   . PHE A 1 99 ? 5.701   16.103  8.519   1.00 50.65 ? 99  PHE A O   1 
ATOM   738  C CB  . PHE A 1 99 ? 6.059   12.592  8.481   1.00 51.95 ? 99  PHE A CB  1 
ATOM   739  C CG  . PHE A 1 99 ? 6.817   12.743  7.191   1.00 51.22 ? 99  PHE A CG  1 
ATOM   740  C CD1 . PHE A 1 99 ? 6.162   12.630  5.972   1.00 53.20 ? 99  PHE A CD1 1 
ATOM   741  C CD2 . PHE A 1 99 ? 8.191   12.885  7.195   1.00 51.82 ? 99  PHE A CD2 1 
ATOM   742  C CE1 . PHE A 1 99 ? 6.857   12.718  4.780   1.00 53.26 ? 99  PHE A CE1 1 
ATOM   743  C CE2 . PHE A 1 99 ? 8.902   12.966  6.009   1.00 52.78 ? 99  PHE A CE2 1 
ATOM   744  C CZ  . PHE A 1 99 ? 8.232   12.889  4.795   1.00 53.23 ? 99  PHE A CZ  1 
ATOM   745  O OXT . PHE A 1 99 ? 7.144   14.991  9.628   1.00 49.93 ? 99  PHE A OXT 1 
ATOM   746  N N   . PRO B 1 1  ? 6.434   17.255  6.089   1.00 54.06 ? 1   PRO B N   1 
ATOM   747  C CA  . PRO B 1 1  ? 5.690   17.597  4.890   1.00 53.94 ? 1   PRO B CA  1 
ATOM   748  C C   . PRO B 1 1  ? 4.234   17.144  4.964   1.00 53.34 ? 1   PRO B C   1 
ATOM   749  O O   . PRO B 1 1  ? 3.871   16.383  5.860   1.00 52.69 ? 1   PRO B O   1 
ATOM   750  C CB  . PRO B 1 1  ? 6.422   16.810  3.802   1.00 53.88 ? 1   PRO B CB  1 
ATOM   751  C CG  . PRO B 1 1  ? 7.825   16.599  4.335   1.00 54.45 ? 1   PRO B CG  1 
ATOM   752  C CD  . PRO B 1 1  ? 7.853   17.026  5.779   1.00 54.63 ? 1   PRO B CD  1 
ATOM   753  N N   . GLN B 1 2  ? 3.415   17.652  4.051   1.00 53.32 ? 2   GLN B N   1 
ATOM   754  C CA  . GLN B 1 2  ? 2.136   17.037  3.732   1.00 53.35 ? 2   GLN B CA  1 
ATOM   755  C C   . GLN B 1 2  ? 2.182   16.546  2.284   1.00 53.32 ? 2   GLN B C   1 
ATOM   756  O O   . GLN B 1 2  ? 2.445   17.323  1.363   1.00 52.53 ? 2   GLN B O   1 
ATOM   757  C CB  . GLN B 1 2  ? 0.996   18.034  3.889   1.00 53.53 ? 2   GLN B CB  1 
ATOM   758  C CG  . GLN B 1 2  ? -0.356  17.459  3.474   1.00 53.07 ? 2   GLN B CG  1 
ATOM   759  C CD  . GLN B 1 2  ? -1.498  18.388  3.818   1.00 54.35 ? 2   GLN B CD  1 
ATOM   760  O OE1 . GLN B 1 2  ? -2.078  19.037  2.943   1.00 57.39 ? 2   GLN B OE1 1 
ATOM   761  N NE2 . GLN B 1 2  ? -1.803  18.488  5.102   1.00 54.68 ? 2   GLN B NE2 1 
ATOM   762  N N   . ILE B 1 3  ? 1.921   15.259  2.094   1.00 52.29 ? 3   ILE B N   1 
ATOM   763  C CA  . ILE B 1 3  ? 1.954   14.655  0.769   1.00 52.16 ? 3   ILE B CA  1 
ATOM   764  C C   . ILE B 1 3  ? 0.530   14.288  0.369   1.00 51.24 ? 3   ILE B C   1 
ATOM   765  O O   . ILE B 1 3  ? -0.131  13.526  1.053   1.00 49.99 ? 3   ILE B O   1 
ATOM   766  C CB  . ILE B 1 3  ? 2.836   13.401  0.774   1.00 52.53 ? 3   ILE B CB  1 
ATOM   767  C CG1 . ILE B 1 3  ? 4.202   13.749  1.363   1.00 54.01 ? 3   ILE B CG1 1 
ATOM   768  C CG2 . ILE B 1 3  ? 2.971   12.822  -0.631  1.00 52.95 ? 3   ILE B CG2 1 
ATOM   769  C CD1 . ILE B 1 3  ? 5.238   12.718  1.105   1.00 54.06 ? 3   ILE B CD1 1 
ATOM   770  N N   . THR B 1 4  ? 0.047   14.867  -0.724  1.00 50.74 ? 4   THR B N   1 
ATOM   771  C CA  . THR B 1 4  ? -1.256  14.510  -1.249  1.00 50.42 ? 4   THR B CA  1 
ATOM   772  C C   . THR B 1 4  ? -1.148  13.220  -2.060  1.00 50.25 ? 4   THR B C   1 
ATOM   773  O O   . THR B 1 4  ? -0.049  12.711  -2.349  1.00 49.90 ? 4   THR B O   1 
ATOM   774  C CB  . THR B 1 4  ? -1.854  15.622  -2.119  1.00 50.95 ? 4   THR B CB  1 
ATOM   775  O OG1 . THR B 1 4  ? -0.943  15.949  -3.177  1.00 50.48 ? 4   THR B OG1 1 
ATOM   776  C CG2 . THR B 1 4  ? -2.169  16.844  -1.280  1.00 51.29 ? 4   THR B CG2 1 
ATOM   777  N N   . LEU B 1 5  ? -2.305  12.679  -2.400  1.00 49.32 ? 5   LEU B N   1 
ATOM   778  C CA  . LEU B 1 5  ? -2.380  11.339  -2.978  1.00 49.35 ? 5   LEU B CA  1 
ATOM   779  C C   . LEU B 1 5  ? -2.935  11.329  -4.410  1.00 48.73 ? 5   LEU B C   1 
ATOM   780  O O   . LEU B 1 5  ? -3.301  10.282  -4.933  1.00 47.48 ? 5   LEU B O   1 
ATOM   781  C CB  . LEU B 1 5  ? -3.179  10.437  -2.036  1.00 49.51 ? 5   LEU B CB  1 
ATOM   782  C CG  . LEU B 1 5  ? -2.529  10.298  -0.660  1.00 50.17 ? 5   LEU B CG  1 
ATOM   783  C CD1 . LEU B 1 5  ? -3.454  9.575   0.308   1.00 50.02 ? 5   LEU B CD1 1 
ATOM   784  C CD2 . LEU B 1 5  ? -1.176  9.560   -0.764  1.00 50.90 ? 5   LEU B CD2 1 
ATOM   785  N N   . TRP B 1 6  ? -2.919  12.488  -5.069  1.00 48.60 ? 6   TRP B N   1 
ATOM   786  C CA  . TRP B 1 6  ? -3.307  12.577  -6.482  1.00 48.34 ? 6   TRP B CA  1 
ATOM   787  C C   . TRP B 1 6  ? -2.388  11.744  -7.372  1.00 48.44 ? 6   TRP B C   1 
ATOM   788  O O   . TRP B 1 6  ? -2.804  11.198  -8.403  1.00 48.05 ? 6   TRP B O   1 
ATOM   789  C CB  . TRP B 1 6  ? -3.210  14.022  -6.944  1.00 47.46 ? 6   TRP B CB  1 
ATOM   790  C CG  . TRP B 1 6  ? -4.103  14.967  -6.220  1.00 46.32 ? 6   TRP B CG  1 
ATOM   791  C CD1 . TRP B 1 6  ? -3.723  15.951  -5.357  1.00 45.64 ? 6   TRP B CD1 1 
ATOM   792  C CD2 . TRP B 1 6  ? -5.524  15.052  -6.333  1.00 44.66 ? 6   TRP B CD2 1 
ATOM   793  N NE1 . TRP B 1 6  ? -4.825  16.643  -4.919  1.00 45.57 ? 6   TRP B NE1 1 
ATOM   794  C CE2 . TRP B 1 6  ? -5.944  16.118  -5.510  1.00 46.85 ? 6   TRP B CE2 1 
ATOM   795  C CE3 . TRP B 1 6  ? -6.488  14.322  -7.038  1.00 45.76 ? 6   TRP B CE3 1 
ATOM   796  C CZ2 . TRP B 1 6  ? -7.283  16.455  -5.350  1.00 46.66 ? 6   TRP B CZ2 1 
ATOM   797  C CZ3 . TRP B 1 6  ? -7.817  14.674  -6.902  1.00 46.35 ? 6   TRP B CZ3 1 
ATOM   798  C CH2 . TRP B 1 6  ? -8.200  15.744  -6.070  1.00 46.78 ? 6   TRP B CH2 1 
ATOM   799  N N   . LYS B 1 7  ? -1.114  11.716  -7.000  1.00 48.76 ? 7   LYS B N   1 
ATOM   800  C CA  . LYS B 1 7  ? -0.129  10.854  -7.654  1.00 49.03 ? 7   LYS B CA  1 
ATOM   801  C C   . LYS B 1 7  ? 0.470   9.899   -6.629  1.00 47.96 ? 7   LYS B C   1 
ATOM   802  O O   . LYS B 1 7  ? 0.218   10.011  -5.425  1.00 47.81 ? 7   LYS B O   1 
ATOM   803  C CB  . LYS B 1 7  ? 0.953   11.685  -8.361  1.00 49.86 ? 7   LYS B CB  1 
ATOM   804  C CG  . LYS B 1 7  ? 1.966   12.371  -7.465  1.00 50.81 ? 7   LYS B CG  1 
ATOM   805  C CD  . LYS B 1 7  ? 2.950   13.207  -8.264  1.00 52.22 ? 7   LYS B CD  1 
ATOM   806  C CE  . LYS B 1 7  ? 3.936   13.930  -7.349  1.00 54.23 ? 7   LYS B CE  1 
ATOM   807  N NZ  . LYS B 1 7  ? 4.853   14.851  -8.077  1.00 56.83 ? 7   LYS B NZ  1 
ATOM   808  N N   . ARG B 1 8  ? 1.212   8.915   -7.116  1.00 46.74 ? 8   ARG B N   1 
ATOM   809  C CA  . ARG B 1 8  ? 1.908   7.979   -6.233  1.00 47.31 ? 8   ARG B CA  1 
ATOM   810  C C   . ARG B 1 8  ? 2.837   8.742   -5.311  1.00 46.74 ? 8   ARG B C   1 
ATOM   811  O O   . ARG B 1 8  ? 3.607   9.575   -5.786  1.00 46.65 ? 8   ARG B O   1 
ATOM   812  C CB  . ARG B 1 8  ? 2.740   6.995   -7.053  1.00 46.34 ? 8   ARG B CB  1 
ATOM   813  C CG  . ARG B 1 8  ? 1.909   6.136   -7.953  1.00 46.84 ? 8   ARG B CG  1 
ATOM   814  C CD  . ARG B 1 8  ? 2.689   4.963   -8.469  1.00 48.40 ? 8   ARG B CD  1 
ATOM   815  N NE  . ARG B 1 8  ? 1.942   4.268   -9.510  1.00 51.34 ? 8   ARG B NE  1 
ATOM   816  C CZ  . ARG B 1 8  ? 2.201   3.031   -9.932  1.00 51.94 ? 8   ARG B CZ  1 
ATOM   817  N NH1 . ARG B 1 8  ? 3.189   2.317   -9.400  1.00 51.80 ? 8   ARG B NH1 1 
ATOM   818  N NH2 . ARG B 1 8  ? 1.451   2.504   -10.889 1.00 51.69 ? 8   ARG B NH2 1 
ATOM   819  N N   . PRO B 1 9  ? 2.745   8.503   -3.993  1.00 47.07 ? 9   PRO B N   1 
ATOM   820  C CA  . PRO B 1 9  ? 3.624   9.234   -3.070  1.00 47.80 ? 9   PRO B CA  1 
ATOM   821  C C   . PRO B 1 9  ? 5.061   8.723   -3.098  1.00 47.16 ? 9   PRO B C   1 
ATOM   822  O O   . PRO B 1 9  ? 5.491   7.981   -2.216  1.00 46.29 ? 9   PRO B O   1 
ATOM   823  C CB  . PRO B 1 9  ? 2.962   8.993   -1.715  1.00 47.09 ? 9   PRO B CB  1 
ATOM   824  C CG  . PRO B 1 9  ? 2.337   7.644   -1.870  1.00 47.05 ? 9   PRO B CG  1 
ATOM   825  C CD  . PRO B 1 9  ? 1.803   7.636   -3.260  1.00 47.39 ? 9   PRO B CD  1 
ATOM   826  N N   . LEU B 1 10 ? 5.779   9.124   -4.137  1.00 47.71 ? 10  LEU B N   1 
ATOM   827  C CA  . LEU B 1 10 ? 7.173   8.751   -4.320  1.00 48.47 ? 10  LEU B CA  1 
ATOM   828  C C   . LEU B 1 10 ? 8.108   9.752   -3.646  1.00 48.66 ? 10  LEU B C   1 
ATOM   829  O O   . LEU B 1 10 ? 7.946   10.971  -3.778  1.00 47.11 ? 10  LEU B O   1 
ATOM   830  C CB  . LEU B 1 10 ? 7.508   8.651   -5.812  1.00 48.73 ? 10  LEU B CB  1 
ATOM   831  C CG  . LEU B 1 10 ? 6.833   7.480   -6.534  1.00 49.81 ? 10  LEU B CG  1 
ATOM   832  C CD1 . LEU B 1 10 ? 6.986   7.611   -8.055  1.00 50.86 ? 10  LEU B CD1 1 
ATOM   833  C CD2 . LEU B 1 10 ? 7.396   6.149   -6.046  1.00 49.83 ? 10  LEU B CD2 1 
ATOM   834  N N   . VAL B 1 11 ? 9.097   9.228   -2.930  1.00 48.89 ? 11  VAL B N   1 
ATOM   835  C CA  . VAL B 1 11 ? 10.095  10.076  -2.296  1.00 49.83 ? 11  VAL B CA  1 
ATOM   836  C C   . VAL B 1 11 ? 11.499  9.528   -2.494  1.00 50.64 ? 11  VAL B C   1 
ATOM   837  O O   . VAL B 1 11 ? 11.687  8.378   -2.894  1.00 51.55 ? 11  VAL B O   1 
ATOM   838  C CB  . VAL B 1 11 ? 9.819   10.279  -0.806  1.00 49.71 ? 11  VAL B CB  1 
ATOM   839  C CG1 . VAL B 1 11 ? 8.438   10.868  -0.616  1.00 50.89 ? 11  VAL B CG1 1 
ATOM   840  C CG2 . VAL B 1 11 ? 9.973   8.975   -0.032  1.00 50.52 ? 11  VAL B CG2 1 
ATOM   841  N N   . THR B 1 12 ? 12.482  10.385  -2.251  1.00 51.26 ? 12  THR B N   1 
ATOM   842  C CA  . THR B 1 12 ? 13.878  10.024  -2.439  1.00 51.29 ? 12  THR B CA  1 
ATOM   843  C C   . THR B 1 12 ? 14.358  9.422   -1.136  1.00 51.29 ? 12  THR B C   1 
ATOM   844  O O   . THR B 1 12 ? 14.126  9.986   -0.061  1.00 51.63 ? 12  THR B O   1 
ATOM   845  C CB  . THR B 1 12 ? 14.715  11.256  -2.817  1.00 51.64 ? 12  THR B CB  1 
ATOM   846  N N   . ILE B 1 13 ? 14.961  8.242   -1.230  1.00 51.66 ? 13  ILE B N   1 
ATOM   847  C CA  . ILE B 1 13 ? 15.565  7.603   -0.066  1.00 51.76 ? 13  ILE B CA  1 
ATOM   848  C C   . ILE B 1 13 ? 17.050  7.370   -0.324  1.00 51.97 ? 13  ILE B C   1 
ATOM   849  O O   . ILE B 1 13 ? 17.465  7.203   -1.475  1.00 51.79 ? 13  ILE B O   1 
ATOM   850  C CB  . ILE B 1 13 ? 14.888  6.261   0.289   1.00 51.28 ? 13  ILE B CB  1 
ATOM   851  C CG1 . ILE B 1 13 ? 14.873  5.329   -0.926  1.00 51.83 ? 13  ILE B CG1 1 
ATOM   852  C CG2 . ILE B 1 13 ? 13.473  6.505   0.806   1.00 52.14 ? 13  ILE B CG2 1 
ATOM   853  C CD1 . ILE B 1 13 ? 14.886  3.867   -0.568  1.00 51.56 ? 13  ILE B CD1 1 
ATOM   854  N N   . ARG B 1 14 ? 17.825  7.402   0.754   1.00 52.08 ? 14  ARG B N   1 
ATOM   855  C CA  . ARG B 1 14 ? 19.247  7.079   0.716   1.00 52.73 ? 14  ARG B CA  1 
ATOM   856  C C   . ARG B 1 14 ? 19.508  5.833   1.555   1.00 52.44 ? 14  ARG B C   1 
ATOM   857  O O   . ARG B 1 14 ? 19.101  5.746   2.715   1.00 51.25 ? 14  ARG B O   1 
ATOM   858  C CB  . ARG B 1 14 ? 20.093  8.251   1.225   1.00 52.84 ? 14  ARG B CB  1 
ATOM   859  N N   . ILE B 1 15 ? 20.160  4.860   0.932   1.00 52.88 ? 15  ILE B N   1 
ATOM   860  C CA  . ILE B 1 15 ? 20.689  3.712   1.637   1.00 53.34 ? 15  ILE B CA  1 
ATOM   861  C C   . ILE B 1 15 ? 22.163  3.635   1.278   1.00 53.97 ? 15  ILE B C   1 
ATOM   862  O O   . ILE B 1 15 ? 22.521  3.410   0.115   1.00 54.50 ? 15  ILE B O   1 
ATOM   863  C CB  . ILE B 1 15 ? 19.947  2.448   1.235   1.00 53.65 ? 15  ILE B CB  1 
ATOM   864  N N   . GLY B 1 16 ? 22.999  3.936   2.269   1.00 54.22 ? 16  GLY B N   1 
ATOM   865  C CA  . GLY B 1 16 ? 24.449  3.840   2.159   1.00 54.69 ? 16  GLY B CA  1 
ATOM   866  C C   . GLY B 1 16 ? 25.054  4.493   0.934   1.00 54.83 ? 16  GLY B C   1 
ATOM   867  O O   . GLY B 1 16 ? 25.916  3.909   0.282   1.00 55.59 ? 16  GLY B O   1 
ATOM   868  N N   . GLY B 1 17 ? 24.615  5.704   0.615   1.00 54.84 ? 17  GLY B N   1 
ATOM   869  C CA  . GLY B 1 17 ? 25.132  6.402   -0.558  1.00 55.42 ? 17  GLY B CA  1 
ATOM   870  C C   . GLY B 1 17 ? 24.579  5.916   -1.887  1.00 55.87 ? 17  GLY B C   1 
ATOM   871  O O   . GLY B 1 17 ? 25.025  6.367   -2.940  1.00 56.33 ? 17  GLY B O   1 
ATOM   872  N N   . GLN B 1 18 ? 23.625  4.988   -1.849  1.00 55.88 ? 18  GLN B N   1 
ATOM   873  C CA  . GLN B 1 18 ? 22.851  4.628   -3.023  1.00 56.07 ? 18  GLN B CA  1 
ATOM   874  C C   . GLN B 1 18 ? 21.490  5.270   -2.814  1.00 56.42 ? 18  GLN B C   1 
ATOM   875  O O   . GLN B 1 18 ? 20.814  4.989   -1.821  1.00 57.75 ? 18  GLN B O   1 
ATOM   876  C CB  . GLN B 1 18 ? 22.722  3.120   -3.152  1.00 56.19 ? 18  GLN B CB  1 
ATOM   877  N N   . LEU B 1 19 ? 21.093  6.139   -3.735  1.00 56.42 ? 19  LEU B N   1 
ATOM   878  C CA  . LEU B 1 19 ? 19.879  6.923   -3.549  1.00 56.22 ? 19  LEU B CA  1 
ATOM   879  C C   . LEU B 1 19 ? 18.850  6.565   -4.609  1.00 55.87 ? 19  LEU B C   1 
ATOM   880  O O   . LEU B 1 19 ? 19.115  6.689   -5.807  1.00 56.09 ? 19  LEU B O   1 
ATOM   881  C CB  . LEU B 1 19 ? 20.187  8.418   -3.570  1.00 56.88 ? 19  LEU B CB  1 
ATOM   882  C CG  . LEU B 1 19 ? 20.791  8.921   -2.258  1.00 58.33 ? 19  LEU B CG  1 
ATOM   883  C CD1 . LEU B 1 19 ? 22.312  8.792   -2.286  1.00 61.18 ? 19  LEU B CD1 1 
ATOM   884  C CD2 . LEU B 1 19 ? 20.385  10.359  -1.960  1.00 58.08 ? 19  LEU B CD2 1 
ATOM   885  N N   . LYS B 1 20 ? 17.682  6.130   -4.131  1.00 54.60 ? 20  LYS B N   1 
ATOM   886  C CA  . LYS B 1 20 ? 16.623  5.579   -4.957  1.00 53.13 ? 20  LYS B CA  1 
ATOM   887  C C   . LYS B 1 20 ? 15.298  6.230   -4.591  1.00 51.83 ? 20  LYS B C   1 
ATOM   888  O O   . LYS B 1 20 ? 15.201  6.995   -3.633  1.00 51.48 ? 20  LYS B O   1 
ATOM   889  C CB  . LYS B 1 20 ? 16.536  4.075   -4.767  1.00 53.23 ? 20  LYS B CB  1 
ATOM   890  N N   . GLU B 1 21 ? 14.281  5.935   -5.385  1.00 50.77 ? 21  GLU B N   1 
ATOM   891  C CA  . GLU B 1 21 ? 12.967  6.520   -5.174  1.00 49.98 ? 21  GLU B CA  1 
ATOM   892  C C   . GLU B 1 21 ? 12.043  5.396   -4.721  1.00 48.71 ? 21  GLU B C   1 
ATOM   893  O O   . GLU B 1 21 ? 12.084  4.285   -5.261  1.00 47.97 ? 21  GLU B O   1 
ATOM   894  C CB  . GLU B 1 21 ? 12.459  7.213   -6.441  1.00 50.34 ? 21  GLU B CB  1 
ATOM   895  C CG  . GLU B 1 21 ? 13.374  8.340   -6.942  1.00 52.61 ? 21  GLU B CG  1 
ATOM   896  C CD  . GLU B 1 21 ? 13.133  9.700   -6.282  1.00 55.49 ? 21  GLU B CD  1 
ATOM   897  O OE1 . GLU B 1 21 ? 14.126  10.337  -5.841  1.00 53.31 ? 21  GLU B OE1 1 
ATOM   898  O OE2 . GLU B 1 21 ? 11.962  10.153  -6.244  1.00 58.13 ? 21  GLU B OE2 1 
ATOM   899  N N   . ALA B 1 22 ? 11.247  5.692   -3.698  1.00 46.85 ? 22  ALA B N   1 
ATOM   900  C CA  . ALA B 1 22 ? 10.431  4.684   -3.036  1.00 45.91 ? 22  ALA B CA  1 
ATOM   901  C C   . ALA B 1 22 ? 9.031   5.230   -2.773  1.00 44.55 ? 22  ALA B C   1 
ATOM   902  O O   . ALA B 1 22 ? 8.840   6.434   -2.602  1.00 43.44 ? 22  ALA B O   1 
ATOM   903  C CB  . ALA B 1 22 ? 11.074  4.252   -1.744  1.00 44.57 ? 22  ALA B CB  1 
ATOM   904  N N   . LEU B 1 23 ? 8.071   4.312   -2.740  1.00 44.12 ? 23  LEU B N   1 
ATOM   905  C CA  . LEU B 1 23 ? 6.671   4.631   -2.516  1.00 43.89 ? 23  LEU B CA  1 
ATOM   906  C C   . LEU B 1 23 ? 6.354   4.594   -1.021  1.00 42.43 ? 23  LEU B C   1 
ATOM   907  O O   . LEU B 1 23 ? 6.660   3.624   -0.365  1.00 41.30 ? 23  LEU B O   1 
ATOM   908  C CB  . LEU B 1 23 ? 5.845   3.589   -3.269  1.00 44.30 ? 23  LEU B CB  1 
ATOM   909  C CG  . LEU B 1 23 ? 4.333   3.704   -3.364  1.00 44.59 ? 23  LEU B CG  1 
ATOM   910  C CD1 . LEU B 1 23 ? 3.904   4.968   -4.070  1.00 47.15 ? 23  LEU B CD1 1 
ATOM   911  C CD2 . LEU B 1 23 ? 3.804   2.477   -4.100  1.00 44.85 ? 23  LEU B CD2 1 
ATOM   912  N N   . LEU B 1 24 ? 5.787   5.665   -0.476  1.00 42.18 ? 24  LEU B N   1 
ATOM   913  C CA  . LEU B 1 24 ? 5.363   5.684   0.916   1.00 42.65 ? 24  LEU B CA  1 
ATOM   914  C C   . LEU B 1 24 ? 4.041   4.929   1.008   1.00 42.53 ? 24  LEU B C   1 
ATOM   915  O O   . LEU B 1 24 ? 3.024   5.389   0.484   1.00 42.29 ? 24  LEU B O   1 
ATOM   916  C CB  . LEU B 1 24 ? 5.207   7.123   1.422   1.00 43.52 ? 24  LEU B CB  1 
ATOM   917  C CG  . LEU B 1 24 ? 6.486   7.957   1.432   1.00 44.70 ? 24  LEU B CG  1 
ATOM   918  C CD1 . LEU B 1 24 ? 6.195   9.389   1.817   1.00 46.12 ? 24  LEU B CD1 1 
ATOM   919  C CD2 . LEU B 1 24 ? 7.544   7.361   2.361   1.00 46.41 ? 24  LEU B CD2 1 
ATOM   920  N N   . ASN B 1 25 ? 4.079   3.748   1.623   1.00 41.97 ? 25  ASN B N   1 
ATOM   921  C CA  . ASN B 1 25 ? 3.046   2.735   1.449   1.00 42.24 ? 25  ASN B CA  1 
ATOM   922  C C   . ASN B 1 25 ? 2.474   2.236   2.785   1.00 41.70 ? 25  ASN B C   1 
ATOM   923  O O   . ASN B 1 25 ? 3.002   1.327   3.418   1.00 42.33 ? 25  ASN B O   1 
ATOM   924  C CB  . ASN B 1 25 ? 3.595   1.568   0.615   1.00 42.07 ? 25  ASN B CB  1 
ATOM   925  C CG  . ASN B 1 25 ? 2.541   0.519   0.286   1.00 43.12 ? 25  ASN B CG  1 
ATOM   926  O OD1 . ASN B 1 25 ? 1.369   0.637   0.661   1.00 42.20 ? 25  ASN B OD1 1 
ATOM   927  N ND2 . ASN B 1 25 ? 2.951   -0.498  -0.482  1.00 43.55 ? 25  ASN B ND2 1 
ATOM   928  N N   . THR B 1 26 ? 1.340   2.816   3.162   1.00 42.11 ? 26  THR B N   1 
ATOM   929  C CA  . THR B 1 26 ? 0.651   2.499   4.400   1.00 41.27 ? 26  THR B CA  1 
ATOM   930  C C   . THR B 1 26 ? -0.001  1.120   4.340   1.00 41.19 ? 26  THR B C   1 
ATOM   931  O O   . THR B 1 26 ? -0.396  0.570   5.375   1.00 39.24 ? 26  THR B O   1 
ATOM   932  C CB  . THR B 1 26 ? -0.424  3.564   4.713   1.00 42.00 ? 26  THR B CB  1 
ATOM   933  O OG1 . THR B 1 26 ? -1.388  3.609   3.654   1.00 40.35 ? 26  THR B OG1 1 
ATOM   934  C CG2 . THR B 1 26 ? 0.223   4.955   4.875   1.00 40.56 ? 26  THR B CG2 1 
ATOM   935  N N   . GLY B 1 27 ? -0.125  0.578   3.129   1.00 40.73 ? 27  GLY B N   1 
ATOM   936  C CA  . GLY B 1 27 ? -0.624  -0.774  2.944   1.00 41.98 ? 27  GLY B CA  1 
ATOM   937  C C   . GLY B 1 27 ? 0.411   -1.875  3.100   1.00 42.70 ? 27  GLY B C   1 
ATOM   938  O O   . GLY B 1 27 ? 0.079   -3.056  2.964   1.00 43.63 ? 27  GLY B O   1 
ATOM   939  N N   . ALA B 1 28 ? 1.664   -1.508  3.357   1.00 43.19 ? 28  ALA B N   1 
ATOM   940  C CA  . ALA B 1 28 ? 2.743   -2.492  3.477   1.00 43.45 ? 28  ALA B CA  1 
ATOM   941  C C   . ALA B 1 28 ? 3.211   -2.641  4.921   1.00 43.42 ? 28  ALA B C   1 
ATOM   942  O O   . ALA B 1 28 ? 3.590   -1.652  5.548   1.00 42.55 ? 28  ALA B O   1 
ATOM   943  C CB  . ALA B 1 28 ? 3.905   -2.082  2.608   1.00 43.83 ? 28  ALA B CB  1 
ATOM   944  N N   . ASP B 1 29 ? 3.212   -3.865  5.448   1.00 42.98 ? 29  ASP B N   1 
ATOM   945  C CA  . ASP B 1 29 ? 3.787   -4.084  6.775   1.00 44.15 ? 29  ASP B CA  1 
ATOM   946  C C   . ASP B 1 29 ? 5.290   -3.752  6.790   1.00 44.54 ? 29  ASP B C   1 
ATOM   947  O O   . ASP B 1 29 ? 5.805   -3.131  7.719   1.00 44.22 ? 29  ASP B O   1 
ATOM   948  C CB  . ASP B 1 29 ? 3.594   -5.529  7.254   1.00 43.38 ? 29  ASP B CB  1 
ATOM   949  C CG  . ASP B 1 29 ? 2.149   -5.963  7.260   1.00 42.53 ? 29  ASP B CG  1 
ATOM   950  O OD1 . ASP B 1 29 ? 1.240   -5.097  7.269   1.00 39.31 ? 29  ASP B OD1 1 
ATOM   951  O OD2 . ASP B 1 29 ? 1.938   -7.194  7.256   1.00 40.45 ? 29  ASP B OD2 1 
ATOM   952  N N   . ASP B 1 30 ? 5.974   -4.171  5.729   1.00 45.38 ? 30  ASP B N   1 
ATOM   953  C CA  . ASP B 1 30 ? 7.427   -4.204  5.680   1.00 45.12 ? 30  ASP B CA  1 
ATOM   954  C C   . ASP B 1 30 ? 7.929   -3.238  4.618   1.00 45.03 ? 30  ASP B C   1 
ATOM   955  O O   . ASP B 1 30 ? 7.169   -2.758  3.779   1.00 44.28 ? 30  ASP B O   1 
ATOM   956  C CB  . ASP B 1 30 ? 7.885   -5.621  5.313   1.00 45.73 ? 30  ASP B CB  1 
ATOM   957  C CG  . ASP B 1 30 ? 7.409   -6.668  6.294   1.00 46.56 ? 30  ASP B CG  1 
ATOM   958  O OD1 . ASP B 1 30 ? 7.357   -6.398  7.510   1.00 48.35 ? 30  ASP B OD1 1 
ATOM   959  O OD2 . ASP B 1 30 ? 7.112   -7.794  5.854   1.00 51.80 ? 30  ASP B OD2 1 
ATOM   960  N N   . THR B 1 31 ? 9.235   -3.010  4.623   1.00 44.65 ? 31  THR B N   1 
ATOM   961  C CA  . THR B 1 31 ? 9.877   -2.191  3.605   1.00 44.95 ? 31  THR B CA  1 
ATOM   962  C C   . THR B 1 31 ? 10.626  -3.113  2.649   1.00 44.74 ? 31  THR B C   1 
ATOM   963  O O   . THR B 1 31 ? 11.399  -3.965  3.085   1.00 43.62 ? 31  THR B O   1 
ATOM   964  C CB  . THR B 1 31 ? 10.826  -1.170  4.267   1.00 44.67 ? 31  THR B CB  1 
ATOM   965  O OG1 . THR B 1 31 ? 10.048  -0.132  4.861   1.00 43.90 ? 31  THR B OG1 1 
ATOM   966  C CG2 . THR B 1 31 ? 11.808  -0.563  3.277   1.00 44.73 ? 31  THR B CG2 1 
ATOM   967  N N   . VAL B 1 32 ? 10.367  -2.947  1.353   1.00 45.31 ? 32  VAL B N   1 
ATOM   968  C CA  . VAL B 1 32 ? 10.944  -3.804  0.327   1.00 46.57 ? 32  VAL B CA  1 
ATOM   969  C C   . VAL B 1 32 ? 11.570  -2.986  -0.790  1.00 46.44 ? 32  VAL B C   1 
ATOM   970  O O   . VAL B 1 32 ? 10.909  -2.153  -1.428  1.00 44.94 ? 32  VAL B O   1 
ATOM   971  C CB  . VAL B 1 32 ? 9.901   -4.735  -0.314  1.00 46.49 ? 32  VAL B CB  1 
ATOM   972  C CG1 . VAL B 1 32 ? 10.598  -5.893  -0.986  1.00 48.29 ? 32  VAL B CG1 1 
ATOM   973  C CG2 . VAL B 1 32 ? 8.947   -5.250  0.727   1.00 50.34 ? 32  VAL B CG2 1 
ATOM   974  N N   . LEU B 1 33 ? 12.840  -3.279  -1.031  1.00 47.96 ? 33  LEU B N   1 
ATOM   975  C CA  . LEU B 1 33 ? 13.614  -2.641  -2.068  1.00 49.13 ? 33  LEU B CA  1 
ATOM   976  C C   . LEU B 1 33 ? 14.054  -3.654  -3.113  1.00 50.29 ? 33  LEU B C   1 
ATOM   977  O O   . LEU B 1 33 ? 14.336  -4.814  -2.790  1.00 49.41 ? 33  LEU B O   1 
ATOM   978  C CB  . LEU B 1 33 ? 14.856  -2.006  -1.456  1.00 49.87 ? 33  LEU B CB  1 
ATOM   979  C CG  . LEU B 1 33 ? 14.647  -1.027  -0.309  1.00 50.77 ? 33  LEU B CG  1 
ATOM   980  C CD1 . LEU B 1 33 ? 16.003  -0.476  0.104   1.00 52.31 ? 33  LEU B CD1 1 
ATOM   981  C CD2 . LEU B 1 33 ? 13.718  0.083   -0.727  1.00 52.69 ? 33  LEU B CD2 1 
ATOM   982  N N   . GLU B 1 34 ? 14.146  -3.188  -4.356  1.00 51.32 ? 34  GLU B N   1 
ATOM   983  C CA  . GLU B 1 34 ? 14.720  -3.976  -5.434  1.00 53.28 ? 34  GLU B CA  1 
ATOM   984  C C   . GLU B 1 34 ? 16.238  -4.081  -5.299  1.00 53.93 ? 34  GLU B C   1 
ATOM   985  O O   . GLU B 1 34 ? 16.832  -3.421  -4.446  1.00 54.60 ? 34  GLU B O   1 
ATOM   986  C CB  . GLU B 1 34 ? 14.374  -3.327  -6.767  1.00 53.59 ? 34  GLU B CB  1 
ATOM   987  C CG  . GLU B 1 34 ? 14.324  -4.296  -7.912  1.00 55.07 ? 34  GLU B CG  1 
ATOM   988  C CD  . GLU B 1 34 ? 14.696  -3.664  -9.236  1.00 55.24 ? 34  GLU B CD  1 
ATOM   989  O OE1 . GLU B 1 34 ? 15.318  -2.572  -9.276  1.00 60.79 ? 34  GLU B OE1 1 
ATOM   990  O OE2 . GLU B 1 34 ? 14.393  -4.296  -10.255 1.00 56.59 ? 34  GLU B OE2 1 
ATOM   991  N N   . GLU B 1 35 ? 16.834  -4.968  -6.090  1.00 54.78 ? 35  GLU B N   1 
ATOM   992  C CA  . GLU B 1 35 ? 18.275  -4.983  -6.389  1.00 55.92 ? 35  GLU B CA  1 
ATOM   993  C C   . GLU B 1 35 ? 19.142  -4.124  -5.479  1.00 56.34 ? 35  GLU B C   1 
ATOM   994  O O   . GLU B 1 35 ? 19.405  -2.962  -5.796  1.00 56.37 ? 35  GLU B O   1 
ATOM   995  C CB  . GLU B 1 35 ? 18.534  -4.523  -7.836  1.00 55.84 ? 35  GLU B CB  1 
ATOM   996  C CG  . GLU B 1 35 ? 18.490  -5.622  -8.902  1.00 56.99 ? 35  GLU B CG  1 
ATOM   997  C CD  . GLU B 1 35 ? 18.899  -5.125  -10.284 1.00 56.46 ? 35  GLU B CD  1 
ATOM   998  O OE1 . GLU B 1 35 ? 19.116  -3.905  -10.453 1.00 59.54 ? 35  GLU B OE1 1 
ATOM   999  O OE2 . GLU B 1 35 ? 18.995  -5.951  -11.213 1.00 55.94 ? 35  GLU B OE2 1 
ATOM   1000 N N   . MET B 1 36 ? 19.601  -4.689  -4.367  1.00 57.17 ? 36  MET B N   1 
ATOM   1001 C CA  . MET B 1 36 ? 20.805  -4.171  -3.727  1.00 58.30 ? 36  MET B CA  1 
ATOM   1002 C C   . MET B 1 36 ? 21.473  -5.118  -2.735  1.00 58.40 ? 36  MET B C   1 
ATOM   1003 O O   . MET B 1 36 ? 20.827  -5.778  -1.920  1.00 58.90 ? 36  MET B O   1 
ATOM   1004 C CB  . MET B 1 36 ? 20.574  -2.798  -3.092  1.00 58.54 ? 36  MET B CB  1 
ATOM   1005 C CG  . MET B 1 36 ? 19.463  -2.715  -2.084  1.00 58.95 ? 36  MET B CG  1 
ATOM   1006 S SD  . MET B 1 36 ? 19.309  -1.027  -1.461  1.00 61.81 ? 36  MET B SD  1 
ATOM   1007 C CE  . MET B 1 36 ? 20.963  -0.341  -1.613  1.00 61.12 ? 36  MET B CE  1 
ATOM   1008 N N   . ASN B 1 37 ? 22.797  -5.149  -2.820  1.00 58.80 ? 37  ASN B N   1 
ATOM   1009 C CA  . ASN B 1 37 ? 23.615  -6.092  -2.082  1.00 58.83 ? 37  ASN B CA  1 
ATOM   1010 C C   . ASN B 1 37 ? 24.112  -5.391  -0.833  1.00 58.78 ? 37  ASN B C   1 
ATOM   1011 O O   . ASN B 1 37 ? 25.239  -4.902  -0.799  1.00 59.09 ? 37  ASN B O   1 
ATOM   1012 C CB  . ASN B 1 37 ? 24.797  -6.552  -2.943  1.00 59.06 ? 37  ASN B CB  1 
ATOM   1013 N N   . LEU B 1 38 ? 23.277  -5.357  0.199   1.00 58.48 ? 38  LEU B N   1 
ATOM   1014 C CA  . LEU B 1 38 ? 23.639  -4.658  1.422   1.00 58.74 ? 38  LEU B CA  1 
ATOM   1015 C C   . LEU B 1 38 ? 24.303  -5.590  2.449   1.00 58.06 ? 38  LEU B C   1 
ATOM   1016 O O   . LEU B 1 38 ? 24.297  -6.808  2.280   1.00 57.02 ? 38  LEU B O   1 
ATOM   1017 C CB  . LEU B 1 38 ? 22.424  -3.888  1.948   1.00 59.67 ? 38  LEU B CB  1 
ATOM   1018 C CG  . LEU B 1 38 ? 21.263  -4.607  2.626   1.00 60.87 ? 38  LEU B CG  1 
ATOM   1019 C CD1 . LEU B 1 38 ? 21.557  -4.664  4.111   1.00 63.76 ? 38  LEU B CD1 1 
ATOM   1020 C CD2 . LEU B 1 38 ? 19.938  -3.887  2.383   1.00 59.32 ? 38  LEU B CD2 1 
ATOM   1021 N N   . PRO B 1 39 ? 24.967  -5.017  3.468   1.00 57.90 ? 39  PRO B N   1 
ATOM   1022 C CA  . PRO B 1 39 ? 25.848  -5.817  4.315   1.00 57.80 ? 39  PRO B CA  1 
ATOM   1023 C C   . PRO B 1 39 ? 25.115  -6.618  5.384   1.00 57.88 ? 39  PRO B C   1 
ATOM   1024 O O   . PRO B 1 39 ? 23.967  -6.320  5.707   1.00 58.48 ? 39  PRO B O   1 
ATOM   1025 C CB  . PRO B 1 39 ? 26.744  -4.766  4.967   1.00 57.97 ? 39  PRO B CB  1 
ATOM   1026 C CG  . PRO B 1 39 ? 25.884  -3.547  5.052   1.00 58.19 ? 39  PRO B CG  1 
ATOM   1027 C CD  . PRO B 1 39 ? 24.943  -3.599  3.883   1.00 57.84 ? 39  PRO B CD  1 
ATOM   1028 N N   . GLY B 1 40 ? 25.765  -7.656  5.898   1.00 57.72 ? 40  GLY B N   1 
ATOM   1029 C CA  . GLY B 1 40 ? 25.301  -8.331  7.106   1.00 57.35 ? 40  GLY B CA  1 
ATOM   1030 C C   . GLY B 1 40 ? 24.524  -9.603  6.849   1.00 57.22 ? 40  GLY B C   1 
ATOM   1031 O O   . GLY B 1 40 ? 24.303  -9.998  5.701   1.00 57.37 ? 40  GLY B O   1 
ATOM   1032 N N   . LYS B 1 41 ? 24.104  -10.242 7.935   1.00 56.67 ? 41  LYS B N   1 
ATOM   1033 C CA  . LYS B 1 41 ? 23.373  -11.497 7.844   1.00 56.76 ? 41  LYS B CA  1 
ATOM   1034 C C   . LYS B 1 41 ? 22.001  -11.229 7.233   1.00 56.29 ? 41  LYS B C   1 
ATOM   1035 O O   . LYS B 1 41 ? 21.417  -10.164 7.449   1.00 56.25 ? 41  LYS B O   1 
ATOM   1036 C CB  . LYS B 1 41 ? 23.236  -12.129 9.223   1.00 56.64 ? 41  LYS B CB  1 
ATOM   1037 N N   . TRP B 1 42 ? 21.512  -12.167 6.428   1.00 56.41 ? 42  TRP B N   1 
ATOM   1038 C CA  . TRP B 1 42 ? 20.144  -12.083 5.914   1.00 56.26 ? 42  TRP B CA  1 
ATOM   1039 C C   . TRP B 1 42 ? 19.435  -13.435 5.953   1.00 56.09 ? 42  TRP B C   1 
ATOM   1040 O O   . TRP B 1 42 ? 20.066  -14.486 5.822   1.00 55.32 ? 42  TRP B O   1 
ATOM   1041 C CB  . TRP B 1 42 ? 20.113  -11.520 4.491   1.00 57.08 ? 42  TRP B CB  1 
ATOM   1042 C CG  . TRP B 1 42 ? 20.831  -12.362 3.484   1.00 58.20 ? 42  TRP B CG  1 
ATOM   1043 C CD1 . TRP B 1 42 ? 22.105  -12.176 3.021   1.00 58.70 ? 42  TRP B CD1 1 
ATOM   1044 C CD2 . TRP B 1 42 ? 20.322  -13.520 2.805   1.00 58.28 ? 42  TRP B CD2 1 
ATOM   1045 N NE1 . TRP B 1 42 ? 22.417  -13.151 2.103   1.00 59.14 ? 42  TRP B NE1 1 
ATOM   1046 C CE2 . TRP B 1 42 ? 21.344  -13.988 1.955   1.00 58.63 ? 42  TRP B CE2 1 
ATOM   1047 C CE3 . TRP B 1 42 ? 19.102  -14.204 2.832   1.00 57.77 ? 42  TRP B CE3 1 
ATOM   1048 C CZ2 . TRP B 1 42 ? 21.183  -15.108 1.136   1.00 58.70 ? 42  TRP B CZ2 1 
ATOM   1049 C CZ3 . TRP B 1 42 ? 18.942  -15.315 2.022   1.00 58.38 ? 42  TRP B CZ3 1 
ATOM   1050 C CH2 . TRP B 1 42 ? 19.974  -15.754 1.181   1.00 58.43 ? 42  TRP B CH2 1 
ATOM   1051 N N   . LYS B 1 43 ? 18.118  -13.374 6.136   1.00 55.11 ? 43  LYS B N   1 
ATOM   1052 C CA  . LYS B 1 43 ? 17.261  -14.547 6.305   1.00 54.47 ? 43  LYS B CA  1 
ATOM   1053 C C   . LYS B 1 43 ? 16.222  -14.544 5.187   1.00 53.81 ? 43  LYS B C   1 
ATOM   1054 O O   . LYS B 1 43 ? 15.607  -13.514 4.925   1.00 52.65 ? 43  LYS B O   1 
ATOM   1055 C CB  . LYS B 1 43 ? 16.565  -14.494 7.660   1.00 54.03 ? 43  LYS B CB  1 
ATOM   1056 N N   . PRO B 1 44 ? 16.026  -15.693 4.521   1.00 52.98 ? 44  PRO B N   1 
ATOM   1057 C CA  . PRO B 1 44 ? 14.948  -15.776 3.541   1.00 52.47 ? 44  PRO B CA  1 
ATOM   1058 C C   . PRO B 1 44 ? 13.574  -15.487 4.153   1.00 51.66 ? 44  PRO B C   1 
ATOM   1059 O O   . PRO B 1 44 ? 13.334  -15.756 5.326   1.00 51.89 ? 44  PRO B O   1 
ATOM   1060 C CB  . PRO B 1 44 ? 15.034  -17.220 3.034   1.00 52.55 ? 44  PRO B CB  1 
ATOM   1061 C CG  . PRO B 1 44 ? 16.421  -17.697 3.398   1.00 52.70 ? 44  PRO B CG  1 
ATOM   1062 C CD  . PRO B 1 44 ? 16.788  -16.953 4.635   1.00 53.24 ? 44  PRO B CD  1 
ATOM   1063 N N   . LYS B 1 45 ? 12.676  -14.932 3.355   1.00 51.11 ? 45  LYS B N   1 
ATOM   1064 C CA  . LYS B 1 45 ? 11.324  -14.637 3.808   1.00 50.62 ? 45  LYS B CA  1 
ATOM   1065 C C   . LYS B 1 45 ? 10.414  -14.637 2.586   1.00 49.88 ? 45  LYS B C   1 
ATOM   1066 O O   . LYS B 1 45 ? 10.869  -14.419 1.461   1.00 49.15 ? 45  LYS B O   1 
ATOM   1067 C CB  . LYS B 1 45 ? 11.316  -13.253 4.477   1.00 50.93 ? 45  LYS B CB  1 
ATOM   1068 C CG  . LYS B 1 45 ? 10.003  -12.841 5.133   1.00 50.87 ? 45  LYS B CG  1 
ATOM   1069 C CD  . LYS B 1 45 ? 10.176  -11.505 5.835   1.00 50.65 ? 45  LYS B CD  1 
ATOM   1070 C CE  . LYS B 1 45 ? 8.853   -10.883 6.249   1.00 49.32 ? 45  LYS B CE  1 
ATOM   1071 N NZ  . LYS B 1 45 ? 8.354   -11.380 7.540   1.00 47.64 ? 45  LYS B NZ  1 
ATOM   1072 N N   . MET B 1 46 ? 9.130   -14.890 2.810   1.00 50.01 ? 46  MET B N   1 
ATOM   1073 C CA  . MET B 1 46 ? 8.115   -14.829 1.764   1.00 49.60 ? 46  MET B CA  1 
ATOM   1074 C C   . MET B 1 46 ? 7.114   -13.729 2.112   1.00 48.06 ? 46  MET B C   1 
ATOM   1075 O O   . MET B 1 46 ? 6.574   -13.699 3.209   1.00 47.65 ? 46  MET B O   1 
ATOM   1076 C CB  . MET B 1 46 ? 7.400   -16.174 1.655   1.00 50.13 ? 46  MET B CB  1 
ATOM   1077 C CG  . MET B 1 46 ? 8.300   -17.314 1.233   1.00 54.32 ? 46  MET B CG  1 
ATOM   1078 S SD  . MET B 1 46 ? 8.555   -17.266 -0.544  1.00 61.93 ? 46  MET B SD  1 
ATOM   1079 C CE  . MET B 1 46 ? 7.001   -17.950 -1.138  1.00 61.73 ? 46  MET B CE  1 
ATOM   1080 N N   . ILE B 1 47 ? 6.877   -12.804 1.196   1.00 47.73 ? 47  ILE B N   1 
ATOM   1081 C CA  . ILE B 1 47 ? 5.946   -11.726 1.460   1.00 47.73 ? 47  ILE B CA  1 
ATOM   1082 C C   . ILE B 1 47 ? 4.875   -11.747 0.388   1.00 47.34 ? 47  ILE B C   1 
ATOM   1083 O O   . ILE B 1 47 ? 5.136   -12.095 -0.772  1.00 45.77 ? 47  ILE B O   1 
ATOM   1084 C CB  . ILE B 1 47 ? 6.649   -10.342 1.529   1.00 48.80 ? 47  ILE B CB  1 
ATOM   1085 C CG1 . ILE B 1 47 ? 7.404   -10.025 0.239   1.00 48.00 ? 47  ILE B CG1 1 
ATOM   1086 C CG2 . ILE B 1 47 ? 7.645   -10.295 2.691   1.00 48.44 ? 47  ILE B CG2 1 
ATOM   1087 C CD1 . ILE B 1 47 ? 7.897   -8.609  0.215   1.00 48.39 ? 47  ILE B CD1 1 
ATOM   1088 N N   . GLY B 1 48 ? 3.656   -11.432 0.803   1.00 46.85 ? 48  GLY B N   1 
ATOM   1089 C CA  . GLY B 1 48 ? 2.495   -11.585 -0.057  1.00 47.23 ? 48  GLY B CA  1 
ATOM   1090 C C   . GLY B 1 48 ? 1.877   -10.256 -0.446  1.00 47.53 ? 48  GLY B C   1 
ATOM   1091 O O   . GLY B 1 48 ? 1.777   -9.343  0.368   1.00 45.70 ? 48  GLY B O   1 
ATOM   1092 N N   . GLY B 1 49 ? 1.450   -10.163 -1.701  1.00 47.13 ? 49  GLY B N   1 
ATOM   1093 C CA  . GLY B 1 49 ? 0.606   -9.062  -2.151  1.00 47.55 ? 49  GLY B CA  1 
ATOM   1094 C C   . GLY B 1 49 ? -0.549  -9.570  -2.996  1.00 47.06 ? 49  GLY B C   1 
ATOM   1095 O O   . GLY B 1 49 ? -0.826  -10.765 -3.035  1.00 45.72 ? 49  GLY B O   1 
ATOM   1096 N N   A ILE B 1 50 ? -1.263  -8.641  -3.616  0.50 47.35 ? 50  ILE B N   1 
ATOM   1097 N N   B ILE B 1 50 ? -1.153  -8.675  -3.767  0.50 47.47 ? 50  ILE B N   1 
ATOM   1098 C CA  A ILE B 1 50 ? -2.139  -8.983  -4.724  0.50 47.35 ? 50  ILE B CA  1 
ATOM   1099 C CA  B ILE B 1 50 ? -2.351  -9.002  -4.539  0.50 47.60 ? 50  ILE B CA  1 
ATOM   1100 C C   A ILE B 1 50 ? -1.283  -9.782  -5.699  0.50 47.53 ? 50  ILE B C   1 
ATOM   1101 C C   B ILE B 1 50 ? -2.261  -10.287 -5.375  0.50 47.74 ? 50  ILE B C   1 
ATOM   1102 O O   A ILE B 1 50 ? -0.157  -9.387  -6.012  0.50 47.18 ? 50  ILE B O   1 
ATOM   1103 O O   B ILE B 1 50 ? -3.209  -11.070 -5.400  0.50 48.06 ? 50  ILE B O   1 
ATOM   1104 C CB  A ILE B 1 50 ? -2.736  -7.723  -5.383  0.50 47.67 ? 50  ILE B CB  1 
ATOM   1105 C CB  B ILE B 1 50 ? -2.812  -7.787  -5.387  0.50 47.92 ? 50  ILE B CB  1 
ATOM   1106 C CG1 A ILE B 1 50 ? -3.992  -7.291  -4.621  0.50 47.60 ? 50  ILE B CG1 1 
ATOM   1107 C CG1 B ILE B 1 50 ? -4.032  -7.135  -4.725  0.50 47.88 ? 50  ILE B CG1 1 
ATOM   1108 C CG2 A ILE B 1 50 ? -3.064  -7.964  -6.859  0.50 47.57 ? 50  ILE B CG2 1 
ATOM   1109 C CG2 B ILE B 1 50 ? -3.135  -8.185  -6.828  0.50 48.08 ? 50  ILE B CG2 1 
ATOM   1110 C CD1 A ILE B 1 50 ? -4.722  -6.112  -5.230  0.50 47.94 ? 50  ILE B CD1 1 
ATOM   1111 C CD1 B ILE B 1 50 ? -4.660  -6.007  -5.524  0.50 48.22 ? 50  ILE B CD1 1 
ATOM   1112 N N   A GLY B 1 51 ? -1.785  -10.943 -6.107  0.50 47.44 ? 51  GLY B N   1 
ATOM   1113 N N   B GLY B 1 51 ? -1.132  -10.528 -6.037  0.50 47.79 ? 51  GLY B N   1 
ATOM   1114 C CA  A GLY B 1 51 ? -1.089  -11.766 -7.087  0.50 47.35 ? 51  GLY B CA  1 
ATOM   1115 C CA  B GLY B 1 51 ? -1.040  -11.629 -7.002  0.50 47.52 ? 51  GLY B CA  1 
ATOM   1116 C C   A GLY B 1 51 ? -0.340  -12.955 -6.514  0.50 47.18 ? 51  GLY B C   1 
ATOM   1117 C C   B GLY B 1 51 ? -0.325  -12.880 -6.518  0.50 47.31 ? 51  GLY B C   1 
ATOM   1118 O O   A GLY B 1 51 ? -0.137  -13.952 -7.211  0.50 47.18 ? 51  GLY B O   1 
ATOM   1119 O O   B GLY B 1 51 ? -0.142  -13.839 -7.273  0.50 47.34 ? 51  GLY B O   1 
ATOM   1120 N N   . GLY B 1 52 ? 0.090   -12.861 -5.260  1.00 47.37 ? 52  GLY B N   1 
ATOM   1121 C CA  . GLY B 1 52 ? 0.739   -13.993 -4.611  1.00 46.91 ? 52  GLY B CA  1 
ATOM   1122 C C   . GLY B 1 52 ? 1.974   -13.539 -3.866  1.00 47.19 ? 52  GLY B C   1 
ATOM   1123 O O   . GLY B 1 52 ? 2.043   -12.393 -3.433  1.00 47.90 ? 52  GLY B O   1 
ATOM   1124 N N   . PHE B 1 53 ? 2.940   -14.441 -3.698  1.00 46.55 ? 53  PHE B N   1 
ATOM   1125 C CA  . PHE B 1 53 ? 4.089   -14.172 -2.842  1.00 47.13 ? 53  PHE B CA  1 
ATOM   1126 C C   . PHE B 1 53 ? 5.382   -14.051 -3.626  1.00 46.93 ? 53  PHE B C   1 
ATOM   1127 O O   . PHE B 1 53 ? 5.531   -14.659 -4.684  1.00 47.35 ? 53  PHE B O   1 
ATOM   1128 C CB  . PHE B 1 53 ? 4.263   -15.272 -1.790  1.00 46.42 ? 53  PHE B CB  1 
ATOM   1129 C CG  . PHE B 1 53 ? 3.307   -15.169 -0.653  1.00 46.96 ? 53  PHE B CG  1 
ATOM   1130 C CD1 . PHE B 1 53 ? 1.972   -15.505 -0.836  1.00 45.92 ? 53  PHE B CD1 1 
ATOM   1131 C CD2 . PHE B 1 53 ? 3.745   -14.801 0.615   1.00 43.42 ? 53  PHE B CD2 1 
ATOM   1132 C CE1 . PHE B 1 53 ? 1.086   -15.426 0.213   1.00 46.00 ? 53  PHE B CE1 1 
ATOM   1133 C CE2 . PHE B 1 53 ? 2.852   -14.701 1.649   1.00 45.60 ? 53  PHE B CE2 1 
ATOM   1134 C CZ  . PHE B 1 53 ? 1.524   -15.005 1.449   1.00 46.39 ? 53  PHE B CZ  1 
ATOM   1135 N N   . ILE B 1 54 ? 6.317   -13.281 -3.080  1.00 47.77 ? 54  ILE B N   1 
ATOM   1136 C CA  . ILE B 1 54 ? 7.693   -13.252 -3.565  1.00 47.92 ? 54  ILE B CA  1 
ATOM   1137 C C   . ILE B 1 54 ? 8.671   -13.590 -2.441  1.00 48.15 ? 54  ILE B C   1 
ATOM   1138 O O   . ILE B 1 54 ? 8.358   -13.424 -1.265  1.00 49.15 ? 54  ILE B O   1 
ATOM   1139 C CB  . ILE B 1 54 ? 8.051   -11.894 -4.217  1.00 47.57 ? 54  ILE B CB  1 
ATOM   1140 C CG1 . ILE B 1 54 ? 7.912   -10.738 -3.228  1.00 48.43 ? 54  ILE B CG1 1 
ATOM   1141 C CG2 . ILE B 1 54 ? 7.182   -11.654 -5.449  1.00 47.62 ? 54  ILE B CG2 1 
ATOM   1142 C CD1 . ILE B 1 54 ? 8.643   -9.475  -3.669  1.00 48.57 ? 54  ILE B CD1 1 
ATOM   1143 N N   . LYS B 1 55 ? 9.828   -14.122 -2.815  1.00 48.55 ? 55  LYS B N   1 
ATOM   1144 C CA  . LYS B 1 55 ? 10.882  -14.481 -1.873  1.00 48.67 ? 55  LYS B CA  1 
ATOM   1145 C C   . LYS B 1 55 ? 11.844  -13.313 -1.800  1.00 48.38 ? 55  LYS B C   1 
ATOM   1146 O O   . LYS B 1 55 ? 12.276  -12.782 -2.824  1.00 47.28 ? 55  LYS B O   1 
ATOM   1147 C CB  . LYS B 1 55 ? 11.619  -15.745 -2.322  1.00 48.93 ? 55  LYS B CB  1 
ATOM   1148 C CG  . LYS B 1 55 ? 12.784  -16.195 -1.408  1.00 49.80 ? 55  LYS B CG  1 
ATOM   1149 C CD  . LYS B 1 55 ? 13.405  -17.478 -1.968  1.00 49.90 ? 55  LYS B CD  1 
ATOM   1150 C CE  . LYS B 1 55 ? 14.402  -18.108 -1.016  1.00 50.54 ? 55  LYS B CE  1 
ATOM   1151 N NZ  . LYS B 1 55 ? 15.096  -19.263 -1.649  1.00 50.56 ? 55  LYS B NZ  1 
ATOM   1152 N N   . VAL B 1 56 ? 12.152  -12.903 -0.579  1.00 48.58 ? 56  VAL B N   1 
ATOM   1153 C CA  . VAL B 1 56 ? 13.033  -11.773 -0.361  1.00 49.52 ? 56  VAL B CA  1 
ATOM   1154 C C   . VAL B 1 56 ? 14.091  -12.143 0.671   1.00 49.63 ? 56  VAL B C   1 
ATOM   1155 O O   . VAL B 1 56 ? 13.990  -13.173 1.337   1.00 49.40 ? 56  VAL B O   1 
ATOM   1156 C CB  . VAL B 1 56 ? 12.238  -10.528 0.082   1.00 49.30 ? 56  VAL B CB  1 
ATOM   1157 C CG1 . VAL B 1 56 ? 11.161  -10.210 -0.945  1.00 49.25 ? 56  VAL B CG1 1 
ATOM   1158 C CG2 . VAL B 1 56 ? 11.625  -10.723 1.456   1.00 48.67 ? 56  VAL B CG2 1 
ATOM   1159 N N   . ARG B 1 57 ? 15.104  -11.294 0.782   1.00 50.40 ? 57  ARG B N   1 
ATOM   1160 C CA  . ARG B 1 57 ? 16.104  -11.416 1.828   1.00 51.02 ? 57  ARG B CA  1 
ATOM   1161 C C   . ARG B 1 57 ? 15.806  -10.354 2.876   1.00 51.73 ? 57  ARG B C   1 
ATOM   1162 O O   . ARG B 1 57 ? 15.608  -9.180  2.548   1.00 52.35 ? 57  ARG B O   1 
ATOM   1163 C CB  . ARG B 1 57 ? 17.507  -11.254 1.241   1.00 50.54 ? 57  ARG B CB  1 
ATOM   1164 C CG  . ARG B 1 57 ? 17.801  -12.295 0.167   1.00 51.29 ? 57  ARG B CG  1 
ATOM   1165 C CD  . ARG B 1 57 ? 19.225  -12.255 -0.384  1.00 51.42 ? 57  ARG B CD  1 
ATOM   1166 N NE  . ARG B 1 57 ? 19.763  -10.905 -0.536  1.00 51.51 ? 57  ARG B NE  1 
ATOM   1167 C CZ  . ARG B 1 57 ? 19.564  -10.099 -1.581  1.00 52.14 ? 57  ARG B CZ  1 
ATOM   1168 N NH1 . ARG B 1 57 ? 18.788  -10.463 -2.595  1.00 52.65 ? 57  ARG B NH1 1 
ATOM   1169 N NH2 . ARG B 1 57 ? 20.142  -8.900  -1.611  1.00 50.45 ? 57  ARG B NH2 1 
ATOM   1170 N N   . GLN B 1 58 ? 15.719  -10.782 4.129   1.00 51.58 ? 58  GLN B N   1 
ATOM   1171 C CA  . GLN B 1 58 ? 15.457  -9.871  5.232   1.00 52.07 ? 58  GLN B CA  1 
ATOM   1172 C C   . GLN B 1 58 ? 16.765  -9.457  5.901   1.00 52.62 ? 58  GLN B C   1 
ATOM   1173 O O   . GLN B 1 58 ? 17.512  -10.303 6.397   1.00 52.95 ? 58  GLN B O   1 
ATOM   1174 C CB  . GLN B 1 58 ? 14.529  -10.524 6.249   1.00 52.31 ? 58  GLN B CB  1 
ATOM   1175 C CG  . GLN B 1 58 ? 14.357  -9.721  7.525   1.00 52.35 ? 58  GLN B CG  1 
ATOM   1176 C CD  . GLN B 1 58 ? 13.556  -10.449 8.577   1.00 52.69 ? 58  GLN B CD  1 
ATOM   1177 O OE1 . GLN B 1 58 ? 12.641  -11.219 8.271   1.00 53.81 ? 58  GLN B OE1 1 
ATOM   1178 N NE2 . GLN B 1 58 ? 13.885  -10.196 9.835   1.00 52.78 ? 58  GLN B NE2 1 
ATOM   1179 N N   . TYR B 1 59 ? 17.017  -8.148  5.907   1.00 52.60 ? 59  TYR B N   1 
ATOM   1180 C CA  . TYR B 1 59 ? 18.162  -7.537  6.586   1.00 53.10 ? 59  TYR B CA  1 
ATOM   1181 C C   . TYR B 1 59 ? 17.646  -6.673  7.729   1.00 52.85 ? 59  TYR B C   1 
ATOM   1182 O O   . TYR B 1 59 ? 16.725  -5.885  7.532   1.00 52.13 ? 59  TYR B O   1 
ATOM   1183 C CB  . TYR B 1 59 ? 18.926  -6.623  5.623   1.00 52.82 ? 59  TYR B CB  1 
ATOM   1184 C CG  . TYR B 1 59 ? 19.584  -7.346  4.478   1.00 53.55 ? 59  TYR B CG  1 
ATOM   1185 C CD1 . TYR B 1 59 ? 18.854  -7.751  3.359   1.00 53.16 ? 59  TYR B CD1 1 
ATOM   1186 C CD2 . TYR B 1 59 ? 20.946  -7.612  4.504   1.00 53.98 ? 59  TYR B CD2 1 
ATOM   1187 C CE1 . TYR B 1 59 ? 19.468  -8.425  2.312   1.00 52.77 ? 59  TYR B CE1 1 
ATOM   1188 C CE2 . TYR B 1 59 ? 21.570  -8.258  3.462   1.00 54.67 ? 59  TYR B CE2 1 
ATOM   1189 C CZ  . TYR B 1 59 ? 20.829  -8.670  2.371   1.00 54.85 ? 59  TYR B CZ  1 
ATOM   1190 O OH  . TYR B 1 59 ? 21.490  -9.304  1.343   1.00 54.68 ? 59  TYR B OH  1 
ATOM   1191 N N   . ASP B 1 60 ? 18.240  -6.813  8.906   1.00 52.39 ? 60  ASP B N   1 
ATOM   1192 C CA  . ASP B 1 60 ? 17.801  -6.059  10.077  1.00 52.75 ? 60  ASP B CA  1 
ATOM   1193 C C   . ASP B 1 60 ? 18.761  -4.916  10.393  1.00 52.47 ? 60  ASP B C   1 
ATOM   1194 O O   . ASP B 1 60 ? 19.949  -4.986  10.065  1.00 51.61 ? 60  ASP B O   1 
ATOM   1195 C CB  . ASP B 1 60 ? 17.695  -6.992  11.286  1.00 53.13 ? 60  ASP B CB  1 
ATOM   1196 C CG  . ASP B 1 60 ? 16.668  -8.096  11.088  1.00 54.55 ? 60  ASP B CG  1 
ATOM   1197 O OD1 . ASP B 1 60 ? 15.569  -7.838  10.543  1.00 54.29 ? 60  ASP B OD1 1 
ATOM   1198 O OD2 . ASP B 1 60 ? 16.968  -9.237  11.493  1.00 58.30 ? 60  ASP B OD2 1 
ATOM   1199 N N   . GLN B 1 61 ? 18.224  -3.886  11.051  1.00 51.94 ? 61  GLN B N   1 
ATOM   1200 C CA  . GLN B 1 61 ? 18.992  -2.756  11.578  1.00 51.72 ? 61  GLN B CA  1 
ATOM   1201 C C   . GLN B 1 61 ? 19.757  -1.992  10.495  1.00 51.31 ? 61  GLN B C   1 
ATOM   1202 O O   . GLN B 1 61 ? 20.918  -1.629  10.667  1.00 50.24 ? 61  GLN B O   1 
ATOM   1203 C CB  . GLN B 1 61 ? 19.929  -3.215  12.691  1.00 51.85 ? 61  GLN B CB  1 
ATOM   1204 N N   . ILE B 1 62 ? 19.069  -1.738  9.387   1.00 51.19 ? 62  ILE B N   1 
ATOM   1205 C CA  . ILE B 1 62 ? 19.648  -1.082  8.221   1.00 50.90 ? 62  ILE B CA  1 
ATOM   1206 C C   . ILE B 1 62 ? 19.249  0.389   8.218   1.00 50.58 ? 62  ILE B C   1 
ATOM   1207 O O   . ILE B 1 62 ? 18.061  0.697   8.286   1.00 51.25 ? 62  ILE B O   1 
ATOM   1208 C CB  . ILE B 1 62 ? 19.130  -1.762  6.932   1.00 50.95 ? 62  ILE B CB  1 
ATOM   1209 C CG1 . ILE B 1 62 ? 19.616  -3.213  6.869   1.00 50.31 ? 62  ILE B CG1 1 
ATOM   1210 C CG2 . ILE B 1 62 ? 19.505  -0.966  5.676   1.00 51.12 ? 62  ILE B CG2 1 
ATOM   1211 C CD1 . ILE B 1 62 ? 21.139  -3.394  7.045   1.00 49.42 ? 62  ILE B CD1 1 
ATOM   1212 N N   . PRO B 1 63 ? 20.236  1.301   8.150   1.00 50.28 ? 63  PRO B N   1 
ATOM   1213 C CA  . PRO B 1 63 ? 19.941  2.734   8.077   1.00 50.44 ? 63  PRO B CA  1 
ATOM   1214 C C   . PRO B 1 63 ? 19.366  3.165   6.728   1.00 50.39 ? 63  PRO B C   1 
ATOM   1215 O O   . PRO B 1 63 ? 19.821  2.721   5.679   1.00 49.87 ? 63  PRO B O   1 
ATOM   1216 C CB  . PRO B 1 63 ? 21.301  3.390   8.318   1.00 50.39 ? 63  PRO B CB  1 
ATOM   1217 C CG  . PRO B 1 63 ? 22.305  2.362   7.909   1.00 49.95 ? 63  PRO B CG  1 
ATOM   1218 C CD  . PRO B 1 63 ? 21.684  1.027   8.146   1.00 50.01 ? 63  PRO B CD  1 
ATOM   1219 N N   . ILE B 1 64 ? 18.356  4.022   6.758   1.00 50.85 ? 64  ILE B N   1 
ATOM   1220 C CA  . ILE B 1 64 ? 17.774  4.543   5.526   1.00 51.62 ? 64  ILE B CA  1 
ATOM   1221 C C   . ILE B 1 64 ? 17.332  5.981   5.770   1.00 51.88 ? 64  ILE B C   1 
ATOM   1222 O O   . ILE B 1 64 ? 16.573  6.245   6.698   1.00 52.96 ? 64  ILE B O   1 
ATOM   1223 C CB  . ILE B 1 64 ? 16.586  3.673   5.059   1.00 52.59 ? 64  ILE B CB  1 
ATOM   1224 C CG1 . ILE B 1 64 ? 15.886  4.276   3.828   1.00 52.57 ? 64  ILE B CG1 1 
ATOM   1225 C CG2 . ILE B 1 64 ? 15.580  3.487   6.189   1.00 53.79 ? 64  ILE B CG2 1 
ATOM   1226 C CD1 . ILE B 1 64 ? 15.168  3.239   2.995   1.00 53.09 ? 64  ILE B CD1 1 
ATOM   1227 N N   . GLU B 1 65 ? 17.824  6.919   4.974   1.00 50.82 ? 65  GLU B N   1 
ATOM   1228 C CA  . GLU B 1 65 ? 17.380  8.295   5.145   1.00 50.79 ? 65  GLU B CA  1 
ATOM   1229 C C   . GLU B 1 65 ? 16.197  8.628   4.219   1.00 49.57 ? 65  GLU B C   1 
ATOM   1230 O O   . GLU B 1 65 ? 16.281  8.471   3.002   1.00 49.02 ? 65  GLU B O   1 
ATOM   1231 C CB  . GLU B 1 65 ? 18.539  9.274   4.954   1.00 50.57 ? 65  GLU B CB  1 
ATOM   1232 C CG  . GLU B 1 65 ? 18.372  10.544  5.773   1.00 52.22 ? 65  GLU B CG  1 
ATOM   1233 C CD  . GLU B 1 65 ? 18.642  11.789  4.967   1.00 53.73 ? 65  GLU B CD  1 
ATOM   1234 O OE1 . GLU B 1 65 ? 17.858  12.058  4.028   1.00 58.95 ? 65  GLU B OE1 1 
ATOM   1235 O OE2 . GLU B 1 65 ? 19.612  12.509  5.285   1.00 56.72 ? 65  GLU B OE2 1 
ATOM   1236 N N   . ILE B 1 66 ? 15.086  9.057   4.816   1.00 49.08 ? 66  ILE B N   1 
ATOM   1237 C CA  . ILE B 1 66 ? 13.862  9.370   4.077   1.00 49.27 ? 66  ILE B CA  1 
ATOM   1238 C C   . ILE B 1 66 ? 13.495  10.849  4.258   1.00 48.39 ? 66  ILE B C   1 
ATOM   1239 O O   . ILE B 1 66 ? 13.113  11.281  5.344   1.00 46.93 ? 66  ILE B O   1 
ATOM   1240 C CB  . ILE B 1 66 ? 12.685  8.480   4.537   1.00 48.98 ? 66  ILE B CB  1 
ATOM   1241 C CG1 . ILE B 1 66 ? 13.090  7.004   4.527   1.00 49.75 ? 66  ILE B CG1 1 
ATOM   1242 C CG2 . ILE B 1 66 ? 11.452  8.718   3.663   1.00 48.70 ? 66  ILE B CG2 1 
ATOM   1243 C CD1 . ILE B 1 66 ? 12.270  6.136   5.459   1.00 49.40 ? 66  ILE B CD1 1 
ATOM   1244 N N   . CYS B 1 67 ? 13.646  11.632  3.196   1.00 48.80 ? 67  CYS B N   1 
ATOM   1245 C CA  . CYS B 1 67 ? 13.379  13.068  3.255   1.00 49.46 ? 67  CYS B CA  1 
ATOM   1246 C C   . CYS B 1 67 ? 14.004  13.724  4.487   1.00 49.54 ? 67  CYS B C   1 
ATOM   1247 O O   . CYS B 1 67 ? 13.325  14.429  5.238   1.00 49.03 ? 67  CYS B O   1 
ATOM   1248 C CB  . CYS B 1 67 ? 11.869  13.324  3.251   1.00 49.01 ? 67  CYS B CB  1 
ATOM   1249 S SG  . CYS B 1 67 ? 11.069  12.981  1.685   1.00 51.37 ? 67  CYS B SG  1 
ATOM   1250 N N   . GLY B 1 68 ? 15.294  13.481  4.703   1.00 50.32 ? 68  GLY B N   1 
ATOM   1251 C CA  . GLY B 1 68 ? 16.012  14.095  5.821   1.00 50.86 ? 68  GLY B CA  1 
ATOM   1252 C C   . GLY B 1 68 ? 15.749  13.465  7.179   1.00 51.45 ? 68  GLY B C   1 
ATOM   1253 O O   . GLY B 1 68 ? 16.315  13.899  8.181   1.00 51.72 ? 68  GLY B O   1 
ATOM   1254 N N   . HIS B 1 69 ? 14.906  12.434  7.218   1.00 51.97 ? 69  HIS B N   1 
ATOM   1255 C CA  . HIS B 1 69 ? 14.578  11.738  8.461   1.00 52.31 ? 69  HIS B CA  1 
ATOM   1256 C C   . HIS B 1 69 ? 15.361  10.440  8.544   1.00 52.86 ? 69  HIS B C   1 
ATOM   1257 O O   . HIS B 1 69 ? 15.428  9.677   7.581   1.00 52.57 ? 69  HIS B O   1 
ATOM   1258 C CB  . HIS B 1 69 ? 13.077  11.442  8.563   1.00 52.40 ? 69  HIS B CB  1 
ATOM   1259 C CG  . HIS B 1 69 ? 12.249  12.650  8.868   1.00 52.05 ? 69  HIS B CG  1 
ATOM   1260 N ND1 . HIS B 1 69 ? 12.021  13.646  7.945   1.00 52.00 ? 69  HIS B ND1 1 
ATOM   1261 C CD2 . HIS B 1 69 ? 11.638  13.047  10.009  1.00 52.25 ? 69  HIS B CD2 1 
ATOM   1262 C CE1 . HIS B 1 69 ? 11.295  14.601  8.499   1.00 52.06 ? 69  HIS B CE1 1 
ATOM   1263 N NE2 . HIS B 1 69 ? 11.058  14.267  9.755   1.00 52.57 ? 69  HIS B NE2 1 
ATOM   1264 N N   . LYS B 1 70 ? 15.934  10.198  9.716   1.00 53.42 ? 70  LYS B N   1 
ATOM   1265 C CA  . LYS B 1 70 ? 16.772  9.036   9.953   1.00 53.98 ? 70  LYS B CA  1 
ATOM   1266 C C   . LYS B 1 70 ? 15.908  7.844   10.341  1.00 54.31 ? 70  LYS B C   1 
ATOM   1267 O O   . LYS B 1 70 ? 15.181  7.897   11.337  1.00 55.27 ? 70  LYS B O   1 
ATOM   1268 C CB  . LYS B 1 70 ? 17.794  9.343   11.048  1.00 53.92 ? 70  LYS B CB  1 
ATOM   1269 C CG  . LYS B 1 70 ? 19.050  10.014  10.518  1.00 55.19 ? 70  LYS B CG  1 
ATOM   1270 C CD  . LYS B 1 70 ? 19.982  10.485  11.637  1.00 54.75 ? 70  LYS B CD  1 
ATOM   1271 C CE  . LYS B 1 70 ? 21.182  11.222  11.063  1.00 55.03 ? 70  LYS B CE  1 
ATOM   1272 N NZ  . LYS B 1 70 ? 21.774  12.207  12.011  1.00 56.56 ? 70  LYS B NZ  1 
ATOM   1273 N N   . ALA B 1 71 ? 15.942  6.807   9.511   1.00 54.15 ? 71  ALA B N   1 
ATOM   1274 C CA  . ALA B 1 71 ? 15.262  5.552   9.807   1.00 54.02 ? 71  ALA B CA  1 
ATOM   1275 C C   . ALA B 1 71 ? 16.295  4.428   9.901   1.00 54.03 ? 71  ALA B C   1 
ATOM   1276 O O   . ALA B 1 71 ? 17.273  4.397   9.148   1.00 54.40 ? 71  ALA B O   1 
ATOM   1277 C CB  . ALA B 1 71 ? 14.214  5.227   8.750   1.00 53.93 ? 71  ALA B CB  1 
ATOM   1278 N N   . ILE B 1 72 ? 16.083  3.524   10.852  1.00 53.18 ? 72  ILE B N   1 
ATOM   1279 C CA  . ILE B 1 72 ? 16.887  2.310   10.940  1.00 52.83 ? 72  ILE B CA  1 
ATOM   1280 C C   . ILE B 1 72 ? 15.965  1.149   11.292  1.00 52.02 ? 72  ILE B C   1 
ATOM   1281 O O   . ILE B 1 72 ? 15.186  1.231   12.237  1.00 51.47 ? 72  ILE B O   1 
ATOM   1282 C CB  . ILE B 1 72 ? 18.036  2.447   11.966  1.00 52.62 ? 72  ILE B CB  1 
ATOM   1283 C CG1 . ILE B 1 72 ? 18.878  1.171   12.028  1.00 51.41 ? 72  ILE B CG1 1 
ATOM   1284 C CG2 . ILE B 1 72 ? 17.496  2.795   13.352  1.00 53.97 ? 72  ILE B CG2 1 
ATOM   1285 C CD1 . ILE B 1 72 ? 20.053  1.276   13.008  1.00 52.84 ? 72  ILE B CD1 1 
ATOM   1286 N N   . GLY B 1 73 ? 16.027  0.081   10.508  1.00 51.79 ? 73  GLY B N   1 
ATOM   1287 C CA  . GLY B 1 73 ? 15.153  -1.060  10.750  1.00 51.60 ? 73  GLY B CA  1 
ATOM   1288 C C   . GLY B 1 73 ? 15.301  -2.161  9.726   1.00 50.99 ? 73  GLY B C   1 
ATOM   1289 O O   . GLY B 1 73 ? 16.292  -2.221  9.008   1.00 50.10 ? 73  GLY B O   1 
ATOM   1290 N N   . THR B 1 74 ? 14.278  -3.001  9.624   1.00 50.61 ? 74  THR B N   1 
ATOM   1291 C CA  . THR B 1 74 ? 14.339  -4.172  8.762   1.00 50.48 ? 74  THR B CA  1 
ATOM   1292 C C   . THR B 1 74 ? 14.041  -3.799  7.314   1.00 50.24 ? 74  THR B C   1 
ATOM   1293 O O   . THR B 1 74 ? 13.084  -3.088  7.028   1.00 50.67 ? 74  THR B O   1 
ATOM   1294 C CB  . THR B 1 74 ? 13.371  -5.259  9.258   1.00 50.93 ? 74  THR B CB  1 
ATOM   1295 O OG1 . THR B 1 74 ? 13.720  -5.603  10.606  1.00 50.24 ? 74  THR B OG1 1 
ATOM   1296 C CG2 . THR B 1 74 ? 13.432  -6.513  8.359   1.00 50.95 ? 74  THR B CG2 1 
ATOM   1297 N N   . VAL B 1 75 ? 14.915  -4.216  6.411   1.00 50.43 ? 75  VAL B N   1 
ATOM   1298 C CA  . VAL B 1 75 ? 14.751  -3.926  4.989   1.00 50.04 ? 75  VAL B CA  1 
ATOM   1299 C C   . VAL B 1 75 ? 14.752  -5.255  4.239   1.00 49.34 ? 75  VAL B C   1 
ATOM   1300 O O   . VAL B 1 75 ? 15.655  -6.076  4.395   1.00 48.22 ? 75  VAL B O   1 
ATOM   1301 C CB  . VAL B 1 75 ? 15.874  -2.992  4.457   1.00 50.11 ? 75  VAL B CB  1 
ATOM   1302 C CG1 . VAL B 1 75 ? 15.827  -2.870  2.935   1.00 50.99 ? 75  VAL B CG1 1 
ATOM   1303 C CG2 . VAL B 1 75 ? 15.781  -1.604  5.097   1.00 50.53 ? 75  VAL B CG2 1 
ATOM   1304 N N   . LEU B 1 76 ? 13.739  -5.455  3.412   1.00 48.71 ? 76  LEU B N   1 
ATOM   1305 C CA  . LEU B 1 76 ? 13.646  -6.669  2.630   1.00 48.88 ? 76  LEU B CA  1 
ATOM   1306 C C   . LEU B 1 76 ? 14.130  -6.368  1.217   1.00 48.82 ? 76  LEU B C   1 
ATOM   1307 O O   . LEU B 1 76 ? 13.856  -5.294  0.668   1.00 47.81 ? 76  LEU B O   1 
ATOM   1308 C CB  . LEU B 1 76 ? 12.207  -7.201  2.615   1.00 49.23 ? 76  LEU B CB  1 
ATOM   1309 C CG  . LEU B 1 76 ? 11.466  -7.258  3.958   1.00 50.05 ? 76  LEU B CG  1 
ATOM   1310 C CD1 . LEU B 1 76 ? 10.088  -7.853  3.777   1.00 51.72 ? 76  LEU B CD1 1 
ATOM   1311 C CD2 . LEU B 1 76 ? 12.247  -8.036  5.017   1.00 51.24 ? 76  LEU B CD2 1 
ATOM   1312 N N   . VAL B 1 77 ? 14.849  -7.324  0.640   1.00 48.52 ? 77  VAL B N   1 
ATOM   1313 C CA  . VAL B 1 77 ? 15.378  -7.174  -0.711  1.00 49.11 ? 77  VAL B CA  1 
ATOM   1314 C C   . VAL B 1 77 ? 14.885  -8.305  -1.615  1.00 49.00 ? 77  VAL B C   1 
ATOM   1315 O O   . VAL B 1 77 ? 15.054  -9.496  -1.323  1.00 48.92 ? 77  VAL B O   1 
ATOM   1316 C CB  . VAL B 1 77 ? 16.915  -7.107  -0.695  1.00 49.48 ? 77  VAL B CB  1 
ATOM   1317 C CG1 . VAL B 1 77 ? 17.477  -6.947  -2.110  1.00 50.62 ? 77  VAL B CG1 1 
ATOM   1318 C CG2 . VAL B 1 77 ? 17.362  -5.960  0.194   1.00 49.57 ? 77  VAL B CG2 1 
ATOM   1319 N N   . GLY B 1 78 ? 14.253  -7.921  -2.719  1.00 49.42 ? 78  GLY B N   1 
ATOM   1320 C CA  . GLY B 1 78 ? 13.765  -8.904  -3.673  1.00 49.35 ? 78  GLY B CA  1 
ATOM   1321 C C   . GLY B 1 78 ? 13.131  -8.269  -4.894  1.00 48.83 ? 78  GLY B C   1 
ATOM   1322 O O   . GLY B 1 78 ? 13.199  -7.053  -5.069  1.00 48.75 ? 78  GLY B O   1 
ATOM   1323 N N   . PRO B 1 79 ? 12.487  -9.095  -5.730  1.00 48.88 ? 79  PRO B N   1 
ATOM   1324 C CA  . PRO B 1 79 ? 11.944  -8.698  -7.021  1.00 48.70 ? 79  PRO B CA  1 
ATOM   1325 C C   . PRO B 1 79 ? 10.589  -8.029  -6.869  1.00 48.42 ? 79  PRO B C   1 
ATOM   1326 O O   . PRO B 1 79 ? 9.600   -8.491  -7.443  1.00 48.21 ? 79  PRO B O   1 
ATOM   1327 C CB  . PRO B 1 79 ? 11.820  -10.028 -7.766  1.00 49.06 ? 79  PRO B CB  1 
ATOM   1328 C CG  . PRO B 1 79 ? 11.509  -11.020 -6.668  1.00 49.90 ? 79  PRO B CG  1 
ATOM   1329 C CD  . PRO B 1 79 ? 12.276  -10.533 -5.462  1.00 49.70 ? 79  PRO B CD  1 
ATOM   1330 N N   . THR B 1 80 ? 10.554  -6.980  -6.052  1.00 47.64 ? 80  THR B N   1 
ATOM   1331 C CA  . THR B 1 80 ? 9.439   -6.047  -6.023  1.00 47.84 ? 80  THR B CA  1 
ATOM   1332 C C   . THR B 1 80 ? 9.456   -5.173  -7.276  1.00 47.78 ? 80  THR B C   1 
ATOM   1333 O O   . THR B 1 80 ? 10.506  -4.687  -7.688  1.00 47.85 ? 80  THR B O   1 
ATOM   1334 C CB  . THR B 1 80 ? 9.451   -5.157  -4.743  1.00 47.40 ? 80  THR B CB  1 
ATOM   1335 O OG1 . THR B 1 80 ? 8.298   -4.302  -4.741  1.00 47.94 ? 80  THR B OG1 1 
ATOM   1336 C CG2 . THR B 1 80 ? 10.715  -4.300  -4.641  1.00 46.16 ? 80  THR B CG2 1 
ATOM   1337 N N   . PRO B 1 81 ? 8.287   -4.975  -7.901  1.00 48.73 ? 81  PRO B N   1 
ATOM   1338 C CA  . PRO B 1 81 ? 8.205   -4.091  -9.072  1.00 48.30 ? 81  PRO B CA  1 
ATOM   1339 C C   . PRO B 1 81 ? 8.487   -2.614  -8.790  1.00 48.10 ? 81  PRO B C   1 
ATOM   1340 O O   . PRO B 1 81 ? 8.932   -1.898  -9.686  1.00 47.42 ? 81  PRO B O   1 
ATOM   1341 C CB  . PRO B 1 81 ? 6.769   -4.281  -9.558  1.00 48.57 ? 81  PRO B CB  1 
ATOM   1342 C CG  . PRO B 1 81 ? 6.032   -4.813  -8.394  1.00 49.35 ? 81  PRO B CG  1 
ATOM   1343 C CD  . PRO B 1 81 ? 6.992   -5.605  -7.589  1.00 48.80 ? 81  PRO B CD  1 
ATOM   1344 N N   . VAL B 1 82 ? 8.195   -2.162  -7.571  1.00 48.38 ? 82  VAL B N   1 
ATOM   1345 C CA  . VAL B 1 82 ? 8.518   -0.806  -7.112  1.00 48.89 ? 82  VAL B CA  1 
ATOM   1346 C C   . VAL B 1 82 ? 9.117   -0.885  -5.698  1.00 49.26 ? 82  VAL B C   1 
ATOM   1347 O O   . VAL B 1 82 ? 8.708   -1.729  -4.893  1.00 50.41 ? 82  VAL B O   1 
ATOM   1348 C CB  . VAL B 1 82 ? 7.251   0.088   -7.075  1.00 48.87 ? 82  VAL B CB  1 
ATOM   1349 C CG1 . VAL B 1 82 ? 7.588   1.509   -6.632  1.00 49.37 ? 82  VAL B CG1 1 
ATOM   1350 C CG2 . VAL B 1 82 ? 6.557   0.116   -8.436  1.00 50.11 ? 82  VAL B CG2 1 
ATOM   1351 N N   . ASN B 1 83 ? 10.078  -0.014  -5.394  1.00 49.04 ? 83  ASN B N   1 
ATOM   1352 C CA  . ASN B 1 83 ? 10.560  0.165   -4.017  1.00 48.68 ? 83  ASN B CA  1 
ATOM   1353 C C   . ASN B 1 83 ? 9.471   0.722   -3.098  1.00 48.59 ? 83  ASN B C   1 
ATOM   1354 O O   . ASN B 1 83 ? 8.775   1.683   -3.449  1.00 47.16 ? 83  ASN B O   1 
ATOM   1355 C CB  . ASN B 1 83 ? 11.745  1.129   -3.962  1.00 48.76 ? 83  ASN B CB  1 
ATOM   1356 C CG  . ASN B 1 83 ? 12.873  0.748   -4.899  1.00 50.01 ? 83  ASN B CG  1 
ATOM   1357 O OD1 . ASN B 1 83 ? 13.099  -0.425  -5.198  1.00 54.22 ? 83  ASN B OD1 1 
ATOM   1358 N ND2 . ASN B 1 83 ? 13.602  1.753   -5.360  1.00 50.33 ? 83  ASN B ND2 1 
ATOM   1359 N N   . ILE B 1 84 ? 9.374   0.149   -1.899  1.00 48.80 ? 84  ILE B N   1 
ATOM   1360 C CA  . ILE B 1 84 ? 8.288   0.407   -0.973  1.00 49.47 ? 84  ILE B CA  1 
ATOM   1361 C C   . ILE B 1 84 ? 8.786   0.680   0.444   1.00 49.48 ? 84  ILE B C   1 
ATOM   1362 O O   . ILE B 1 84 ? 9.462   -0.153  1.039   1.00 50.32 ? 84  ILE B O   1 
ATOM   1363 C CB  . ILE B 1 84 ? 7.364   -0.818  -0.918  1.00 49.77 ? 84  ILE B CB  1 
ATOM   1364 C CG1 . ILE B 1 84 ? 6.544   -0.917  -2.199  1.00 51.26 ? 84  ILE B CG1 1 
ATOM   1365 C CG2 . ILE B 1 84 ? 6.455   -0.768  0.298   1.00 48.83 ? 84  ILE B CG2 1 
ATOM   1366 C CD1 . ILE B 1 84 ? 6.160   -2.354  -2.504  1.00 52.26 ? 84  ILE B CD1 1 
ATOM   1367 N N   . ILE B 1 85 ? 8.408   1.834   0.988   1.00 49.18 ? 85  ILE B N   1 
ATOM   1368 C CA  . ILE B 1 85 ? 8.643   2.154   2.393   1.00 48.69 ? 85  ILE B CA  1 
ATOM   1369 C C   . ILE B 1 85 ? 7.393   1.738   3.148   1.00 49.08 ? 85  ILE B C   1 
ATOM   1370 O O   . ILE B 1 85 ? 6.308   2.279   2.914   1.00 48.63 ? 85  ILE B O   1 
ATOM   1371 C CB  . ILE B 1 85 ? 8.900   3.668   2.629   1.00 48.97 ? 85  ILE B CB  1 
ATOM   1372 C CG1 . ILE B 1 85 ? 10.064  4.163   1.761   1.00 47.91 ? 85  ILE B CG1 1 
ATOM   1373 C CG2 . ILE B 1 85 ? 9.185   3.958   4.118   1.00 48.51 ? 85  ILE B CG2 1 
ATOM   1374 C CD1 . ILE B 1 85 ? 11.295  3.295   1.812   1.00 47.55 ? 85  ILE B CD1 1 
ATOM   1375 N N   . GLY B 1 86 ? 7.561   0.774   4.049   1.00 48.69 ? 86  GLY B N   1 
ATOM   1376 C CA  . GLY B 1 86 ? 6.452   0.232   4.801   1.00 49.19 ? 86  GLY B CA  1 
ATOM   1377 C C   . GLY B 1 86 ? 6.259   0.842   6.171   1.00 49.44 ? 86  GLY B C   1 
ATOM   1378 O O   . GLY B 1 86 ? 7.034   1.702   6.591   1.00 50.17 ? 86  GLY B O   1 
ATOM   1379 N N   . ARG B 1 87 ? 5.244   0.348   6.879   1.00 49.52 ? 87  ARG B N   1 
ATOM   1380 C CA  . ARG B 1 87 ? 4.858   0.900   8.183   1.00 49.56 ? 87  ARG B CA  1 
ATOM   1381 C C   . ARG B 1 87 ? 5.969   0.784   9.227   1.00 49.36 ? 87  ARG B C   1 
ATOM   1382 O O   . ARG B 1 87 ? 6.064   1.622   10.119  1.00 49.53 ? 87  ARG B O   1 
ATOM   1383 C CB  . ARG B 1 87 ? 3.592   0.226   8.700   1.00 49.26 ? 87  ARG B CB  1 
ATOM   1384 C CG  . ARG B 1 87 ? 2.333   0.596   7.945   1.00 50.14 ? 87  ARG B CG  1 
ATOM   1385 C CD  . ARG B 1 87 ? 1.095   0.070   8.665   1.00 49.99 ? 87  ARG B CD  1 
ATOM   1386 N NE  . ARG B 1 87 ? 1.087   -1.387  8.773   1.00 49.23 ? 87  ARG B NE  1 
ATOM   1387 C CZ  . ARG B 1 87 ? 1.377   -2.093  9.868   1.00 50.26 ? 87  ARG B CZ  1 
ATOM   1388 N NH1 . ARG B 1 87 ? 1.740   -1.512  11.005  1.00 48.32 ? 87  ARG B NH1 1 
ATOM   1389 N NH2 . ARG B 1 87 ? 1.315   -3.417  9.811   1.00 51.12 ? 87  ARG B NH2 1 
ATOM   1390 N N   . ASN B 1 88 ? 6.813   -0.233  9.095   1.00 49.17 ? 88  ASN B N   1 
ATOM   1391 C CA  . ASN B 1 88 ? 7.938   -0.410  9.999   1.00 49.56 ? 88  ASN B CA  1 
ATOM   1392 C C   . ASN B 1 88 ? 8.791   0.855   10.025  1.00 49.90 ? 88  ASN B C   1 
ATOM   1393 O O   . ASN B 1 88 ? 9.160   1.302   11.106  1.00 50.41 ? 88  ASN B O   1 
ATOM   1394 C CB  . ASN B 1 88 ? 8.752   -1.686  9.687   1.00 49.44 ? 88  ASN B CB  1 
ATOM   1395 C CG  . ASN B 1 88 ? 9.638   -1.561  8.444   1.00 50.60 ? 88  ASN B CG  1 
ATOM   1396 O OD1 . ASN B 1 88 ? 9.176   -1.183  7.360   1.00 46.65 ? 88  ASN B OD1 1 
ATOM   1397 N ND2 . ASN B 1 88 ? 10.928  -1.891  8.603   1.00 47.66 ? 88  ASN B ND2 1 
ATOM   1398 N N   . LEU B 1 89 ? 8.998   1.495   8.875   1.00 49.71 ? 89  LEU B N   1 
ATOM   1399 C CA  . LEU B 1 89 ? 9.818   2.707   8.823   1.00 50.26 ? 89  LEU B CA  1 
ATOM   1400 C C   . LEU B 1 89 ? 8.996   3.993   8.807   1.00 50.09 ? 89  LEU B C   1 
ATOM   1401 O O   . LEU B 1 89 ? 9.440   5.013   9.336   1.00 49.82 ? 89  LEU B O   1 
ATOM   1402 C CB  . LEU B 1 89 ? 10.775  2.681   7.629   1.00 50.01 ? 89  LEU B CB  1 
ATOM   1403 C CG  . LEU B 1 89 ? 11.804  1.551   7.629   1.00 49.96 ? 89  LEU B CG  1 
ATOM   1404 C CD1 . LEU B 1 89 ? 12.734  1.719   6.428   1.00 48.50 ? 89  LEU B CD1 1 
ATOM   1405 C CD2 . LEU B 1 89 ? 12.590  1.499   8.943   1.00 51.49 ? 89  LEU B CD2 1 
ATOM   1406 N N   . LEU B 1 90 ? 7.787   3.937   8.258   1.00 50.46 ? 90  LEU B N   1 
ATOM   1407 C CA  . LEU B 1 90 ? 6.920   5.109   8.252   1.00 50.54 ? 90  LEU B CA  1 
ATOM   1408 C C   . LEU B 1 90 ? 6.640   5.572   9.683   1.00 50.44 ? 90  LEU B C   1 
ATOM   1409 O O   . LEU B 1 90 ? 6.534   6.765   9.937   1.00 50.01 ? 90  LEU B O   1 
ATOM   1410 C CB  . LEU B 1 90 ? 5.606   4.834   7.522   1.00 50.02 ? 90  LEU B CB  1 
ATOM   1411 C CG  . LEU B 1 90 ? 5.672   4.527   6.023   1.00 49.71 ? 90  LEU B CG  1 
ATOM   1412 C CD1 . LEU B 1 90 ? 4.312   4.056   5.545   1.00 46.45 ? 90  LEU B CD1 1 
ATOM   1413 C CD2 . LEU B 1 90 ? 6.173   5.692   5.206   1.00 48.91 ? 90  LEU B CD2 1 
ATOM   1414 N N   . THR B 1 91 ? 6.529   4.628   10.614  1.00 51.16 ? 91  THR B N   1 
ATOM   1415 C CA  . THR B 1 91 ? 6.316   4.959   12.024  1.00 51.46 ? 91  THR B CA  1 
ATOM   1416 C C   . THR B 1 91 ? 7.521   5.708   12.600  1.00 51.93 ? 91  THR B C   1 
ATOM   1417 O O   . THR B 1 91 ? 7.369   6.683   13.345  1.00 52.07 ? 91  THR B O   1 
ATOM   1418 C CB  . THR B 1 91 ? 6.074   3.695   12.884  1.00 52.13 ? 91  THR B CB  1 
ATOM   1419 O OG1 . THR B 1 91 ? 7.078   2.707   12.603  1.00 51.29 ? 91  THR B OG1 1 
ATOM   1420 C CG2 . THR B 1 91 ? 4.692   3.119   12.604  1.00 51.84 ? 91  THR B CG2 1 
ATOM   1421 N N   . GLN B 1 92 ? 8.720   5.246   12.263  1.00 52.14 ? 92  GLN B N   1 
ATOM   1422 C CA  . GLN B 1 92 ? 9.946   5.855   12.786  1.00 52.26 ? 92  GLN B CA  1 
ATOM   1423 C C   . GLN B 1 92 ? 10.089  7.336   12.440  1.00 52.20 ? 92  GLN B C   1 
ATOM   1424 O O   . GLN B 1 92 ? 10.658  8.112   13.217  1.00 52.06 ? 92  GLN B O   1 
ATOM   1425 C CB  . GLN B 1 92 ? 11.167  5.095   12.283  1.00 51.90 ? 92  GLN B CB  1 
ATOM   1426 C CG  . GLN B 1 92 ? 11.308  3.725   12.905  1.00 52.92 ? 92  GLN B CG  1 
ATOM   1427 C CD  . GLN B 1 92 ? 12.575  3.024   12.477  1.00 52.54 ? 92  GLN B CD  1 
ATOM   1428 O OE1 . GLN B 1 92 ? 13.587  3.662   12.194  1.00 52.72 ? 92  GLN B OE1 1 
ATOM   1429 N NE2 . GLN B 1 92 ? 12.522  1.699   12.410  1.00 54.14 ? 92  GLN B NE2 1 
ATOM   1430 N N   . ILE B 1 93 ? 9.571   7.729   11.278  1.00 52.40 ? 93  ILE B N   1 
ATOM   1431 C CA  . ILE B 1 93 ? 9.680   9.114   10.816  1.00 52.30 ? 93  ILE B CA  1 
ATOM   1432 C C   . ILE B 1 93 ? 8.443   9.968   11.115  1.00 52.26 ? 93  ILE B C   1 
ATOM   1433 O O   . ILE B 1 93 ? 8.376   11.119  10.707  1.00 51.39 ? 93  ILE B O   1 
ATOM   1434 C CB  . ILE B 1 93 ? 10.013  9.182   9.312   1.00 52.73 ? 93  ILE B CB  1 
ATOM   1435 C CG1 . ILE B 1 93 ? 8.825   8.689   8.468   1.00 51.70 ? 93  ILE B CG1 1 
ATOM   1436 C CG2 . ILE B 1 93 ? 11.274  8.365   9.022   1.00 52.40 ? 93  ILE B CG2 1 
ATOM   1437 C CD1 . ILE B 1 93 ? 9.006   8.868   6.983   1.00 52.97 ? 93  ILE B CD1 1 
ATOM   1438 N N   . GLY B 1 94 ? 7.475   9.407   11.834  1.00 52.69 ? 94  GLY B N   1 
ATOM   1439 C CA  . GLY B 1 94 ? 6.345   10.181  12.344  1.00 52.84 ? 94  GLY B CA  1 
ATOM   1440 C C   . GLY B 1 94 ? 5.243   10.395  11.324  1.00 53.64 ? 94  GLY B C   1 
ATOM   1441 O O   . GLY B 1 94 ? 4.460   11.329  11.442  1.00 53.34 ? 94  GLY B O   1 
ATOM   1442 N N   . CYS B 1 95 ? 5.171   9.502   10.341  1.00 54.20 ? 95  CYS B N   1 
ATOM   1443 C CA  . CYS B 1 95 ? 4.188   9.607   9.268   1.00 53.67 ? 95  CYS B CA  1 
ATOM   1444 C C   . CYS B 1 95 ? 2.798   9.132   9.699   1.00 53.52 ? 95  CYS B C   1 
ATOM   1445 O O   . CYS B 1 95 ? 2.626   8.021   10.220  1.00 53.15 ? 95  CYS B O   1 
ATOM   1446 C CB  . CYS B 1 95 ? 4.673   8.817   8.057   1.00 53.78 ? 95  CYS B CB  1 
ATOM   1447 S SG  . CYS B 1 95 ? 3.693   9.084   6.580   1.00 57.30 ? 95  CYS B SG  1 
ATOM   1448 N N   . THR B 1 96 ? 1.803   9.973   9.442   1.00 53.21 ? 96  THR B N   1 
ATOM   1449 C CA  . THR B 1 96 ? 0.403   9.640   9.709   1.00 52.68 ? 96  THR B CA  1 
ATOM   1450 C C   . THR B 1 96 ? -0.495  9.859   8.490   1.00 52.20 ? 96  THR B C   1 
ATOM   1451 O O   . THR B 1 96 ? -0.150  10.602  7.567   1.00 50.78 ? 96  THR B O   1 
ATOM   1452 C CB  . THR B 1 96 ? -0.157  10.470  10.906  1.00 53.12 ? 96  THR B CB  1 
ATOM   1453 O OG1 . THR B 1 96 ? -0.119  11.874  10.607  1.00 51.90 ? 96  THR B OG1 1 
ATOM   1454 C CG2 . THR B 1 96 ? 0.648   10.197  12.172  1.00 53.75 ? 96  THR B CG2 1 
ATOM   1455 N N   . LEU B 1 97 ? -1.638  9.175   8.487   1.00 51.81 ? 97  LEU B N   1 
ATOM   1456 C CA  . LEU B 1 97 ? -2.730  9.491   7.573   1.00 51.99 ? 97  LEU B CA  1 
ATOM   1457 C C   . LEU B 1 97 ? -3.705  10.433  8.264   1.00 51.51 ? 97  LEU B C   1 
ATOM   1458 O O   . LEU B 1 97 ? -4.023  10.264  9.437   1.00 51.32 ? 97  LEU B O   1 
ATOM   1459 C CB  . LEU B 1 97 ? -3.474  8.223   7.161   1.00 51.93 ? 97  LEU B CB  1 
ATOM   1460 C CG  . LEU B 1 97 ? -2.676  7.322   6.230   1.00 53.66 ? 97  LEU B CG  1 
ATOM   1461 C CD1 . LEU B 1 97 ? -3.236  5.909   6.274   1.00 54.80 ? 97  LEU B CD1 1 
ATOM   1462 C CD2 . LEU B 1 97 ? -2.700  7.879   4.839   1.00 54.45 ? 97  LEU B CD2 1 
ATOM   1463 N N   . ASN B 1 98 ? -4.173  11.423  7.524   1.00 51.38 ? 98  ASN B N   1 
ATOM   1464 C CA  . ASN B 1 98 ? -4.934  12.524  8.092   1.00 51.38 ? 98  ASN B CA  1 
ATOM   1465 C C   . ASN B 1 98 ? -6.065  12.897  7.148   1.00 51.18 ? 98  ASN B C   1 
ATOM   1466 O O   . ASN B 1 98 ? -5.833  13.136  5.955   1.00 50.59 ? 98  ASN B O   1 
ATOM   1467 C CB  . ASN B 1 98 ? -4.018  13.730  8.303   1.00 50.81 ? 98  ASN B CB  1 
ATOM   1468 C CG  . ASN B 1 98 ? -2.975  13.475  9.362   1.00 53.03 ? 98  ASN B CG  1 
ATOM   1469 O OD1 . ASN B 1 98 ? -1.843  13.113  9.050   1.00 53.41 ? 98  ASN B OD1 1 
ATOM   1470 N ND2 . ASN B 1 98 ? -3.372  13.581  10.625  1.00 50.34 ? 98  ASN B ND2 1 
ATOM   1471 N N   . PHE B 1 99 ? -7.288  12.890  7.667   1.00 51.50 ? 99  PHE B N   1 
ATOM   1472 C CA  . PHE B 1 99 ? -8.423  13.375  6.902   1.00 52.28 ? 99  PHE B CA  1 
ATOM   1473 C C   . PHE B 1 99 ? -9.559  13.777  7.834   1.00 52.67 ? 99  PHE B C   1 
ATOM   1474 O O   . PHE B 1 99 ? -10.603 14.243  7.385   1.00 51.58 ? 99  PHE B O   1 
ATOM   1475 C CB  . PHE B 1 99 ? -8.885  12.347  5.860   1.00 53.73 ? 99  PHE B CB  1 
ATOM   1476 C CG  . PHE B 1 99 ? -9.446  11.087  6.447   1.00 53.35 ? 99  PHE B CG  1 
ATOM   1477 C CD1 . PHE B 1 99 ? -8.620  10.018  6.732   1.00 56.33 ? 99  PHE B CD1 1 
ATOM   1478 C CD2 . PHE B 1 99 ? -10.802 10.970  6.701   1.00 55.62 ? 99  PHE B CD2 1 
ATOM   1479 C CE1 . PHE B 1 99 ? -9.123  8.858   7.290   1.00 56.31 ? 99  PHE B CE1 1 
ATOM   1480 C CE2 . PHE B 1 99 ? -11.319 9.816   7.259   1.00 56.26 ? 99  PHE B CE2 1 
ATOM   1481 C CZ  . PHE B 1 99 ? -10.474 8.755   7.555   1.00 56.99 ? 99  PHE B CZ  1 
ATOM   1482 O OXT . PHE B 1 99 ? -9.433  13.665  9.057   1.00 53.19 ? 99  PHE B OXT 1 
ATOM   1483 N N   . ALA C 2 2  ? -3.152  1.137   -12.308 1.00 69.85 ? 2   ALA P N   1 
ATOM   1484 C CA  . ALA C 2 2  ? -3.548  -0.289  -12.074 1.00 69.41 ? 2   ALA P CA  1 
ATOM   1485 C C   . ALA C 2 2  ? -2.517  -1.045  -11.228 1.00 69.47 ? 2   ALA P C   1 
ATOM   1486 O O   . ALA C 2 2  ? -2.344  -2.261  -11.387 1.00 69.58 ? 2   ALA P O   1 
ATOM   1487 C CB  . ALA C 2 2  ? -3.761  -1.000  -13.413 1.00 69.57 ? 2   ALA P CB  1 
ATOM   1488 N N   . ASP C 2 3  ? -1.835  -0.333  -10.331 1.00 68.90 ? 3   ASP P N   1 
ATOM   1489 C CA  . ASP C 2 3  ? -0.784  -0.938  -9.516  1.00 68.33 ? 3   ASP P CA  1 
ATOM   1490 C C   . ASP C 2 3  ? -1.080  -0.795  -8.023  1.00 67.74 ? 3   ASP P C   1 
ATOM   1491 O O   . ASP C 2 3  ? -1.238  0.309   -7.508  1.00 66.67 ? 3   ASP P O   1 
ATOM   1492 C CB  . ASP C 2 3  ? 0.558   -0.339  -9.858  1.00 68.57 ? 3   ASP P CB  1 
ATOM   1493 N N   . ILE C 2 4  ? -1.160  -1.937  -7.349  1.00 67.70 ? 4   ILE P N   1 
ATOM   1494 C CA  . ILE C 2 4  ? -1.601  -2.023  -5.963  1.00 67.60 ? 4   ILE P CA  1 
ATOM   1495 C C   . ILE C 2 4  ? -0.552  -2.763  -5.120  1.00 67.51 ? 4   ILE P C   1 
ATOM   1496 O O   . ILE C 2 4  ? -0.480  -3.994  -5.137  1.00 67.25 ? 4   ILE P O   1 
ATOM   1497 C CB  . ILE C 2 4  ? -2.978  -2.727  -5.873  1.00 67.63 ? 4   ILE P CB  1 
ATOM   1498 C CG1 . ILE C 2 4  ? -4.095  -1.779  -6.339  1.00 68.25 ? 4   ILE P CG1 1 
ATOM   1499 C CG2 . ILE C 2 4  ? -3.273  -3.197  -4.441  1.00 67.84 ? 4   ILE P CG2 1 
ATOM   1500 C CD1 . ILE C 2 4  ? -4.164  -1.559  -7.834  1.00 67.65 ? 4   ILE P CD1 1 
ATOM   1501 N N   . PHE C 2 5  ? 0.253   -2.004  -4.379  1.00 67.28 ? 5   PHE P N   1 
ATOM   1502 C CA  . PHE C 2 5  ? 1.334   -2.578  -3.577  1.00 67.39 ? 5   PHE P CA  1 
ATOM   1503 C C   . PHE C 2 5  ? 0.962   -2.717  -2.102  1.00 67.66 ? 5   PHE P C   1 
ATOM   1504 O O   . PHE C 2 5  ? 1.597   -2.157  -1.215  1.00 68.02 ? 5   PHE P O   1 
ATOM   1505 C CB  . PHE C 2 5  ? 2.627   -1.787  -3.784  1.00 67.18 ? 5   PHE P CB  1 
ATOM   1506 C CG  . PHE C 2 5  ? 2.975   -1.621  -5.234  1.00 66.71 ? 5   PHE P CG  1 
ATOM   1507 C CD1 . PHE C 2 5  ? 2.928   -0.376  -5.837  1.00 66.47 ? 5   PHE P CD1 1 
ATOM   1508 C CD2 . PHE C 2 5  ? 3.253   -2.729  -6.015  1.00 66.47 ? 5   PHE P CD2 1 
ATOM   1509 C CE1 . PHE C 2 5  ? 3.207   -0.227  -7.185  1.00 67.39 ? 5   PHE P CE1 1 
ATOM   1510 C CE2 . PHE C 2 5  ? 3.524   -2.595  -7.367  1.00 67.72 ? 5   PHE P CE2 1 
ATOM   1511 C CZ  . PHE C 2 5  ? 3.499   -1.339  -7.958  1.00 67.19 ? 5   PHE P CZ  1 
ATOM   1512 N N   . TYR C 2 6  ? -0.103  -3.474  -1.863  1.00 68.09 ? 6   TYR P N   1 
ATOM   1513 C CA  . TYR C 2 6  ? -0.299  -4.143  -0.582  1.00 67.96 ? 6   TYR P CA  1 
ATOM   1514 C C   . TYR C 2 6  ? 0.842   -5.158  -0.391  1.00 67.73 ? 6   TYR P C   1 
ATOM   1515 O O   . TYR C 2 6  ? 1.300   -5.795  -1.351  1.00 67.45 ? 6   TYR P O   1 
ATOM   1516 C CB  . TYR C 2 6  ? -1.684  -4.812  -0.559  1.00 68.22 ? 6   TYR P CB  1 
ATOM   1517 C CG  . TYR C 2 6  ? -1.877  -5.870  0.505   1.00 68.25 ? 6   TYR P CG  1 
ATOM   1518 C CD1 . TYR C 2 6  ? -2.159  -5.518  1.819   1.00 68.29 ? 6   TYR P CD1 1 
ATOM   1519 C CD2 . TYR C 2 6  ? -1.790  -7.222  0.192   1.00 68.04 ? 6   TYR P CD2 1 
ATOM   1520 C CE1 . TYR C 2 6  ? -2.328  -6.478  2.801   1.00 67.95 ? 6   TYR P CE1 1 
ATOM   1521 C CE2 . TYR C 2 6  ? -1.950  -8.193  1.170   1.00 68.80 ? 6   TYR P CE2 1 
ATOM   1522 C CZ  . TYR C 2 6  ? -2.227  -7.815  2.475   1.00 68.89 ? 6   TYR P CZ  1 
ATOM   1523 O OH  . TYR C 2 6  ? -2.407  -8.767  3.460   1.00 68.79 ? 6   TYR P OH  1 
ATOM   1524 N N   . LEU C 2 7  ? 1.330   -5.267  0.840   1.00 67.37 ? 7   LEU P N   1 
ATOM   1525 C CA  . LEU C 2 7  ? 2.333   -6.274  1.194   1.00 67.39 ? 7   LEU P CA  1 
ATOM   1526 C C   . LEU C 2 7  ? 2.049   -6.840  2.583   1.00 66.90 ? 7   LEU P C   1 
ATOM   1527 O O   . LEU C 2 7  ? 1.999   -6.106  3.573   1.00 65.95 ? 7   LEU P O   1 
ATOM   1528 C CB  . LEU C 2 7  ? 3.755   -5.702  1.109   1.00 67.39 ? 7   LEU P CB  1 
ATOM   1529 C CG  . LEU C 2 7  ? 4.718   -5.846  2.298   1.00 67.88 ? 7   LEU P CG  1 
ATOM   1530 C CD1 . LEU C 2 7  ? 5.056   -7.296  2.637   1.00 67.64 ? 7   LEU P CD1 1 
ATOM   1531 C CD2 . LEU C 2 7  ? 5.990   -5.081  1.979   1.00 68.08 ? 7   LEU P CD2 1 
ATOM   1532 N N   . ASP C 2 8  ? 1.830   -8.150  2.625   1.00 67.13 ? 8   ASP P N   1 
ATOM   1533 C CA  . ASP C 2 8  ? 1.723   -8.898  3.872   1.00 67.65 ? 8   ASP P CA  1 
ATOM   1534 C C   . ASP C 2 8  ? 3.064   -9.569  4.171   1.00 67.82 ? 8   ASP P C   1 
ATOM   1535 O O   . ASP C 2 8  ? 3.429   -10.571 3.547   1.00 66.69 ? 8   ASP P O   1 
ATOM   1536 C CB  . ASP C 2 8  ? 0.611   -9.943  3.776   1.00 67.70 ? 8   ASP P CB  1 
ATOM   1537 N N   . GLY C 2 9  ? 3.807   -8.973  5.098   1.00 68.21 ? 9   GLY P N   1 
ATOM   1538 C CA  . GLY C 2 9  ? 5.019   -9.578  5.624   1.00 68.73 ? 9   GLY P CA  1 
ATOM   1539 C C   . GLY C 2 9  ? 4.723   -10.544 6.755   1.00 69.40 ? 9   GLY P C   1 
ATOM   1540 O O   . GLY C 2 9  ? 3.728   -10.389 7.463   1.00 70.41 ? 9   GLY P O   1 
HETATM 1541 O O   . HOH D 3 .  ? -10.463 1.601   -7.926  1.00 32.28 ? 100 HOH A O   1 
HETATM 1542 O O   . HOH D 3 .  ? 0.753   2.508   -6.398  1.00 39.51 ? 101 HOH A O   1 
HETATM 1543 O O   . HOH D 3 .  ? -4.669  13.612  -1.127  1.00 34.97 ? 102 HOH A O   1 
HETATM 1544 O O   . HOH D 3 .  ? -12.558 6.714   -8.865  1.00 37.74 ? 103 HOH A O   1 
HETATM 1545 O O   . HOH D 3 .  ? 0.223   4.824   -5.001  1.00 33.78 ? 104 HOH A O   1 
HETATM 1546 O O   . HOH D 3 .  ? -6.974  -13.579 -11.360 1.00 46.73 ? 105 HOH A O   1 
HETATM 1547 O O   . HOH D 3 .  ? -9.911  -12.522 -0.986  1.00 41.31 ? 106 HOH A O   1 
HETATM 1548 O O   . HOH D 3 .  ? -18.522 4.686   7.397   1.00 51.22 ? 107 HOH A O   1 
HETATM 1549 O O   . HOH D 3 .  ? -12.312 -12.542 -2.483  1.00 40.81 ? 108 HOH A O   1 
HETATM 1550 O O   . HOH D 3 .  ? -1.252  2.421   15.004  1.00 44.31 ? 109 HOH A O   1 
HETATM 1551 O O   . HOH D 3 .  ? -7.198  15.801  -1.712  1.00 60.80 ? 110 HOH A O   1 
HETATM 1552 O O   . HOH D 3 .  ? -2.017  -4.435  12.634  1.00 52.17 ? 111 HOH A O   1 
HETATM 1553 O O   . HOH D 3 .  ? -11.578 9.370   -7.582  1.00 41.80 ? 112 HOH A O   1 
HETATM 1554 O O   . HOH D 3 .  ? -19.993 0.133   -13.787 1.00 46.07 ? 113 HOH A O   1 
HETATM 1555 O O   . HOH D 3 .  ? -15.613 -7.401  -0.041  1.00 45.22 ? 114 HOH A O   1 
HETATM 1556 O O   . HOH D 3 .  ? -16.865 -4.057  9.557   1.00 54.45 ? 115 HOH A O   1 
HETATM 1557 O O   . HOH D 3 .  ? 1.630   18.317  7.634   1.00 48.13 ? 116 HOH A O   1 
HETATM 1558 O O   . HOH D 3 .  ? -24.481 2.022   1.865   1.00 41.67 ? 117 HOH A O   1 
HETATM 1559 O O   . HOH D 3 .  ? -18.685 13.936  3.822   1.00 55.06 ? 118 HOH A O   1 
HETATM 1560 O O   . HOH D 3 .  ? -22.376 3.397   1.134   1.00 55.10 ? 119 HOH A O   1 
HETATM 1561 O O   . HOH D 3 .  ? 2.638   6.445   12.622  1.00 38.70 ? 120 HOH A O   1 
HETATM 1562 O O   . HOH D 3 .  ? -14.478 -7.391  6.394   1.00 52.66 ? 121 HOH A O   1 
HETATM 1563 O O   . HOH D 3 .  ? 3.405   7.753   14.720  1.00 51.91 ? 122 HOH A O   1 
HETATM 1564 O O   . HOH D 3 .  ? -15.970 6.227   -10.862 1.00 49.68 ? 123 HOH A O   1 
HETATM 1565 O O   . HOH D 3 .  ? 2.232   -11.755 -12.825 1.00 48.59 ? 124 HOH A O   1 
HETATM 1566 O O   . HOH D 3 .  ? -8.144  11.093  -7.213  1.00 42.12 ? 125 HOH A O   1 
HETATM 1567 O O   . HOH D 3 .  ? -2.620  10.601  16.423  1.00 48.18 ? 126 HOH A O   1 
HETATM 1568 O O   . HOH D 3 .  ? -2.784  15.263  16.269  1.00 48.89 ? 127 HOH A O   1 
HETATM 1569 O O   . HOH D 3 .  ? -3.396  1.967   11.974  1.00 48.46 ? 128 HOH A O   1 
HETATM 1570 O O   . HOH D 3 .  ? -10.877 -4.413  11.506  1.00 51.97 ? 129 HOH A O   1 
HETATM 1571 O O   . HOH D 3 .  ? -22.094 -10.021 -1.405  1.00 55.65 ? 130 HOH A O   1 
HETATM 1572 O O   . HOH D 3 .  ? -19.717 -7.298  -17.348 0.00 68.35 ? 131 HOH A O   1 
HETATM 1573 O O   . HOH D 3 .  ? -5.550  15.931  5.018   1.00 39.50 ? 132 HOH A O   1 
HETATM 1574 O O   . HOH D 3 .  ? -25.831 1.954   -0.318  1.00 56.10 ? 133 HOH A O   1 
HETATM 1575 O O   . HOH D 3 .  ? -5.378  6.938   -8.296  1.00 46.70 ? 134 HOH A O   1 
HETATM 1576 O O   . HOH D 3 .  ? -20.928 8.165   -0.780  1.00 45.68 ? 135 HOH A O   1 
HETATM 1577 O O   . HOH D 3 .  ? -1.526  2.151   17.654  1.00 47.11 ? 136 HOH A O   1 
HETATM 1578 O O   . HOH D 3 .  ? -26.168 -0.468  10.262  1.00 62.74 ? 137 HOH A O   1 
HETATM 1579 O O   . HOH D 3 .  ? -22.952 1.811   -2.170  1.00 38.50 ? 138 HOH A O   1 
HETATM 1580 O O   . HOH D 3 .  ? -5.267  9.470   -7.043  1.00 48.05 ? 139 HOH A O   1 
HETATM 1581 O O   . HOH D 3 .  ? -5.596  -7.027  7.948   1.00 49.99 ? 140 HOH A O   1 
HETATM 1582 O O   . HOH D 3 .  ? -8.928  -6.997  7.052   1.00 56.00 ? 141 HOH A O   1 
HETATM 1583 O O   . HOH D 3 .  ? -10.211 -7.314  4.128   1.00 49.85 ? 142 HOH A O   1 
HETATM 1584 O O   . HOH E 3 .  ? -0.035  14.332  -5.230  1.00 38.95 ? 100 HOH B O   1 
HETATM 1585 O O   . HOH E 3 .  ? 8.241   -15.742 5.474   1.00 34.44 ? 101 HOH B O   1 
HETATM 1586 O O   . HOH E 3 .  ? -0.337  -1.867  6.585   1.00 33.33 ? 102 HOH B O   1 
HETATM 1587 O O   . HOH E 3 .  ? 5.310   13.315  13.271  1.00 39.66 ? 103 HOH B O   1 
HETATM 1588 O O   . HOH E 3 .  ? 10.455  7.393   -9.106  1.00 65.03 ? 104 HOH B O   1 
HETATM 1589 O O   . HOH E 3 .  ? 10.841  -4.492  6.456   1.00 37.46 ? 105 HOH B O   1 
HETATM 1590 O O   . HOH E 3 .  ? 1.563   11.883  -3.928  1.00 47.52 ? 106 HOH B O   1 
HETATM 1591 O O   . HOH E 3 .  ? 10.005  -14.698 -5.958  1.00 41.11 ? 107 HOH B O   1 
HETATM 1592 O O   . HOH E 3 .  ? 3.918   13.092  -4.095  1.00 49.91 ? 108 HOH B O   1 
HETATM 1593 O O   . HOH E 3 .  ? -5.494  15.062  11.680  1.00 44.39 ? 109 HOH B O   1 
HETATM 1594 O O   . HOH E 3 .  ? 12.531  -15.700 -6.641  1.00 45.38 ? 110 HOH B O   1 
HETATM 1595 O O   . HOH E 3 .  ? 2.178   12.865  11.486  1.00 42.97 ? 111 HOH B O   1 
HETATM 1596 O O   . HOH E 3 .  ? 1.181   16.983  -2.150  1.00 49.94 ? 112 HOH B O   1 
HETATM 1597 O O   . HOH E 3 .  ? 1.481   18.813  -0.370  1.00 46.86 ? 113 HOH B O   1 
HETATM 1598 O O   . HOH E 3 .  ? 15.962  -0.082  -7.537  1.00 50.68 ? 114 HOH B O   1 
HETATM 1599 O O   . HOH E 3 .  ? -0.745  19.921  0.698   1.00 50.31 ? 115 HOH B O   1 
HETATM 1600 O O   . HOH E 3 .  ? 13.542  -17.965 7.852   1.00 68.77 ? 116 HOH B O   1 
HETATM 1601 O O   . HOH E 3 .  ? 2.986   8.832   -10.519 1.00 57.15 ? 117 HOH B O   1 
HETATM 1602 O O   . HOH E 3 .  ? 0.819   8.580   -10.133 1.00 47.54 ? 118 HOH B O   1 
HETATM 1603 O O   . HOH E 3 .  ? 11.985  -2.654  11.249  1.00 41.12 ? 119 HOH B O   1 
HETATM 1604 O O   . HOH E 3 .  ? 5.743   3.643   -9.029  1.00 53.91 ? 120 HOH B O   1 
HETATM 1605 O O   . HOH E 3 .  ? 15.419  3.360   -9.195  1.00 45.54 ? 121 HOH B O   1 
HETATM 1606 O O   . HOH E 3 .  ? -4.743  -12.654 -5.233  1.00 42.22 ? 122 HOH B O   1 
HETATM 1607 O O   . HOH E 3 .  ? 15.572  -4.408  12.151  1.00 43.53 ? 123 HOH B O   1 
HETATM 1608 O O   . HOH E 3 .  ? 5.193   -13.899 5.848   1.00 66.37 ? 124 HOH B O   1 
HETATM 1609 O O   . HOH E 3 .  ? 19.457  -7.948  -4.879  1.00 54.02 ? 125 HOH B O   1 
HETATM 1610 O O   . HOH E 3 .  ? 21.938  -7.299  7.817   1.00 55.91 ? 126 HOH B O   1 
HETATM 1611 O O   . HOH E 3 .  ? 10.102  -8.530  8.666   1.00 51.33 ? 127 HOH B O   1 
HETATM 1612 O O   . HOH E 3 .  ? 4.992   -3.267  10.319  1.00 53.76 ? 128 HOH B O   1 
HETATM 1613 O O   . HOH E 3 .  ? 9.447   -5.326  8.415   1.00 51.90 ? 129 HOH B O   1 
HETATM 1614 O O   . HOH F 3 .  ? 0.862   -5.917  -4.032  1.00 48.18 ? 63  HOH P O   1 
# 
loop_
_pdbx_poly_seq_scheme.asym_id 
_pdbx_poly_seq_scheme.entity_id 
_pdbx_poly_seq_scheme.seq_id 
_pdbx_poly_seq_scheme.mon_id 
_pdbx_poly_seq_scheme.ndb_seq_num 
_pdbx_poly_seq_scheme.pdb_seq_num 
_pdbx_poly_seq_scheme.auth_seq_num 
_pdbx_poly_seq_scheme.pdb_mon_id 
_pdbx_poly_seq_scheme.auth_mon_id 
_pdbx_poly_seq_scheme.pdb_strand_id 
_pdbx_poly_seq_scheme.pdb_ins_code 
_pdbx_poly_seq_scheme.hetero 
A 1 1  PRO 1  1  1  PRO PRO A . n 
A 1 2  GLN 2  2  2  GLN GLN A . n 
A 1 3  ILE 3  3  3  ILE ILE A . n 
A 1 4  THR 4  4  4  THR THR A . n 
A 1 5  LEU 5  5  5  LEU LEU A . n 
A 1 6  TRP 6  6  6  TRP TRP A . n 
A 1 7  LYS 7  7  7  LYS ALA A . n 
A 1 8  ARG 8  8  8  ARG ARG A . n 
A 1 9  PRO 9  9  9  PRO PRO A . n 
A 1 10 LEU 10 10 10 LEU LEU A . n 
A 1 11 VAL 11 11 11 VAL VAL A . n 
A 1 12 THR 12 12 12 THR THR A . n 
A 1 13 ILE 13 13 13 ILE ILE A . n 
A 1 14 ARG 14 14 14 ARG ARG A . n 
A 1 15 ILE 15 15 15 ILE ILE A . n 
A 1 16 GLY 16 16 16 GLY GLY A . n 
A 1 17 GLY 17 17 17 GLY GLY A . n 
A 1 18 GLN 18 18 18 GLN GLN A . n 
A 1 19 LEU 19 19 19 LEU LEU A . n 
A 1 20 LYS 20 20 20 LYS LYS A . n 
A 1 21 GLU 21 21 21 GLU GLU A . n 
A 1 22 ALA 22 22 22 ALA ALA A . n 
A 1 23 LEU 23 23 23 LEU LEU A . n 
A 1 24 LEU 24 24 24 LEU LEU A . n 
A 1 25 ASN 25 25 25 ASN ASN A . n 
A 1 26 THR 26 26 26 THR THR A . n 
A 1 27 GLY 27 27 27 GLY GLY A . n 
A 1 28 ALA 28 28 28 ALA ALA A . n 
A 1 29 ASP 29 29 29 ASP ASP A . n 
A 1 30 ASP 30 30 30 ASP ASP A . n 
A 1 31 THR 31 31 31 THR THR A . n 
A 1 32 VAL 32 32 32 VAL VAL A . n 
A 1 33 LEU 33 33 33 LEU LEU A . n 
A 1 34 GLU 34 34 34 GLU GLU A . n 
A 1 35 GLU 35 35 35 GLU GLU A . n 
A 1 36 MET 36 36 36 MET MET A . n 
A 1 37 ASN 37 37 37 ASN ASN A . n 
A 1 38 LEU 38 38 38 LEU LEU A . n 
A 1 39 PRO 39 39 39 PRO PRO A . n 
A 1 40 GLY 40 40 40 GLY GLY A . n 
A 1 41 LYS 41 41 41 LYS ALA A . n 
A 1 42 TRP 42 42 42 TRP TRP A . n 
A 1 43 LYS 43 43 43 LYS ALA A . n 
A 1 44 PRO 44 44 44 PRO PRO A . n 
A 1 45 LYS 45 45 45 LYS ALA A . n 
A 1 46 MET 46 46 46 MET MET A . n 
A 1 47 ILE 47 47 47 ILE ILE A . n 
A 1 48 GLY 48 48 48 GLY GLY A . n 
A 1 49 GLY 49 49 49 GLY GLY A . n 
A 1 50 ILE 50 50 50 ILE ILE A . n 
A 1 51 GLY 51 51 51 GLY GLY A . n 
A 1 52 GLY 52 52 52 GLY GLY A . n 
A 1 53 PHE 53 53 53 PHE ALA A . n 
A 1 54 ILE 54 54 54 ILE ILE A . n 
A 1 55 LYS 55 55 55 LYS ALA A . n 
A 1 56 VAL 56 56 56 VAL VAL A . n 
A 1 57 ARG 57 57 57 ARG ARG A . n 
A 1 58 GLN 58 58 58 GLN GLN A . n 
A 1 59 TYR 59 59 59 TYR TYR A . n 
A 1 60 ASP 60 60 60 ASP ASP A . n 
A 1 61 GLN 61 61 61 GLN GLN A . n 
A 1 62 ILE 62 62 62 ILE ILE A . n 
A 1 63 PRO 63 63 63 PRO PRO A . n 
A 1 64 ILE 64 64 64 ILE ILE A . n 
A 1 65 GLU 65 65 65 GLU GLU A . n 
A 1 66 ILE 66 66 66 ILE ILE A . n 
A 1 67 CYS 67 67 67 CYS CYS A . n 
A 1 68 GLY 68 68 68 GLY GLY A . n 
A 1 69 HIS 69 69 69 HIS HIS A . n 
A 1 70 LYS 70 70 70 LYS LYS A . n 
A 1 71 ALA 71 71 71 ALA ALA A . n 
A 1 72 ILE 72 72 72 ILE ILE A . n 
A 1 73 GLY 73 73 73 GLY GLY A . n 
A 1 74 THR 74 74 74 THR THR A . n 
A 1 75 VAL 75 75 75 VAL VAL A . n 
A 1 76 LEU 76 76 76 LEU LEU A . n 
A 1 77 VAL 77 77 77 VAL VAL A . n 
A 1 78 GLY 78 78 78 GLY GLY A . n 
A 1 79 PRO 79 79 79 PRO PRO A . n 
A 1 80 THR 80 80 80 THR THR A . n 
A 1 81 PRO 81 81 81 PRO PRO A . n 
A 1 82 VAL 82 82 82 VAL VAL A . n 
A 1 83 ASN 83 83 83 ASN ASN A . n 
A 1 84 ILE 84 84 84 ILE ILE A . n 
A 1 85 ILE 85 85 85 ILE ILE A . n 
A 1 86 GLY 86 86 86 GLY GLY A . n 
A 1 87 ARG 87 87 87 ARG ARG A . n 
A 1 88 ASN 88 88 88 ASN ASN A . n 
A 1 89 LEU 89 89 89 LEU LEU A . n 
A 1 90 LEU 90 90 90 LEU LEU A . n 
A 1 91 THR 91 91 91 THR THR A . n 
A 1 92 GLN 92 92 92 GLN GLN A . n 
A 1 93 ILE 93 93 93 ILE ILE A . n 
A 1 94 GLY 94 94 94 GLY GLY A . n 
A 1 95 CYS 95 95 95 CYS CYS A . n 
A 1 96 THR 96 96 96 THR THR A . n 
A 1 97 LEU 97 97 97 LEU LEU A . n 
A 1 98 ASN 98 98 98 ASN ASN A . n 
A 1 99 PHE 99 99 99 PHE PHE A . n 
B 1 1  PRO 1  1  1  PRO PRO B . n 
B 1 2  GLN 2  2  2  GLN GLN B . n 
B 1 3  ILE 3  3  3  ILE ILE B . n 
B 1 4  THR 4  4  4  THR THR B . n 
B 1 5  LEU 5  5  5  LEU LEU B . n 
B 1 6  TRP 6  6  6  TRP TRP B . n 
B 1 7  LYS 7  7  7  LYS LYS B . n 
B 1 8  ARG 8  8  8  ARG ARG B . n 
B 1 9  PRO 9  9  9  PRO PRO B . n 
B 1 10 LEU 10 10 10 LEU LEU B . n 
B 1 11 VAL 11 11 11 VAL VAL B . n 
B 1 12 THR 12 12 12 THR ALA B . n 
B 1 13 ILE 13 13 13 ILE ILE B . n 
B 1 14 ARG 14 14 14 ARG ALA B . n 
B 1 15 ILE 15 15 15 ILE ALA B . n 
B 1 16 GLY 16 16 16 GLY GLY B . n 
B 1 17 GLY 17 17 17 GLY GLY B . n 
B 1 18 GLN 18 18 18 GLN ALA B . n 
B 1 19 LEU 19 19 19 LEU LEU B . n 
B 1 20 LYS 20 20 20 LYS ALA B . n 
B 1 21 GLU 21 21 21 GLU GLU B . n 
B 1 22 ALA 22 22 22 ALA ALA B . n 
B 1 23 LEU 23 23 23 LEU LEU B . n 
B 1 24 LEU 24 24 24 LEU LEU B . n 
B 1 25 ASN 25 25 25 ASN ASN B . n 
B 1 26 THR 26 26 26 THR THR B . n 
B 1 27 GLY 27 27 27 GLY GLY B . n 
B 1 28 ALA 28 28 28 ALA ALA B . n 
B 1 29 ASP 29 29 29 ASP ASP B . n 
B 1 30 ASP 30 30 30 ASP ASP B . n 
B 1 31 THR 31 31 31 THR THR B . n 
B 1 32 VAL 32 32 32 VAL VAL B . n 
B 1 33 LEU 33 33 33 LEU LEU B . n 
B 1 34 GLU 34 34 34 GLU GLU B . n 
B 1 35 GLU 35 35 35 GLU GLU B . n 
B 1 36 MET 36 36 36 MET MET B . n 
B 1 37 ASN 37 37 37 ASN ALA B . n 
B 1 38 LEU 38 38 38 LEU LEU B . n 
B 1 39 PRO 39 39 39 PRO PRO B . n 
B 1 40 GLY 40 40 40 GLY GLY B . n 
B 1 41 LYS 41 41 41 LYS ALA B . n 
B 1 42 TRP 42 42 42 TRP TRP B . n 
B 1 43 LYS 43 43 43 LYS ALA B . n 
B 1 44 PRO 44 44 44 PRO PRO B . n 
B 1 45 LYS 45 45 45 LYS LYS B . n 
B 1 46 MET 46 46 46 MET MET B . n 
B 1 47 ILE 47 47 47 ILE ILE B . n 
B 1 48 GLY 48 48 48 GLY GLY B . n 
B 1 49 GLY 49 49 49 GLY GLY B . n 
B 1 50 ILE 50 50 50 ILE ILE B . n 
B 1 51 GLY 51 51 51 GLY GLY B . n 
B 1 52 GLY 52 52 52 GLY GLY B . n 
B 1 53 PHE 53 53 53 PHE PHE B . n 
B 1 54 ILE 54 54 54 ILE ILE B . n 
B 1 55 LYS 55 55 55 LYS LYS B . n 
B 1 56 VAL 56 56 56 VAL VAL B . n 
B 1 57 ARG 57 57 57 ARG ARG B . n 
B 1 58 GLN 58 58 58 GLN GLN B . n 
B 1 59 TYR 59 59 59 TYR TYR B . n 
B 1 60 ASP 60 60 60 ASP ASP B . n 
B 1 61 GLN 61 61 61 GLN ALA B . n 
B 1 62 ILE 62 62 62 ILE ILE B . n 
B 1 63 PRO 63 63 63 PRO PRO B . n 
B 1 64 ILE 64 64 64 ILE ILE B . n 
B 1 65 GLU 65 65 65 GLU GLU B . n 
B 1 66 ILE 66 66 66 ILE ILE B . n 
B 1 67 CYS 67 67 67 CYS CYS B . n 
B 1 68 GLY 68 68 68 GLY GLY B . n 
B 1 69 HIS 69 69 69 HIS HIS B . n 
B 1 70 LYS 70 70 70 LYS LYS B . n 
B 1 71 ALA 71 71 71 ALA ALA B . n 
B 1 72 ILE 72 72 72 ILE ILE B . n 
B 1 73 GLY 73 73 73 GLY GLY B . n 
B 1 74 THR 74 74 74 THR THR B . n 
B 1 75 VAL 75 75 75 VAL VAL B . n 
B 1 76 LEU 76 76 76 LEU LEU B . n 
B 1 77 VAL 77 77 77 VAL VAL B . n 
B 1 78 GLY 78 78 78 GLY GLY B . n 
B 1 79 PRO 79 79 79 PRO PRO B . n 
B 1 80 THR 80 80 80 THR THR B . n 
B 1 81 PRO 81 81 81 PRO PRO B . n 
B 1 82 VAL 82 82 82 VAL VAL B . n 
B 1 83 ASN 83 83 83 ASN ASN B . n 
B 1 84 ILE 84 84 84 ILE ILE B . n 
B 1 85 ILE 85 85 85 ILE ILE B . n 
B 1 86 GLY 86 86 86 GLY GLY B . n 
B 1 87 ARG 87 87 87 ARG ARG B . n 
B 1 88 ASN 88 88 88 ASN ASN B . n 
B 1 89 LEU 89 89 89 LEU LEU B . n 
B 1 90 LEU 90 90 90 LEU LEU B . n 
B 1 91 THR 91 91 91 THR THR B . n 
B 1 92 GLN 92 92 92 GLN GLN B . n 
B 1 93 ILE 93 93 93 ILE ILE B . n 
B 1 94 GLY 94 94 94 GLY GLY B . n 
B 1 95 CYS 95 95 95 CYS CYS B . n 
B 1 96 THR 96 96 96 THR THR B . n 
B 1 97 LEU 97 97 97 LEU LEU B . n 
B 1 98 ASN 98 98 98 ASN ASN B . n 
B 1 99 PHE 99 99 99 PHE PHE B . n 
C 2 1  GLY 1  1  ?  ?   ?   P . n 
C 2 2  ALA 2  2  2  ALA ALA P . n 
C 2 3  ASP 3  3  3  ASP ASP P . n 
C 2 4  ILE 4  4  4  ILE ILE P . n 
C 2 5  PHE 5  5  5  PHE PHE P . n 
C 2 6  TYR 6  6  6  TYR TYR P . n 
C 2 7  LEU 7  7  7  LEU LEU P . n 
C 2 8  ASP 8  8  8  ASP ALA P . n 
C 2 9  GLY 9  9  9  GLY GLY P . n 
C 2 10 ALA 10 10 ?  ?   ?   P . n 
# 
loop_
_pdbx_nonpoly_scheme.asym_id 
_pdbx_nonpoly_scheme.entity_id 
_pdbx_nonpoly_scheme.mon_id 
_pdbx_nonpoly_scheme.ndb_seq_num 
_pdbx_nonpoly_scheme.pdb_seq_num 
_pdbx_nonpoly_scheme.auth_seq_num 
_pdbx_nonpoly_scheme.pdb_mon_id 
_pdbx_nonpoly_scheme.auth_mon_id 
_pdbx_nonpoly_scheme.pdb_strand_id 
_pdbx_nonpoly_scheme.pdb_ins_code 
D 3 HOH 1  100 1  HOH HOH A . 
D 3 HOH 2  101 2  HOH HOH A . 
D 3 HOH 3  102 3  HOH HOH A . 
D 3 HOH 4  103 5  HOH HOH A . 
D 3 HOH 5  104 6  HOH HOH A . 
D 3 HOH 6  105 9  HOH HOH A . 
D 3 HOH 7  106 11 HOH HOH A . 
D 3 HOH 8  107 13 HOH HOH A . 
D 3 HOH 9  108 16 HOH HOH A . 
D 3 HOH 10 109 19 HOH HOH A . 
D 3 HOH 11 110 20 HOH HOH A . 
D 3 HOH 12 111 21 HOH HOH A . 
D 3 HOH 13 112 22 HOH HOH A . 
D 3 HOH 14 113 23 HOH HOH A . 
D 3 HOH 15 114 24 HOH HOH A . 
D 3 HOH 16 115 27 HOH HOH A . 
D 3 HOH 17 116 30 HOH HOH A . 
D 3 HOH 18 117 31 HOH HOH A . 
D 3 HOH 19 118 32 HOH HOH A . 
D 3 HOH 20 119 33 HOH HOH A . 
D 3 HOH 21 120 36 HOH HOH A . 
D 3 HOH 22 121 38 HOH HOH A . 
D 3 HOH 23 122 40 HOH HOH A . 
D 3 HOH 24 123 44 HOH HOH A . 
D 3 HOH 25 124 45 HOH HOH A . 
D 3 HOH 26 125 53 HOH HOH A . 
D 3 HOH 27 126 56 HOH HOH A . 
D 3 HOH 28 127 57 HOH HOH A . 
D 3 HOH 29 128 58 HOH HOH A . 
D 3 HOH 30 129 59 HOH HOH A . 
D 3 HOH 31 130 61 HOH HOH A . 
D 3 HOH 32 131 62 HOH HOH A . 
D 3 HOH 33 132 64 HOH HOH A . 
D 3 HOH 34 133 74 HOH HOH A . 
D 3 HOH 35 134 75 HOH HOH A . 
D 3 HOH 36 135 76 HOH HOH A . 
D 3 HOH 37 136 81 HOH HOH A . 
D 3 HOH 38 137 82 HOH HOH A . 
D 3 HOH 39 138 83 HOH HOH A . 
D 3 HOH 40 139 84 HOH HOH A . 
D 3 HOH 41 140 86 HOH HOH A . 
D 3 HOH 42 141 87 HOH HOH A . 
D 3 HOH 43 142 88 HOH HOH A . 
E 3 HOH 1  100 7  HOH HOH B . 
E 3 HOH 2  101 8  HOH HOH B . 
E 3 HOH 3  102 10 HOH HOH B . 
E 3 HOH 4  103 12 HOH HOH B . 
E 3 HOH 5  104 14 HOH HOH B . 
E 3 HOH 6  105 15 HOH HOH B . 
E 3 HOH 7  106 17 HOH HOH B . 
E 3 HOH 8  107 18 HOH HOH B . 
E 3 HOH 9  108 25 HOH HOH B . 
E 3 HOH 10 109 29 HOH HOH B . 
E 3 HOH 11 110 34 HOH HOH B . 
E 3 HOH 12 111 35 HOH HOH B . 
E 3 HOH 13 112 37 HOH HOH B . 
E 3 HOH 14 113 39 HOH HOH B . 
E 3 HOH 15 114 42 HOH HOH B . 
E 3 HOH 16 115 43 HOH HOH B . 
E 3 HOH 17 116 46 HOH HOH B . 
E 3 HOH 18 117 47 HOH HOH B . 
E 3 HOH 19 118 48 HOH HOH B . 
E 3 HOH 20 119 52 HOH HOH B . 
E 3 HOH 21 120 65 HOH HOH B . 
E 3 HOH 22 121 66 HOH HOH B . 
E 3 HOH 23 122 68 HOH HOH B . 
E 3 HOH 24 123 69 HOH HOH B . 
E 3 HOH 25 124 71 HOH HOH B . 
E 3 HOH 26 125 73 HOH HOH B . 
E 3 HOH 27 126 77 HOH HOH B . 
E 3 HOH 28 127 78 HOH HOH B . 
E 3 HOH 29 128 79 HOH HOH B . 
E 3 HOH 30 129 85 HOH HOH B . 
F 3 HOH 1  63  63 HOH HOH P . 
# 
_pdbx_struct_assembly.id                   1 
_pdbx_struct_assembly.details              author_defined_assembly 
_pdbx_struct_assembly.method_details       ? 
_pdbx_struct_assembly.oligomeric_details   trimeric 
_pdbx_struct_assembly.oligomeric_count     3 
# 
_pdbx_struct_assembly_gen.assembly_id       1 
_pdbx_struct_assembly_gen.oper_expression   1 
_pdbx_struct_assembly_gen.asym_id_list      A,B,C,D,E,F 
# 
_pdbx_struct_oper_list.id                   1 
_pdbx_struct_oper_list.type                 'identity operation' 
_pdbx_struct_oper_list.name                 1_555 
_pdbx_struct_oper_list.symmetry_operation   x,y,z 
_pdbx_struct_oper_list.matrix[1][1]         1.0000000000 
_pdbx_struct_oper_list.matrix[1][2]         0.0000000000 
_pdbx_struct_oper_list.matrix[1][3]         0.0000000000 
_pdbx_struct_oper_list.vector[1]            0.0000000000 
_pdbx_struct_oper_list.matrix[2][1]         0.0000000000 
_pdbx_struct_oper_list.matrix[2][2]         1.0000000000 
_pdbx_struct_oper_list.matrix[2][3]         0.0000000000 
_pdbx_struct_oper_list.vector[2]            0.0000000000 
_pdbx_struct_oper_list.matrix[3][1]         0.0000000000 
_pdbx_struct_oper_list.matrix[3][2]         0.0000000000 
_pdbx_struct_oper_list.matrix[3][3]         1.0000000000 
_pdbx_struct_oper_list.vector[3]            0.0000000000 
# 
loop_
_pdbx_audit_revision_history.ordinal 
_pdbx_audit_revision_history.data_content_type 
_pdbx_audit_revision_history.major_revision 
_pdbx_audit_revision_history.minor_revision 
_pdbx_audit_revision_history.revision_date 
1 'Structure model' 1 0 2007-09-18 
2 'Structure model' 1 1 2011-07-13 
3 'Structure model' 1 2 2017-10-18 
4 'Structure model' 1 3 2021-10-20 
5 'Structure model' 1 4 2023-08-30 
# 
_pdbx_audit_revision_details.ordinal             1 
_pdbx_audit_revision_details.revision_ordinal    1 
_pdbx_audit_revision_details.data_content_type   'Structure model' 
_pdbx_audit_revision_details.provider            repository 
_pdbx_audit_revision_details.type                'Initial release' 
_pdbx_audit_revision_details.description         ? 
_pdbx_audit_revision_details.details             ? 
# 
loop_
_pdbx_audit_revision_group.ordinal 
_pdbx_audit_revision_group.revision_ordinal 
_pdbx_audit_revision_group.data_content_type 
_pdbx_audit_revision_group.group 
1 2 'Structure model' 'Version format compliance' 
2 3 'Structure model' Advisory                    
3 3 'Structure model' 'Refinement description'    
4 4 'Structure model' Advisory                    
5 4 'Structure model' 'Database references'       
6 5 'Structure model' 'Data collection'           
7 5 'Structure model' 'Refinement description'    
# 
loop_
_pdbx_audit_revision_category.ordinal 
_pdbx_audit_revision_category.revision_ordinal 
_pdbx_audit_revision_category.data_content_type 
_pdbx_audit_revision_category.category 
1 3 'Structure model' pdbx_unobs_or_zero_occ_residues 
2 3 'Structure model' software                        
3 4 'Structure model' database_2                      
4 4 'Structure model' pdbx_unobs_or_zero_occ_residues 
5 4 'Structure model' struct_ref_seq_dif              
6 5 'Structure model' chem_comp_atom                  
7 5 'Structure model' chem_comp_bond                  
8 5 'Structure model' pdbx_initial_refinement_model   
# 
loop_
_pdbx_audit_revision_item.ordinal 
_pdbx_audit_revision_item.revision_ordinal 
_pdbx_audit_revision_item.data_content_type 
_pdbx_audit_revision_item.item 
1 4 'Structure model' '_database_2.pdbx_DOI'                
2 4 'Structure model' '_database_2.pdbx_database_accession' 
3 4 'Structure model' '_struct_ref_seq_dif.details'         
# 
loop_
_pdbx_refine_tls.id 
_pdbx_refine_tls.details 
_pdbx_refine_tls.method 
_pdbx_refine_tls.origin_x 
_pdbx_refine_tls.origin_y 
_pdbx_refine_tls.origin_z 
_pdbx_refine_tls.T[1][1] 
_pdbx_refine_tls.T[2][2] 
_pdbx_refine_tls.T[3][3] 
_pdbx_refine_tls.T[1][2] 
_pdbx_refine_tls.T[1][3] 
_pdbx_refine_tls.T[2][3] 
_pdbx_refine_tls.L[1][1] 
_pdbx_refine_tls.L[2][2] 
_pdbx_refine_tls.L[3][3] 
_pdbx_refine_tls.L[1][2] 
_pdbx_refine_tls.L[1][3] 
_pdbx_refine_tls.L[2][3] 
_pdbx_refine_tls.S[1][1] 
_pdbx_refine_tls.S[1][2] 
_pdbx_refine_tls.S[1][3] 
_pdbx_refine_tls.S[2][1] 
_pdbx_refine_tls.S[2][2] 
_pdbx_refine_tls.S[2][3] 
_pdbx_refine_tls.S[3][1] 
_pdbx_refine_tls.S[3][2] 
_pdbx_refine_tls.S[3][3] 
_pdbx_refine_tls.pdbx_refine_id 
1  ? refined -1.2580  11.3125  6.4973   -0.1460 -0.2078 -0.1860 -0.0128 -0.0615 -0.0244 3.1493  4.3702  8.1635  -0.4569  4.1726   0.4165  -0.1055 -0.2459 0.2042  0.4345  -0.0332 -0.1421 -0.3943 -0.1186 0.1386  'X-RAY DIFFRACTION' 
2  ? refined -1.9593  -0.8936  11.0966  -0.0689 -0.1461 -0.1756 0.0140  -0.0505 0.0782  39.9878 6.8611  25.4605 12.0656  14.2733  3.8354  0.7720  -0.7044 -0.9976 0.5106  -0.3385 -0.8237 1.0672  -0.4293 -0.4334 'X-RAY DIFFRACTION' 
3  ? refined -21.0323 -0.6611  3.1160   -0.0702 -0.1043 0.1300  0.0692  0.0205  0.0101  46.8354 19.5806 40.9541 25.1597  31.1630  5.6668  -0.0952 -1.4720 1.2465  0.1103  -0.1184 1.2501  -0.5109 -1.8006 0.2136  'X-RAY DIFFRACTION' 
4  ? refined 1.4198   9.8442   -6.3813  -0.1525 -0.1084 -0.1842 0.0037  0.0282  0.1184  26.1159 17.9868 6.6499  -4.8896  12.5519  -5.5959 0.5804  1.4212  0.2563  -0.7553 -0.9687 -1.0578 0.1625  0.6932  0.3883  'X-RAY DIFFRACTION' 
5  ? refined 19.8934  5.3166   -0.0408  -0.1927 0.0078  0.1481  -0.1406 -0.0947 0.1382  38.2166 35.9217 19.9476 -11.4354 -25.9220 16.5233 -0.4872 2.9570  2.7867  1.4217  -0.3313 -0.9337 0.3322  0.6554  0.8185  'X-RAY DIFFRACTION' 
6  ? refined -7.2584  -0.0141  -0.2916  -0.1677 -0.1871 -0.1437 0.0090  0.0109  -0.0483 8.5228  5.6856  0.4081  2.8389   -0.7075  -1.5225 -0.0666 0.0016  0.0151  -0.0485 -0.0792 -0.1419 0.1580  0.1870  0.1458  'X-RAY DIFFRACTION' 
7  ? refined -20.5396 -6.3433  -8.4867  -0.0507 -0.0965 0.1048  -0.0057 -0.0922 -0.0361 7.5462  4.8648  18.1902 3.4476   -0.5733  -7.9883 -0.0629 0.1247  0.4329  -0.3071 0.1899  0.8406  0.6289  -1.4177 -0.1271 'X-RAY DIFFRACTION' 
8  ? refined 7.2806   0.9535   0.8648   -0.1118 -0.1566 -0.0660 -0.0249 -0.0540 0.0592  11.8537 3.7453  2.7170  -5.4929  -0.7405  0.2593  0.0843  0.2600  0.3732  0.0612  -0.2150 -0.3728 -0.0237 -0.1093 0.1307  'X-RAY DIFFRACTION' 
9  ? refined -4.6170  -7.9177  -11.2226 -0.0005 -0.1485 -0.0017 0.0265  0.0389  0.0291  16.6803 9.7219  1.3454  -4.3868  -1.5255  -2.0165 0.2807  0.4608  0.4319  -0.5192 -0.1713 -1.4632 -0.2683 0.3852  -0.1096 'X-RAY DIFFRACTION' 
10 ? refined 21.9146  -7.1302  1.1389   -0.3017 -0.0439 0.2364  -0.0002 -0.0325 -0.0665 4.6977  7.4350  20.2648 1.0829   5.1660   3.7847  -0.3572 0.2779  -0.7872 0.2279  0.2607  -1.4920 -1.1365 -0.3905 0.0965  'X-RAY DIFFRACTION' 
11 ? refined 6.7662   -12.7902 -0.7187  -0.1380 -0.2040 -0.1521 0.0078  0.0024  0.0249  19.5003 12.7769 7.6216  -4.7606  6.9671   -1.3095 0.4251  0.4852  0.0443  -0.3699 -0.4783 -0.5992 -0.1423 -0.0419 0.0532  'X-RAY DIFFRACTION' 
12 ? refined -17.6966 -1.1453  -10.5195 -0.2426 -0.1642 -0.0637 -0.0453 -0.1373 -0.0497 10.9436 28.0684 12.1227 -13.5764 -6.3310  17.5995 0.2215  0.5853  -0.4784 -0.0958 -0.2442 1.0595  0.4485  -0.2101 0.0227  'X-RAY DIFFRACTION' 
13 ? refined -17.5329 5.3900   2.2343   -0.2845 -0.2620 -0.1974 -0.0090 0.0510  0.0665  27.4725 18.4379 29.8591 0.7421   27.4878  3.5639  0.5603  -0.5248 -1.1662 0.1041  0.6507  0.0558  -0.0333 -0.2059 -1.2110 'X-RAY DIFFRACTION' 
14 ? refined -16.1508 5.5456   -3.7754  -0.2667 -0.2248 -0.2220 -0.0206 -0.0043 0.0276  6.1363  3.9239  6.8024  -1.0669  1.1277   0.0006  -0.1015 0.0229  -0.0175 -0.0746 0.0384  0.6270  -0.1697 -0.1151 0.0632  'X-RAY DIFFRACTION' 
15 ? refined 18.2297  -7.1692  5.6908   -0.2269 -0.1388 0.1268  -0.0603 -0.0982 0.1243  5.3045  28.2247 1.0054  -5.0269  0.8285   3.7485  0.6267  -0.1047 -0.4829 0.3338  0.3124  -2.2325 0.2260  -0.8249 -0.9391 'X-RAY DIFFRACTION' 
16 ? refined 16.2095  7.5677   5.2612   -0.1407 -0.1435 0.4070  -0.0106 -0.2745 -0.0517 11.4262 60.9674 19.0234 -14.2384 -10.3050 -7.6663 -0.5457 1.3566  -0.1110 1.4347  -0.3718 -2.0087 -0.8218 0.1876  0.9176  'X-RAY DIFFRACTION' 
17 ? refined 15.3012  1.8779   8.3289   -0.1954 -0.1267 0.1406  -0.0298 -0.1566 0.0661  6.2416  9.0627  3.2966  -7.5085  1.1936   -1.1326 -0.4219 -0.2003 0.7609  0.4049  0.2149  -1.1342 -0.2365 0.3504  0.2070  'X-RAY DIFFRACTION' 
18 ? refined -9.0597  -6.0558  -1.7385  -0.1096 -0.2275 -0.1124 0.0255  0.0063  0.0027  1.7069  11.0471 11.7832 1.1242   -2.4014  3.0409  -0.0807 -0.0135 -0.5355 0.1916  -0.0377 -0.5199 0.7189  0.2938  0.1184  'X-RAY DIFFRACTION' 
19 ? refined 10.2222  -2.9739  -3.5932  -0.1611 -0.0977 -0.0020 0.0442  0.0226  0.0456  3.9438  19.5245 4.1906  -8.4966  -3.5923  6.6812  0.5020  0.8110  0.2765  -1.1418 -0.9714 -0.9778 -0.3803 -0.4328 0.4694  'X-RAY DIFFRACTION' 
20 ? refined -8.7753  8.1187   -2.5779  -0.1707 -0.2052 -0.1617 0.0002  -0.0117 0.0429  3.3726  7.3493  7.4944  0.7209   0.6049   0.9878  -0.1295 0.1352  0.0989  0.0136  -0.0056 0.2173  0.0577  0.1857  0.1351  'X-RAY DIFFRACTION' 
21 ? refined 7.5428   3.1788   9.1180   -0.1751 -0.1439 -0.0888 -0.0035 -0.1133 0.0527  2.7804  5.6318  5.7355  -0.0289  0.5211   5.2308  -0.0933 -0.4114 -0.2008 0.4509  0.1787  -0.7661 -0.1651 -0.1465 -0.0854 'X-RAY DIFFRACTION' 
# 
loop_
_pdbx_refine_tls_group.id 
_pdbx_refine_tls_group.refine_tls_id 
_pdbx_refine_tls_group.beg_auth_asym_id 
_pdbx_refine_tls_group.beg_auth_seq_id 
_pdbx_refine_tls_group.beg_label_asym_id 
_pdbx_refine_tls_group.beg_label_seq_id 
_pdbx_refine_tls_group.end_auth_asym_id 
_pdbx_refine_tls_group.end_auth_seq_id 
_pdbx_refine_tls_group.end_label_asym_id 
_pdbx_refine_tls_group.end_label_seq_id 
_pdbx_refine_tls_group.selection 
_pdbx_refine_tls_group.pdbx_refine_id 
_pdbx_refine_tls_group.selection_details 
1  1  A 1  A 1  A 5  A 5  ? 'X-RAY DIFFRACTION' ? 
2  1  A 94 A 94 A 99 A 99 ? 'X-RAY DIFFRACTION' ? 
3  1  B 1  B 1  B 5  B 5  ? 'X-RAY DIFFRACTION' ? 
4  1  B 94 B 94 B 99 B 99 ? 'X-RAY DIFFRACTION' ? 
5  2  A 6  A 6  A 10 A 10 ? 'X-RAY DIFFRACTION' ? 
6  3  A 13 A 13 A 18 A 18 ? 'X-RAY DIFFRACTION' ? 
7  4  B 6  B 6  B 10 B 10 ? 'X-RAY DIFFRACTION' ? 
8  5  B 13 B 13 B 18 B 18 ? 'X-RAY DIFFRACTION' ? 
9  6  A 21 A 21 A 33 A 33 ? 'X-RAY DIFFRACTION' ? 
10 7  A 35 A 35 A 42 A 42 ? 'X-RAY DIFFRACTION' ? 
11 8  B 21 B 21 B 33 B 33 ? 'X-RAY DIFFRACTION' ? 
12 9  A 44 A 44 A 56 A 56 ? 'X-RAY DIFFRACTION' ? 
13 10 B 35 B 35 B 42 B 42 ? 'X-RAY DIFFRACTION' ? 
14 11 B 44 B 44 B 56 B 56 ? 'X-RAY DIFFRACTION' ? 
15 12 A 57 A 57 A 62 A 62 ? 'X-RAY DIFFRACTION' ? 
16 13 A 63 A 63 A 68 A 68 ? 'X-RAY DIFFRACTION' ? 
17 14 A 69 A 69 A 76 A 76 ? 'X-RAY DIFFRACTION' ? 
18 15 B 57 B 57 B 62 B 62 ? 'X-RAY DIFFRACTION' ? 
19 16 B 63 B 63 B 68 B 68 ? 'X-RAY DIFFRACTION' ? 
20 17 B 69 B 69 B 76 B 76 ? 'X-RAY DIFFRACTION' ? 
21 18 A 77 A 77 A 85 A 85 ? 'X-RAY DIFFRACTION' ? 
22 19 B 77 B 77 B 85 B 85 ? 'X-RAY DIFFRACTION' ? 
23 20 A 86 A 86 A 93 A 93 ? 'X-RAY DIFFRACTION' ? 
24 21 B 86 B 86 B 93 B 93 ? 'X-RAY DIFFRACTION' ? 
# 
loop_
_software.name 
_software.classification 
_software.version 
_software.citation_id 
_software.pdbx_ordinal 
AMoRE     phasing          .   ? 1 
REFMAC    refinement       5.2 ? 2 
DENZO     'data reduction' .   ? 3 
SCALEPACK 'data scaling'   .   ? 4 
# 
loop_
_pdbx_validate_torsion.id 
_pdbx_validate_torsion.PDB_model_num 
_pdbx_validate_torsion.auth_comp_id 
_pdbx_validate_torsion.auth_asym_id 
_pdbx_validate_torsion.auth_seq_id 
_pdbx_validate_torsion.PDB_ins_code 
_pdbx_validate_torsion.label_alt_id 
_pdbx_validate_torsion.phi 
_pdbx_validate_torsion.psi 
1 1 GLU B 35 ? ? 14.35  88.27 
2 1 PHE P 5  ? ? -99.85 58.88 
# 
loop_
_pdbx_unobs_or_zero_occ_atoms.id 
_pdbx_unobs_or_zero_occ_atoms.PDB_model_num 
_pdbx_unobs_or_zero_occ_atoms.polymer_flag 
_pdbx_unobs_or_zero_occ_atoms.occupancy_flag 
_pdbx_unobs_or_zero_occ_atoms.auth_asym_id 
_pdbx_unobs_or_zero_occ_atoms.auth_comp_id 
_pdbx_unobs_or_zero_occ_atoms.auth_seq_id 
_pdbx_unobs_or_zero_occ_atoms.PDB_ins_code 
_pdbx_unobs_or_zero_occ_atoms.auth_atom_id 
_pdbx_unobs_or_zero_occ_atoms.label_alt_id 
_pdbx_unobs_or_zero_occ_atoms.label_asym_id 
_pdbx_unobs_or_zero_occ_atoms.label_comp_id 
_pdbx_unobs_or_zero_occ_atoms.label_seq_id 
_pdbx_unobs_or_zero_occ_atoms.label_atom_id 
1  1 Y 1 A LYS 7  ? CG  ? A LYS 7  CG  
2  1 Y 1 A LYS 7  ? CD  ? A LYS 7  CD  
3  1 Y 1 A LYS 7  ? CE  ? A LYS 7  CE  
4  1 Y 1 A LYS 7  ? NZ  ? A LYS 7  NZ  
5  1 Y 1 A LYS 41 ? CG  ? A LYS 41 CG  
6  1 Y 1 A LYS 41 ? CD  ? A LYS 41 CD  
7  1 Y 1 A LYS 41 ? CE  ? A LYS 41 CE  
8  1 Y 1 A LYS 41 ? NZ  ? A LYS 41 NZ  
9  1 Y 1 A LYS 43 ? CG  ? A LYS 43 CG  
10 1 Y 1 A LYS 43 ? CD  ? A LYS 43 CD  
11 1 Y 1 A LYS 43 ? CE  ? A LYS 43 CE  
12 1 Y 1 A LYS 43 ? NZ  ? A LYS 43 NZ  
13 1 Y 1 A LYS 45 ? CG  ? A LYS 45 CG  
14 1 Y 1 A LYS 45 ? CD  ? A LYS 45 CD  
15 1 Y 1 A LYS 45 ? CE  ? A LYS 45 CE  
16 1 Y 1 A LYS 45 ? NZ  ? A LYS 45 NZ  
17 1 Y 1 A PHE 53 ? CG  ? A PHE 53 CG  
18 1 Y 1 A PHE 53 ? CD1 ? A PHE 53 CD1 
19 1 Y 1 A PHE 53 ? CD2 ? A PHE 53 CD2 
20 1 Y 1 A PHE 53 ? CE1 ? A PHE 53 CE1 
21 1 Y 1 A PHE 53 ? CE2 ? A PHE 53 CE2 
22 1 Y 1 A PHE 53 ? CZ  ? A PHE 53 CZ  
23 1 Y 1 A LYS 55 ? CG  ? A LYS 55 CG  
24 1 Y 1 A LYS 55 ? CD  ? A LYS 55 CD  
25 1 Y 1 A LYS 55 ? CE  ? A LYS 55 CE  
26 1 Y 1 A LYS 55 ? NZ  ? A LYS 55 NZ  
27 1 Y 1 B THR 12 ? OG1 ? B THR 12 OG1 
28 1 Y 1 B THR 12 ? CG2 ? B THR 12 CG2 
29 1 Y 1 B ARG 14 ? CG  ? B ARG 14 CG  
30 1 Y 1 B ARG 14 ? CD  ? B ARG 14 CD  
31 1 Y 1 B ARG 14 ? NE  ? B ARG 14 NE  
32 1 Y 1 B ARG 14 ? CZ  ? B ARG 14 CZ  
33 1 Y 1 B ARG 14 ? NH1 ? B ARG 14 NH1 
34 1 Y 1 B ARG 14 ? NH2 ? B ARG 14 NH2 
35 1 Y 1 B ILE 15 ? CG1 ? B ILE 15 CG1 
36 1 Y 1 B ILE 15 ? CG2 ? B ILE 15 CG2 
37 1 Y 1 B ILE 15 ? CD1 ? B ILE 15 CD1 
38 1 Y 1 B GLN 18 ? CG  ? B GLN 18 CG  
39 1 Y 1 B GLN 18 ? CD  ? B GLN 18 CD  
40 1 Y 1 B GLN 18 ? OE1 ? B GLN 18 OE1 
41 1 Y 1 B GLN 18 ? NE2 ? B GLN 18 NE2 
42 1 Y 1 B LYS 20 ? CG  ? B LYS 20 CG  
43 1 Y 1 B LYS 20 ? CD  ? B LYS 20 CD  
44 1 Y 1 B LYS 20 ? CE  ? B LYS 20 CE  
45 1 Y 1 B LYS 20 ? NZ  ? B LYS 20 NZ  
46 1 Y 1 B ASN 37 ? CG  ? B ASN 37 CG  
47 1 Y 1 B ASN 37 ? OD1 ? B ASN 37 OD1 
48 1 Y 1 B ASN 37 ? ND2 ? B ASN 37 ND2 
49 1 Y 1 B LYS 41 ? CG  ? B LYS 41 CG  
50 1 Y 1 B LYS 41 ? CD  ? B LYS 41 CD  
51 1 Y 1 B LYS 41 ? CE  ? B LYS 41 CE  
52 1 Y 1 B LYS 41 ? NZ  ? B LYS 41 NZ  
53 1 Y 1 B LYS 43 ? CG  ? B LYS 43 CG  
54 1 Y 1 B LYS 43 ? CD  ? B LYS 43 CD  
55 1 Y 1 B LYS 43 ? CE  ? B LYS 43 CE  
56 1 Y 1 B LYS 43 ? NZ  ? B LYS 43 NZ  
57 1 Y 1 B GLN 61 ? CG  ? B GLN 61 CG  
58 1 Y 1 B GLN 61 ? CD  ? B GLN 61 CD  
59 1 Y 1 B GLN 61 ? OE1 ? B GLN 61 OE1 
60 1 Y 1 B GLN 61 ? NE2 ? B GLN 61 NE2 
61 1 Y 1 P ASP 3  ? CG  ? C ASP 3  CG  
62 1 Y 1 P ASP 3  ? OD1 ? C ASP 3  OD1 
63 1 Y 1 P ASP 3  ? OD2 ? C ASP 3  OD2 
64 1 Y 1 P ASP 8  ? CG  ? C ASP 8  CG  
65 1 Y 1 P ASP 8  ? OD1 ? C ASP 8  OD1 
66 1 Y 1 P ASP 8  ? OD2 ? C ASP 8  OD2 
# 
loop_
_pdbx_unobs_or_zero_occ_residues.id 
_pdbx_unobs_or_zero_occ_residues.PDB_model_num 
_pdbx_unobs_or_zero_occ_residues.polymer_flag 
_pdbx_unobs_or_zero_occ_residues.occupancy_flag 
_pdbx_unobs_or_zero_occ_residues.auth_asym_id 
_pdbx_unobs_or_zero_occ_residues.auth_comp_id 
_pdbx_unobs_or_zero_occ_residues.auth_seq_id 
_pdbx_unobs_or_zero_occ_residues.PDB_ins_code 
_pdbx_unobs_or_zero_occ_residues.label_asym_id 
_pdbx_unobs_or_zero_occ_residues.label_comp_id 
_pdbx_unobs_or_zero_occ_residues.label_seq_id 
1 1 Y 1 P GLY 1   ? C GLY 1  
2 1 Y 1 P ALA 10  ? C ALA 10 
3 1 N 0 A HOH 131 ? D HOH ?  
# 
loop_
_chem_comp_atom.comp_id 
_chem_comp_atom.atom_id 
_chem_comp_atom.type_symbol 
_chem_comp_atom.pdbx_aromatic_flag 
_chem_comp_atom.pdbx_stereo_config 
_chem_comp_atom.pdbx_ordinal 
ALA N    N N N 1   
ALA CA   C N S 2   
ALA C    C N N 3   
ALA O    O N N 4   
ALA CB   C N N 5   
ALA OXT  O N N 6   
ALA H    H N N 7   
ALA H2   H N N 8   
ALA HA   H N N 9   
ALA HB1  H N N 10  
ALA HB2  H N N 11  
ALA HB3  H N N 12  
ALA HXT  H N N 13  
ARG N    N N N 14  
ARG CA   C N S 15  
ARG C    C N N 16  
ARG O    O N N 17  
ARG CB   C N N 18  
ARG CG   C N N 19  
ARG CD   C N N 20  
ARG NE   N N N 21  
ARG CZ   C N N 22  
ARG NH1  N N N 23  
ARG NH2  N N N 24  
ARG OXT  O N N 25  
ARG H    H N N 26  
ARG H2   H N N 27  
ARG HA   H N N 28  
ARG HB2  H N N 29  
ARG HB3  H N N 30  
ARG HG2  H N N 31  
ARG HG3  H N N 32  
ARG HD2  H N N 33  
ARG HD3  H N N 34  
ARG HE   H N N 35  
ARG HH11 H N N 36  
ARG HH12 H N N 37  
ARG HH21 H N N 38  
ARG HH22 H N N 39  
ARG HXT  H N N 40  
ASN N    N N N 41  
ASN CA   C N S 42  
ASN C    C N N 43  
ASN O    O N N 44  
ASN CB   C N N 45  
ASN CG   C N N 46  
ASN OD1  O N N 47  
ASN ND2  N N N 48  
ASN OXT  O N N 49  
ASN H    H N N 50  
ASN H2   H N N 51  
ASN HA   H N N 52  
ASN HB2  H N N 53  
ASN HB3  H N N 54  
ASN HD21 H N N 55  
ASN HD22 H N N 56  
ASN HXT  H N N 57  
ASP N    N N N 58  
ASP CA   C N S 59  
ASP C    C N N 60  
ASP O    O N N 61  
ASP CB   C N N 62  
ASP CG   C N N 63  
ASP OD1  O N N 64  
ASP OD2  O N N 65  
ASP OXT  O N N 66  
ASP H    H N N 67  
ASP H2   H N N 68  
ASP HA   H N N 69  
ASP HB2  H N N 70  
ASP HB3  H N N 71  
ASP HD2  H N N 72  
ASP HXT  H N N 73  
CYS N    N N N 74  
CYS CA   C N R 75  
CYS C    C N N 76  
CYS O    O N N 77  
CYS CB   C N N 78  
CYS SG   S N N 79  
CYS OXT  O N N 80  
CYS H    H N N 81  
CYS H2   H N N 82  
CYS HA   H N N 83  
CYS HB2  H N N 84  
CYS HB3  H N N 85  
CYS HG   H N N 86  
CYS HXT  H N N 87  
GLN N    N N N 88  
GLN CA   C N S 89  
GLN C    C N N 90  
GLN O    O N N 91  
GLN CB   C N N 92  
GLN CG   C N N 93  
GLN CD   C N N 94  
GLN OE1  O N N 95  
GLN NE2  N N N 96  
GLN OXT  O N N 97  
GLN H    H N N 98  
GLN H2   H N N 99  
GLN HA   H N N 100 
GLN HB2  H N N 101 
GLN HB3  H N N 102 
GLN HG2  H N N 103 
GLN HG3  H N N 104 
GLN HE21 H N N 105 
GLN HE22 H N N 106 
GLN HXT  H N N 107 
GLU N    N N N 108 
GLU CA   C N S 109 
GLU C    C N N 110 
GLU O    O N N 111 
GLU CB   C N N 112 
GLU CG   C N N 113 
GLU CD   C N N 114 
GLU OE1  O N N 115 
GLU OE2  O N N 116 
GLU OXT  O N N 117 
GLU H    H N N 118 
GLU H2   H N N 119 
GLU HA   H N N 120 
GLU HB2  H N N 121 
GLU HB3  H N N 122 
GLU HG2  H N N 123 
GLU HG3  H N N 124 
GLU HE2  H N N 125 
GLU HXT  H N N 126 
GLY N    N N N 127 
GLY CA   C N N 128 
GLY C    C N N 129 
GLY O    O N N 130 
GLY OXT  O N N 131 
GLY H    H N N 132 
GLY H2   H N N 133 
GLY HA2  H N N 134 
GLY HA3  H N N 135 
GLY HXT  H N N 136 
HIS N    N N N 137 
HIS CA   C N S 138 
HIS C    C N N 139 
HIS O    O N N 140 
HIS CB   C N N 141 
HIS CG   C Y N 142 
HIS ND1  N Y N 143 
HIS CD2  C Y N 144 
HIS CE1  C Y N 145 
HIS NE2  N Y N 146 
HIS OXT  O N N 147 
HIS H    H N N 148 
HIS H2   H N N 149 
HIS HA   H N N 150 
HIS HB2  H N N 151 
HIS HB3  H N N 152 
HIS HD1  H N N 153 
HIS HD2  H N N 154 
HIS HE1  H N N 155 
HIS HE2  H N N 156 
HIS HXT  H N N 157 
HOH O    O N N 158 
HOH H1   H N N 159 
HOH H2   H N N 160 
ILE N    N N N 161 
ILE CA   C N S 162 
ILE C    C N N 163 
ILE O    O N N 164 
ILE CB   C N S 165 
ILE CG1  C N N 166 
ILE CG2  C N N 167 
ILE CD1  C N N 168 
ILE OXT  O N N 169 
ILE H    H N N 170 
ILE H2   H N N 171 
ILE HA   H N N 172 
ILE HB   H N N 173 
ILE HG12 H N N 174 
ILE HG13 H N N 175 
ILE HG21 H N N 176 
ILE HG22 H N N 177 
ILE HG23 H N N 178 
ILE HD11 H N N 179 
ILE HD12 H N N 180 
ILE HD13 H N N 181 
ILE HXT  H N N 182 
LEU N    N N N 183 
LEU CA   C N S 184 
LEU C    C N N 185 
LEU O    O N N 186 
LEU CB   C N N 187 
LEU CG   C N N 188 
LEU CD1  C N N 189 
LEU CD2  C N N 190 
LEU OXT  O N N 191 
LEU H    H N N 192 
LEU H2   H N N 193 
LEU HA   H N N 194 
LEU HB2  H N N 195 
LEU HB3  H N N 196 
LEU HG   H N N 197 
LEU HD11 H N N 198 
LEU HD12 H N N 199 
LEU HD13 H N N 200 
LEU HD21 H N N 201 
LEU HD22 H N N 202 
LEU HD23 H N N 203 
LEU HXT  H N N 204 
LYS N    N N N 205 
LYS CA   C N S 206 
LYS C    C N N 207 
LYS O    O N N 208 
LYS CB   C N N 209 
LYS CG   C N N 210 
LYS CD   C N N 211 
LYS CE   C N N 212 
LYS NZ   N N N 213 
LYS OXT  O N N 214 
LYS H    H N N 215 
LYS H2   H N N 216 
LYS HA   H N N 217 
LYS HB2  H N N 218 
LYS HB3  H N N 219 
LYS HG2  H N N 220 
LYS HG3  H N N 221 
LYS HD2  H N N 222 
LYS HD3  H N N 223 
LYS HE2  H N N 224 
LYS HE3  H N N 225 
LYS HZ1  H N N 226 
LYS HZ2  H N N 227 
LYS HZ3  H N N 228 
LYS HXT  H N N 229 
MET N    N N N 230 
MET CA   C N S 231 
MET C    C N N 232 
MET O    O N N 233 
MET CB   C N N 234 
MET CG   C N N 235 
MET SD   S N N 236 
MET CE   C N N 237 
MET OXT  O N N 238 
MET H    H N N 239 
MET H2   H N N 240 
MET HA   H N N 241 
MET HB2  H N N 242 
MET HB3  H N N 243 
MET HG2  H N N 244 
MET HG3  H N N 245 
MET HE1  H N N 246 
MET HE2  H N N 247 
MET HE3  H N N 248 
MET HXT  H N N 249 
PHE N    N N N 250 
PHE CA   C N S 251 
PHE C    C N N 252 
PHE O    O N N 253 
PHE CB   C N N 254 
PHE CG   C Y N 255 
PHE CD1  C Y N 256 
PHE CD2  C Y N 257 
PHE CE1  C Y N 258 
PHE CE2  C Y N 259 
PHE CZ   C Y N 260 
PHE OXT  O N N 261 
PHE H    H N N 262 
PHE H2   H N N 263 
PHE HA   H N N 264 
PHE HB2  H N N 265 
PHE HB3  H N N 266 
PHE HD1  H N N 267 
PHE HD2  H N N 268 
PHE HE1  H N N 269 
PHE HE2  H N N 270 
PHE HZ   H N N 271 
PHE HXT  H N N 272 
PRO N    N N N 273 
PRO CA   C N S 274 
PRO C    C N N 275 
PRO O    O N N 276 
PRO CB   C N N 277 
PRO CG   C N N 278 
PRO CD   C N N 279 
PRO OXT  O N N 280 
PRO H    H N N 281 
PRO HA   H N N 282 
PRO HB2  H N N 283 
PRO HB3  H N N 284 
PRO HG2  H N N 285 
PRO HG3  H N N 286 
PRO HD2  H N N 287 
PRO HD3  H N N 288 
PRO HXT  H N N 289 
THR N    N N N 290 
THR CA   C N S 291 
THR C    C N N 292 
THR O    O N N 293 
THR CB   C N R 294 
THR OG1  O N N 295 
THR CG2  C N N 296 
THR OXT  O N N 297 
THR H    H N N 298 
THR H2   H N N 299 
THR HA   H N N 300 
THR HB   H N N 301 
THR HG1  H N N 302 
THR HG21 H N N 303 
THR HG22 H N N 304 
THR HG23 H N N 305 
THR HXT  H N N 306 
TRP N    N N N 307 
TRP CA   C N S 308 
TRP C    C N N 309 
TRP O    O N N 310 
TRP CB   C N N 311 
TRP CG   C Y N 312 
TRP CD1  C Y N 313 
TRP CD2  C Y N 314 
TRP NE1  N Y N 315 
TRP CE2  C Y N 316 
TRP CE3  C Y N 317 
TRP CZ2  C Y N 318 
TRP CZ3  C Y N 319 
TRP CH2  C Y N 320 
TRP OXT  O N N 321 
TRP H    H N N 322 
TRP H2   H N N 323 
TRP HA   H N N 324 
TRP HB2  H N N 325 
TRP HB3  H N N 326 
TRP HD1  H N N 327 
TRP HE1  H N N 328 
TRP HE3  H N N 329 
TRP HZ2  H N N 330 
TRP HZ3  H N N 331 
TRP HH2  H N N 332 
TRP HXT  H N N 333 
TYR N    N N N 334 
TYR CA   C N S 335 
TYR C    C N N 336 
TYR O    O N N 337 
TYR CB   C N N 338 
TYR CG   C Y N 339 
TYR CD1  C Y N 340 
TYR CD2  C Y N 341 
TYR CE1  C Y N 342 
TYR CE2  C Y N 343 
TYR CZ   C Y N 344 
TYR OH   O N N 345 
TYR OXT  O N N 346 
TYR H    H N N 347 
TYR H2   H N N 348 
TYR HA   H N N 349 
TYR HB2  H N N 350 
TYR HB3  H N N 351 
TYR HD1  H N N 352 
TYR HD2  H N N 353 
TYR HE1  H N N 354 
TYR HE2  H N N 355 
TYR HH   H N N 356 
TYR HXT  H N N 357 
VAL N    N N N 358 
VAL CA   C N S 359 
VAL C    C N N 360 
VAL O    O N N 361 
VAL CB   C N N 362 
VAL CG1  C N N 363 
VAL CG2  C N N 364 
VAL OXT  O N N 365 
VAL H    H N N 366 
VAL H2   H N N 367 
VAL HA   H N N 368 
VAL HB   H N N 369 
VAL HG11 H N N 370 
VAL HG12 H N N 371 
VAL HG13 H N N 372 
VAL HG21 H N N 373 
VAL HG22 H N N 374 
VAL HG23 H N N 375 
VAL HXT  H N N 376 
# 
loop_
_chem_comp_bond.comp_id 
_chem_comp_bond.atom_id_1 
_chem_comp_bond.atom_id_2 
_chem_comp_bond.value_order 
_chem_comp_bond.pdbx_aromatic_flag 
_chem_comp_bond.pdbx_stereo_config 
_chem_comp_bond.pdbx_ordinal 
ALA N   CA   sing N N 1   
ALA N   H    sing N N 2   
ALA N   H2   sing N N 3   
ALA CA  C    sing N N 4   
ALA CA  CB   sing N N 5   
ALA CA  HA   sing N N 6   
ALA C   O    doub N N 7   
ALA C   OXT  sing N N 8   
ALA CB  HB1  sing N N 9   
ALA CB  HB2  sing N N 10  
ALA CB  HB3  sing N N 11  
ALA OXT HXT  sing N N 12  
ARG N   CA   sing N N 13  
ARG N   H    sing N N 14  
ARG N   H2   sing N N 15  
ARG CA  C    sing N N 16  
ARG CA  CB   sing N N 17  
ARG CA  HA   sing N N 18  
ARG C   O    doub N N 19  
ARG C   OXT  sing N N 20  
ARG CB  CG   sing N N 21  
ARG CB  HB2  sing N N 22  
ARG CB  HB3  sing N N 23  
ARG CG  CD   sing N N 24  
ARG CG  HG2  sing N N 25  
ARG CG  HG3  sing N N 26  
ARG CD  NE   sing N N 27  
ARG CD  HD2  sing N N 28  
ARG CD  HD3  sing N N 29  
ARG NE  CZ   sing N N 30  
ARG NE  HE   sing N N 31  
ARG CZ  NH1  sing N N 32  
ARG CZ  NH2  doub N N 33  
ARG NH1 HH11 sing N N 34  
ARG NH1 HH12 sing N N 35  
ARG NH2 HH21 sing N N 36  
ARG NH2 HH22 sing N N 37  
ARG OXT HXT  sing N N 38  
ASN N   CA   sing N N 39  
ASN N   H    sing N N 40  
ASN N   H2   sing N N 41  
ASN CA  C    sing N N 42  
ASN CA  CB   sing N N 43  
ASN CA  HA   sing N N 44  
ASN C   O    doub N N 45  
ASN C   OXT  sing N N 46  
ASN CB  CG   sing N N 47  
ASN CB  HB2  sing N N 48  
ASN CB  HB3  sing N N 49  
ASN CG  OD1  doub N N 50  
ASN CG  ND2  sing N N 51  
ASN ND2 HD21 sing N N 52  
ASN ND2 HD22 sing N N 53  
ASN OXT HXT  sing N N 54  
ASP N   CA   sing N N 55  
ASP N   H    sing N N 56  
ASP N   H2   sing N N 57  
ASP CA  C    sing N N 58  
ASP CA  CB   sing N N 59  
ASP CA  HA   sing N N 60  
ASP C   O    doub N N 61  
ASP C   OXT  sing N N 62  
ASP CB  CG   sing N N 63  
ASP CB  HB2  sing N N 64  
ASP CB  HB3  sing N N 65  
ASP CG  OD1  doub N N 66  
ASP CG  OD2  sing N N 67  
ASP OD2 HD2  sing N N 68  
ASP OXT HXT  sing N N 69  
CYS N   CA   sing N N 70  
CYS N   H    sing N N 71  
CYS N   H2   sing N N 72  
CYS CA  C    sing N N 73  
CYS CA  CB   sing N N 74  
CYS CA  HA   sing N N 75  
CYS C   O    doub N N 76  
CYS C   OXT  sing N N 77  
CYS CB  SG   sing N N 78  
CYS CB  HB2  sing N N 79  
CYS CB  HB3  sing N N 80  
CYS SG  HG   sing N N 81  
CYS OXT HXT  sing N N 82  
GLN N   CA   sing N N 83  
GLN N   H    sing N N 84  
GLN N   H2   sing N N 85  
GLN CA  C    sing N N 86  
GLN CA  CB   sing N N 87  
GLN CA  HA   sing N N 88  
GLN C   O    doub N N 89  
GLN C   OXT  sing N N 90  
GLN CB  CG   sing N N 91  
GLN CB  HB2  sing N N 92  
GLN CB  HB3  sing N N 93  
GLN CG  CD   sing N N 94  
GLN CG  HG2  sing N N 95  
GLN CG  HG3  sing N N 96  
GLN CD  OE1  doub N N 97  
GLN CD  NE2  sing N N 98  
GLN NE2 HE21 sing N N 99  
GLN NE2 HE22 sing N N 100 
GLN OXT HXT  sing N N 101 
GLU N   CA   sing N N 102 
GLU N   H    sing N N 103 
GLU N   H2   sing N N 104 
GLU CA  C    sing N N 105 
GLU CA  CB   sing N N 106 
GLU CA  HA   sing N N 107 
GLU C   O    doub N N 108 
GLU C   OXT  sing N N 109 
GLU CB  CG   sing N N 110 
GLU CB  HB2  sing N N 111 
GLU CB  HB3  sing N N 112 
GLU CG  CD   sing N N 113 
GLU CG  HG2  sing N N 114 
GLU CG  HG3  sing N N 115 
GLU CD  OE1  doub N N 116 
GLU CD  OE2  sing N N 117 
GLU OE2 HE2  sing N N 118 
GLU OXT HXT  sing N N 119 
GLY N   CA   sing N N 120 
GLY N   H    sing N N 121 
GLY N   H2   sing N N 122 
GLY CA  C    sing N N 123 
GLY CA  HA2  sing N N 124 
GLY CA  HA3  sing N N 125 
GLY C   O    doub N N 126 
GLY C   OXT  sing N N 127 
GLY OXT HXT  sing N N 128 
HIS N   CA   sing N N 129 
HIS N   H    sing N N 130 
HIS N   H2   sing N N 131 
HIS CA  C    sing N N 132 
HIS CA  CB   sing N N 133 
HIS CA  HA   sing N N 134 
HIS C   O    doub N N 135 
HIS C   OXT  sing N N 136 
HIS CB  CG   sing N N 137 
HIS CB  HB2  sing N N 138 
HIS CB  HB3  sing N N 139 
HIS CG  ND1  sing Y N 140 
HIS CG  CD2  doub Y N 141 
HIS ND1 CE1  doub Y N 142 
HIS ND1 HD1  sing N N 143 
HIS CD2 NE2  sing Y N 144 
HIS CD2 HD2  sing N N 145 
HIS CE1 NE2  sing Y N 146 
HIS CE1 HE1  sing N N 147 
HIS NE2 HE2  sing N N 148 
HIS OXT HXT  sing N N 149 
HOH O   H1   sing N N 150 
HOH O   H2   sing N N 151 
ILE N   CA   sing N N 152 
ILE N   H    sing N N 153 
ILE N   H2   sing N N 154 
ILE CA  C    sing N N 155 
ILE CA  CB   sing N N 156 
ILE CA  HA   sing N N 157 
ILE C   O    doub N N 158 
ILE C   OXT  sing N N 159 
ILE CB  CG1  sing N N 160 
ILE CB  CG2  sing N N 161 
ILE CB  HB   sing N N 162 
ILE CG1 CD1  sing N N 163 
ILE CG1 HG12 sing N N 164 
ILE CG1 HG13 sing N N 165 
ILE CG2 HG21 sing N N 166 
ILE CG2 HG22 sing N N 167 
ILE CG2 HG23 sing N N 168 
ILE CD1 HD11 sing N N 169 
ILE CD1 HD12 sing N N 170 
ILE CD1 HD13 sing N N 171 
ILE OXT HXT  sing N N 172 
LEU N   CA   sing N N 173 
LEU N   H    sing N N 174 
LEU N   H2   sing N N 175 
LEU CA  C    sing N N 176 
LEU CA  CB   sing N N 177 
LEU CA  HA   sing N N 178 
LEU C   O    doub N N 179 
LEU C   OXT  sing N N 180 
LEU CB  CG   sing N N 181 
LEU CB  HB2  sing N N 182 
LEU CB  HB3  sing N N 183 
LEU CG  CD1  sing N N 184 
LEU CG  CD2  sing N N 185 
LEU CG  HG   sing N N 186 
LEU CD1 HD11 sing N N 187 
LEU CD1 HD12 sing N N 188 
LEU CD1 HD13 sing N N 189 
LEU CD2 HD21 sing N N 190 
LEU CD2 HD22 sing N N 191 
LEU CD2 HD23 sing N N 192 
LEU OXT HXT  sing N N 193 
LYS N   CA   sing N N 194 
LYS N   H    sing N N 195 
LYS N   H2   sing N N 196 
LYS CA  C    sing N N 197 
LYS CA  CB   sing N N 198 
LYS CA  HA   sing N N 199 
LYS C   O    doub N N 200 
LYS C   OXT  sing N N 201 
LYS CB  CG   sing N N 202 
LYS CB  HB2  sing N N 203 
LYS CB  HB3  sing N N 204 
LYS CG  CD   sing N N 205 
LYS CG  HG2  sing N N 206 
LYS CG  HG3  sing N N 207 
LYS CD  CE   sing N N 208 
LYS CD  HD2  sing N N 209 
LYS CD  HD3  sing N N 210 
LYS CE  NZ   sing N N 211 
LYS CE  HE2  sing N N 212 
LYS CE  HE3  sing N N 213 
LYS NZ  HZ1  sing N N 214 
LYS NZ  HZ2  sing N N 215 
LYS NZ  HZ3  sing N N 216 
LYS OXT HXT  sing N N 217 
MET N   CA   sing N N 218 
MET N   H    sing N N 219 
MET N   H2   sing N N 220 
MET CA  C    sing N N 221 
MET CA  CB   sing N N 222 
MET CA  HA   sing N N 223 
MET C   O    doub N N 224 
MET C   OXT  sing N N 225 
MET CB  CG   sing N N 226 
MET CB  HB2  sing N N 227 
MET CB  HB3  sing N N 228 
MET CG  SD   sing N N 229 
MET CG  HG2  sing N N 230 
MET CG  HG3  sing N N 231 
MET SD  CE   sing N N 232 
MET CE  HE1  sing N N 233 
MET CE  HE2  sing N N 234 
MET CE  HE3  sing N N 235 
MET OXT HXT  sing N N 236 
PHE N   CA   sing N N 237 
PHE N   H    sing N N 238 
PHE N   H2   sing N N 239 
PHE CA  C    sing N N 240 
PHE CA  CB   sing N N 241 
PHE CA  HA   sing N N 242 
PHE C   O    doub N N 243 
PHE C   OXT  sing N N 244 
PHE CB  CG   sing N N 245 
PHE CB  HB2  sing N N 246 
PHE CB  HB3  sing N N 247 
PHE CG  CD1  doub Y N 248 
PHE CG  CD2  sing Y N 249 
PHE CD1 CE1  sing Y N 250 
PHE CD1 HD1  sing N N 251 
PHE CD2 CE2  doub Y N 252 
PHE CD2 HD2  sing N N 253 
PHE CE1 CZ   doub Y N 254 
PHE CE1 HE1  sing N N 255 
PHE CE2 CZ   sing Y N 256 
PHE CE2 HE2  sing N N 257 
PHE CZ  HZ   sing N N 258 
PHE OXT HXT  sing N N 259 
PRO N   CA   sing N N 260 
PRO N   CD   sing N N 261 
PRO N   H    sing N N 262 
PRO CA  C    sing N N 263 
PRO CA  CB   sing N N 264 
PRO CA  HA   sing N N 265 
PRO C   O    doub N N 266 
PRO C   OXT  sing N N 267 
PRO CB  CG   sing N N 268 
PRO CB  HB2  sing N N 269 
PRO CB  HB3  sing N N 270 
PRO CG  CD   sing N N 271 
PRO CG  HG2  sing N N 272 
PRO CG  HG3  sing N N 273 
PRO CD  HD2  sing N N 274 
PRO CD  HD3  sing N N 275 
PRO OXT HXT  sing N N 276 
THR N   CA   sing N N 277 
THR N   H    sing N N 278 
THR N   H2   sing N N 279 
THR CA  C    sing N N 280 
THR CA  CB   sing N N 281 
THR CA  HA   sing N N 282 
THR C   O    doub N N 283 
THR C   OXT  sing N N 284 
THR CB  OG1  sing N N 285 
THR CB  CG2  sing N N 286 
THR CB  HB   sing N N 287 
THR OG1 HG1  sing N N 288 
THR CG2 HG21 sing N N 289 
THR CG2 HG22 sing N N 290 
THR CG2 HG23 sing N N 291 
THR OXT HXT  sing N N 292 
TRP N   CA   sing N N 293 
TRP N   H    sing N N 294 
TRP N   H2   sing N N 295 
TRP CA  C    sing N N 296 
TRP CA  CB   sing N N 297 
TRP CA  HA   sing N N 298 
TRP C   O    doub N N 299 
TRP C   OXT  sing N N 300 
TRP CB  CG   sing N N 301 
TRP CB  HB2  sing N N 302 
TRP CB  HB3  sing N N 303 
TRP CG  CD1  doub Y N 304 
TRP CG  CD2  sing Y N 305 
TRP CD1 NE1  sing Y N 306 
TRP CD1 HD1  sing N N 307 
TRP CD2 CE2  doub Y N 308 
TRP CD2 CE3  sing Y N 309 
TRP NE1 CE2  sing Y N 310 
TRP NE1 HE1  sing N N 311 
TRP CE2 CZ2  sing Y N 312 
TRP CE3 CZ3  doub Y N 313 
TRP CE3 HE3  sing N N 314 
TRP CZ2 CH2  doub Y N 315 
TRP CZ2 HZ2  sing N N 316 
TRP CZ3 CH2  sing Y N 317 
TRP CZ3 HZ3  sing N N 318 
TRP CH2 HH2  sing N N 319 
TRP OXT HXT  sing N N 320 
TYR N   CA   sing N N 321 
TYR N   H    sing N N 322 
TYR N   H2   sing N N 323 
TYR CA  C    sing N N 324 
TYR CA  CB   sing N N 325 
TYR CA  HA   sing N N 326 
TYR C   O    doub N N 327 
TYR C   OXT  sing N N 328 
TYR CB  CG   sing N N 329 
TYR CB  HB2  sing N N 330 
TYR CB  HB3  sing N N 331 
TYR CG  CD1  doub Y N 332 
TYR CG  CD2  sing Y N 333 
TYR CD1 CE1  sing Y N 334 
TYR CD1 HD1  sing N N 335 
TYR CD2 CE2  doub Y N 336 
TYR CD2 HD2  sing N N 337 
TYR CE1 CZ   doub Y N 338 
TYR CE1 HE1  sing N N 339 
TYR CE2 CZ   sing Y N 340 
TYR CE2 HE2  sing N N 341 
TYR CZ  OH   sing N N 342 
TYR OH  HH   sing N N 343 
TYR OXT HXT  sing N N 344 
VAL N   CA   sing N N 345 
VAL N   H    sing N N 346 
VAL N   H2   sing N N 347 
VAL CA  C    sing N N 348 
VAL CA  CB   sing N N 349 
VAL CA  HA   sing N N 350 
VAL C   O    doub N N 351 
VAL C   OXT  sing N N 352 
VAL CB  CG1  sing N N 353 
VAL CB  CG2  sing N N 354 
VAL CB  HB   sing N N 355 
VAL CG1 HG11 sing N N 356 
VAL CG1 HG12 sing N N 357 
VAL CG1 HG13 sing N N 358 
VAL CG2 HG21 sing N N 359 
VAL CG2 HG22 sing N N 360 
VAL CG2 HG23 sing N N 361 
VAL OXT HXT  sing N N 362 
# 
_pdbx_entity_nonpoly.entity_id   3 
_pdbx_entity_nonpoly.name        water 
_pdbx_entity_nonpoly.comp_id     HOH 
# 
_pdbx_initial_refinement_model.id               1 
_pdbx_initial_refinement_model.entity_id_list   ? 
_pdbx_initial_refinement_model.type             'experimental model' 
_pdbx_initial_refinement_model.source_name      PDB 
_pdbx_initial_refinement_model.accession_code   1T3R 
_pdbx_initial_refinement_model.details          '1T3R - Crystal structure of HIV-1 protease complexed with the inhibitor TMC114' 
# 
